data_5LD5
#
_entry.id   5LD5
#
_cell.length_a   71.390
_cell.length_b   132.110
_cell.length_c   85.320
_cell.angle_alpha   90.00
_cell.angle_beta   104.88
_cell.angle_gamma   90.00
#
_symmetry.space_group_name_H-M   'P 1 21 1'
#
loop_
_entity.id
_entity.type
_entity.pdbx_description
1 polymer 'Glyceraldehyde-3-phosphate dehydrogenase'
2 non-polymer NICOTINAMIDE-ADENINE-DINUCLEOTIDE
3 non-polymer GLYCEROL
4 water water
#
_entity_poly.entity_id   1
_entity_poly.type   'polypeptide(L)'
_entity_poly.pdbx_seq_one_letter_code
;GAMKEDRLPANLAKGESMAVKVAINGFGRIGRLAFRQMFGHEGSEIVAINDLTDPKMLANLLKYDSSQGNYARNHSVVAG
EDSITVDGKTIKIYKEADAHNLPWGELNVDVVLECTGFYTSKAKAQAHIDAGAKKVVISAPAGKDLPTIVYNVNHEILTK
DDNIISAASCTTNCLAPMAKALNDFAPIQSGIMSTIHAFTGDQMVLDGPHRKGDLRRARAAAINIVPNSTGAAKAIGLVI
PELNGKLIGSAQRVPVPTGSTTLLFAVVKSDKEITVDSINAAMKAASDPETFGYNEDPIVSSDIIGMTYGSLFDATQTMV
QDLGNGLYQVEVVSWYDNENSYTSQMVRTIKYFEKFVA
;
_entity_poly.pdbx_strand_id   A,B,C,D
#
loop_
_chem_comp.id
_chem_comp.type
_chem_comp.name
_chem_comp.formula
GOL non-polymer GLYCEROL 'C3 H8 O3'
NAD non-polymer NICOTINAMIDE-ADENINE-DINUCLEOTIDE 'C21 H27 N7 O14 P2'
#
# COMPACT_ATOMS: atom_id res chain seq x y z
N SER A 17 -36.41 4.88 33.35
CA SER A 17 -35.56 5.32 34.45
C SER A 17 -34.27 5.94 33.92
N MET A 18 -33.30 6.09 34.81
CA MET A 18 -32.02 6.71 34.45
C MET A 18 -31.21 5.87 33.45
N ALA A 19 -30.58 6.53 32.48
CA ALA A 19 -29.77 5.83 31.49
C ALA A 19 -28.51 5.28 32.13
N VAL A 20 -28.01 4.15 31.65
CA VAL A 20 -26.81 3.57 32.26
C VAL A 20 -25.63 4.47 31.95
N LYS A 21 -24.89 4.85 32.99
CA LYS A 21 -23.77 5.77 32.82
C LYS A 21 -22.51 5.02 32.43
N VAL A 22 -21.95 5.40 31.29
CA VAL A 22 -20.87 4.65 30.66
C VAL A 22 -19.65 5.53 30.51
N ALA A 23 -18.49 5.00 30.88
CA ALA A 23 -17.24 5.70 30.68
C ALA A 23 -16.36 4.89 29.73
N ILE A 24 -15.59 5.56 28.89
CA ILE A 24 -14.67 4.87 28.00
C ILE A 24 -13.23 5.15 28.39
N ASN A 25 -12.48 4.10 28.71
CA ASN A 25 -11.08 4.28 29.04
C ASN A 25 -10.22 3.84 27.82
N GLY A 26 -9.60 4.81 27.17
CA GLY A 26 -8.85 4.53 25.95
C GLY A 26 -9.69 4.83 24.72
N PHE A 27 -9.45 5.97 24.13
CA PHE A 27 -10.23 6.43 22.99
C PHE A 27 -9.51 6.05 21.70
N GLY A 28 -9.23 4.75 21.54
CA GLY A 28 -8.49 4.22 20.41
C GLY A 28 -9.41 3.75 19.30
N ARG A 29 -8.90 2.86 18.44
CA ARG A 29 -9.74 2.31 17.37
C ARG A 29 -11.03 1.74 17.95
N ILE A 30 -10.89 0.86 18.95
CA ILE A 30 -12.07 0.22 19.52
C ILE A 30 -12.93 1.19 20.33
N GLY A 31 -12.31 2.00 21.20
CA GLY A 31 -13.05 2.98 21.97
C GLY A 31 -13.86 3.97 21.12
N ARG A 32 -13.27 4.45 20.03
CA ARG A 32 -13.98 5.41 19.17
C ARG A 32 -15.09 4.71 18.39
N LEU A 33 -14.83 3.50 17.91
CA LEU A 33 -15.87 2.76 17.19
C LEU A 33 -17.02 2.39 18.11
N ALA A 34 -16.70 2.06 19.37
CA ALA A 34 -17.71 1.75 20.37
C ALA A 34 -18.51 3.01 20.70
N PHE A 35 -17.84 4.15 20.83
CA PHE A 35 -18.53 5.43 21.03
C PHE A 35 -19.61 5.68 19.97
N ARG A 36 -19.28 5.47 18.72
CA ARG A 36 -20.21 5.66 17.64
C ARG A 36 -21.48 4.85 17.82
N GLN A 37 -21.35 3.63 18.32
CA GLN A 37 -22.49 2.77 18.54
C GLN A 37 -23.22 3.05 19.83
N MET A 38 -22.50 3.32 20.89
CA MET A 38 -23.08 3.59 22.17
C MET A 38 -23.76 4.95 22.20
N PHE A 39 -23.13 5.93 21.59
CA PHE A 39 -23.64 7.28 21.60
C PHE A 39 -25.07 7.40 21.12
N GLY A 40 -25.53 6.46 20.34
CA GLY A 40 -26.87 6.48 19.84
C GLY A 40 -27.79 5.62 20.68
N HIS A 41 -27.25 4.84 21.58
CA HIS A 41 -28.12 3.99 22.41
C HIS A 41 -28.80 4.80 23.50
N GLU A 42 -30.11 4.98 23.36
CA GLU A 42 -30.93 5.74 24.30
C GLU A 42 -30.86 5.18 25.72
N GLY A 43 -30.65 3.88 25.84
CA GLY A 43 -30.61 3.23 27.13
C GLY A 43 -29.27 3.44 27.80
N SER A 44 -28.42 4.27 27.18
CA SER A 44 -27.08 4.57 27.70
C SER A 44 -26.76 6.05 27.62
N GLU A 45 -25.77 6.47 28.42
CA GLU A 45 -25.29 7.82 28.41
C GLU A 45 -23.78 7.79 28.58
N ILE A 46 -23.05 8.27 27.58
CA ILE A 46 -21.61 8.33 27.69
C ILE A 46 -21.22 9.58 28.46
N VAL A 47 -20.72 9.38 29.68
CA VAL A 47 -20.48 10.47 30.62
C VAL A 47 -19.05 11.00 30.58
N ALA A 48 -18.09 10.11 30.33
CA ALA A 48 -16.68 10.47 30.39
C ALA A 48 -15.86 9.68 29.40
N ILE A 49 -14.74 10.26 28.98
CA ILE A 49 -13.75 9.57 28.18
C ILE A 49 -12.39 9.85 28.80
N ASN A 50 -11.55 8.83 28.97
CA ASN A 50 -10.20 9.06 29.49
C ASN A 50 -9.17 8.58 28.49
N ASP A 51 -8.13 9.38 28.27
CA ASP A 51 -7.03 8.98 27.41
C ASP A 51 -5.74 9.63 27.86
N LEU A 52 -4.78 9.73 26.97
CA LEU A 52 -3.50 10.32 27.31
C LEU A 52 -3.27 11.60 26.52
N THR A 53 -4.37 12.22 26.05
CA THR A 53 -4.25 13.40 25.19
C THR A 53 -5.31 14.47 25.50
N ASP A 54 -5.21 15.60 24.80
N ASP A 54 -5.23 15.60 24.81
CA ASP A 54 -6.07 16.77 24.99
CA ASP A 54 -6.12 16.73 25.04
C ASP A 54 -7.38 16.63 24.20
C ASP A 54 -7.37 16.65 24.18
N PRO A 55 -8.41 17.41 24.55
CA PRO A 55 -9.68 17.37 23.82
C PRO A 55 -9.54 17.62 22.31
N LYS A 56 -8.63 18.50 21.91
CA LYS A 56 -8.49 18.84 20.50
C LYS A 56 -8.05 17.61 19.69
N MET A 57 -7.11 16.84 20.21
CA MET A 57 -6.65 15.63 19.54
C MET A 57 -7.78 14.59 19.46
N LEU A 58 -8.53 14.43 20.54
CA LEU A 58 -9.59 13.43 20.61
C LEU A 58 -10.75 13.74 19.67
N ALA A 59 -11.11 15.02 19.61
CA ALA A 59 -12.20 15.48 18.76
C ALA A 59 -11.92 15.27 17.29
N ASN A 60 -10.67 15.51 16.88
CA ASN A 60 -10.30 15.28 15.48
C ASN A 60 -10.32 13.80 15.12
N LEU A 61 -9.84 12.93 16.01
CA LEU A 61 -9.83 11.49 15.76
C LEU A 61 -11.25 10.93 15.68
N LEU A 62 -12.18 11.49 16.45
CA LEU A 62 -13.59 11.09 16.35
C LEU A 62 -14.22 11.61 15.04
N LYS A 63 -13.87 12.82 14.62
CA LYS A 63 -14.45 13.35 13.39
C LYS A 63 -14.05 12.57 12.14
N TYR A 64 -12.75 12.28 12.01
CA TYR A 64 -12.21 11.73 10.78
C TYR A 64 -11.55 10.39 10.99
N ASP A 65 -11.89 9.42 10.15
CA ASP A 65 -11.34 8.09 10.26
C ASP A 65 -10.86 7.61 8.89
N SER A 66 -9.60 7.20 8.81
CA SER A 66 -9.05 6.77 7.52
C SER A 66 -9.71 5.50 6.96
N SER A 67 -10.26 4.62 7.81
CA SER A 67 -10.83 3.40 7.23
C SER A 67 -12.33 3.20 7.49
N GLN A 68 -12.87 3.86 8.50
CA GLN A 68 -14.25 3.62 8.91
C GLN A 68 -15.24 4.73 8.56
N GLY A 69 -14.80 5.70 7.77
CA GLY A 69 -15.72 6.71 7.28
C GLY A 69 -15.62 8.04 8.00
N ASN A 70 -16.13 9.07 7.35
CA ASN A 70 -16.09 10.46 7.83
C ASN A 70 -17.28 10.74 8.76
N TYR A 71 -17.02 10.73 10.05
CA TYR A 71 -18.08 10.83 11.07
C TYR A 71 -18.64 12.24 11.15
N ALA A 72 -17.79 13.24 10.94
CA ALA A 72 -18.23 14.63 10.96
C ALA A 72 -19.24 14.98 9.86
N ARG A 73 -19.39 14.14 8.84
CA ARG A 73 -20.33 14.51 7.78
C ARG A 73 -21.76 14.41 8.32
N ASN A 74 -21.96 13.64 9.40
CA ASN A 74 -23.29 13.43 9.97
C ASN A 74 -23.46 13.90 11.42
N HIS A 75 -22.39 14.36 12.05
CA HIS A 75 -22.45 14.79 13.45
C HIS A 75 -21.60 16.04 13.65
N SER A 76 -21.97 16.86 14.62
CA SER A 76 -21.16 18.02 14.95
C SER A 76 -20.29 17.66 16.14
N VAL A 77 -18.99 17.78 15.98
CA VAL A 77 -18.08 17.44 17.06
C VAL A 77 -17.26 18.67 17.38
N VAL A 78 -17.30 19.11 18.63
CA VAL A 78 -16.62 20.33 19.02
C VAL A 78 -15.84 20.17 20.32
N ALA A 79 -14.58 20.58 20.29
CA ALA A 79 -13.71 20.45 21.44
C ALA A 79 -13.71 21.70 22.34
N GLY A 80 -13.78 21.47 23.65
CA GLY A 80 -13.66 22.51 24.64
C GLY A 80 -12.35 22.33 25.38
N GLU A 81 -12.21 22.98 26.54
CA GLU A 81 -10.94 22.92 27.26
C GLU A 81 -10.76 21.58 27.99
N ASP A 82 -11.87 21.02 28.45
CA ASP A 82 -11.85 19.80 29.26
C ASP A 82 -12.95 18.85 28.84
N SER A 83 -13.49 19.07 27.64
CA SER A 83 -14.64 18.31 27.17
C SER A 83 -14.73 18.30 25.66
N ILE A 84 -15.62 17.46 25.16
CA ILE A 84 -16.07 17.53 23.78
C ILE A 84 -17.58 17.62 23.78
N THR A 85 -18.13 18.17 22.71
CA THR A 85 -19.56 18.24 22.55
C THR A 85 -19.92 17.55 21.26
N VAL A 86 -20.71 16.48 21.35
CA VAL A 86 -21.15 15.78 20.15
C VAL A 86 -22.67 15.90 20.00
N ASP A 87 -23.12 16.54 18.93
CA ASP A 87 -24.55 16.82 18.71
C ASP A 87 -25.21 17.53 19.89
N GLY A 88 -24.51 18.50 20.48
CA GLY A 88 -25.07 19.23 21.60
C GLY A 88 -24.79 18.64 22.98
N LYS A 89 -24.51 17.34 23.06
CA LYS A 89 -24.27 16.69 24.34
C LYS A 89 -22.82 16.81 24.80
N THR A 90 -22.60 17.31 26.00
CA THR A 90 -21.23 17.52 26.49
C THR A 90 -20.67 16.32 27.25
N ILE A 91 -19.46 15.91 26.88
CA ILE A 91 -18.81 14.76 27.49
C ILE A 91 -17.47 15.17 28.10
N LYS A 92 -17.26 14.83 29.36
CA LYS A 92 -16.03 15.20 30.06
C LYS A 92 -14.84 14.37 29.63
N ILE A 93 -13.67 15.00 29.59
CA ILE A 93 -12.46 14.32 29.16
C ILE A 93 -11.40 14.34 30.25
N TYR A 94 -10.81 13.18 30.51
CA TYR A 94 -9.76 13.06 31.51
C TYR A 94 -8.45 12.61 30.88
N LYS A 95 -7.36 12.91 31.55
CA LYS A 95 -6.04 12.52 31.08
C LYS A 95 -5.33 11.88 32.27
N GLU A 96 -5.74 10.66 32.63
CA GLU A 96 -5.18 10.01 33.80
C GLU A 96 -4.64 8.63 33.42
N ALA A 97 -3.32 8.49 33.40
CA ALA A 97 -2.70 7.22 33.01
C ALA A 97 -2.98 6.10 34.03
N ASP A 98 -3.25 6.49 35.28
CA ASP A 98 -3.60 5.51 36.33
C ASP A 98 -5.07 5.61 36.69
N ALA A 99 -5.79 4.51 36.51
CA ALA A 99 -7.23 4.49 36.67
C ALA A 99 -7.68 4.86 38.08
N HIS A 100 -6.80 4.69 39.07
CA HIS A 100 -7.15 4.98 40.46
C HIS A 100 -7.50 6.44 40.68
N ASN A 101 -6.94 7.29 39.83
CA ASN A 101 -7.16 8.74 39.92
C ASN A 101 -8.42 9.25 39.22
N LEU A 102 -9.17 8.37 38.59
CA LEU A 102 -10.36 8.80 37.87
C LEU A 102 -11.55 8.90 38.81
N PRO A 103 -12.37 9.95 38.64
CA PRO A 103 -13.51 10.23 39.51
C PRO A 103 -14.76 9.45 39.10
N TRP A 104 -14.64 8.14 38.92
CA TRP A 104 -15.76 7.32 38.45
C TRP A 104 -16.90 7.36 39.45
N GLY A 105 -16.54 7.34 40.73
CA GLY A 105 -17.51 7.32 41.82
C GLY A 105 -18.40 8.55 41.89
N GLU A 106 -17.81 9.75 41.86
CA GLU A 106 -18.62 10.96 41.96
C GLU A 106 -19.47 11.19 40.70
N LEU A 107 -19.03 10.64 39.56
CA LEU A 107 -19.81 10.73 38.31
C LEU A 107 -20.84 9.61 38.21
N ASN A 108 -20.86 8.73 39.19
CA ASN A 108 -21.78 7.58 39.24
C ASN A 108 -21.70 6.69 38.00
N VAL A 109 -20.49 6.34 37.59
CA VAL A 109 -20.31 5.51 36.41
C VAL A 109 -20.72 4.07 36.70
N ASP A 110 -21.56 3.53 35.82
CA ASP A 110 -22.04 2.16 35.96
C ASP A 110 -21.07 1.18 35.31
N VAL A 111 -20.80 1.39 34.02
CA VAL A 111 -19.92 0.52 33.27
C VAL A 111 -18.72 1.26 32.70
N VAL A 112 -17.54 0.69 32.88
CA VAL A 112 -16.36 1.22 32.21
C VAL A 112 -16.02 0.30 31.06
N LEU A 113 -15.92 0.88 29.86
CA LEU A 113 -15.40 0.19 28.69
C LEU A 113 -13.89 0.34 28.69
N GLU A 114 -13.19 -0.73 29.01
CA GLU A 114 -11.74 -0.67 29.15
C GLU A 114 -11.03 -1.03 27.83
N CYS A 115 -10.59 -0.02 27.09
CA CYS A 115 -10.06 -0.22 25.75
C CYS A 115 -8.66 0.34 25.54
N THR A 116 -7.85 0.39 26.60
CA THR A 116 -6.49 0.92 26.49
C THR A 116 -5.48 -0.14 26.07
N GLY A 117 -5.76 -1.39 26.41
CA GLY A 117 -4.81 -2.48 26.27
C GLY A 117 -3.83 -2.59 27.43
N PHE A 118 -4.04 -1.80 28.49
CA PHE A 118 -3.09 -1.76 29.60
C PHE A 118 -3.69 -2.24 30.91
N TYR A 119 -4.94 -2.69 30.85
CA TYR A 119 -5.61 -3.21 32.03
C TYR A 119 -6.16 -4.61 31.76
N THR A 120 -5.42 -5.42 31.04
CA THR A 120 -5.94 -6.70 30.57
C THR A 120 -5.74 -7.82 31.57
N SER A 121 -6.17 -7.58 32.80
CA SER A 121 -6.24 -8.64 33.78
C SER A 121 -7.26 -8.20 34.81
N LYS A 122 -7.84 -9.18 35.47
CA LYS A 122 -8.87 -8.94 36.46
C LYS A 122 -8.33 -8.01 37.53
N ALA A 123 -7.05 -8.21 37.87
CA ALA A 123 -6.40 -7.44 38.91
C ALA A 123 -6.13 -5.98 38.49
N LYS A 124 -5.70 -5.78 37.25
CA LYS A 124 -5.46 -4.42 36.77
C LYS A 124 -6.79 -3.67 36.61
N ALA A 125 -7.80 -4.36 36.09
CA ALA A 125 -9.10 -3.73 35.81
C ALA A 125 -9.85 -3.37 37.08
N GLN A 126 -9.48 -4.02 38.19
CA GLN A 126 -10.11 -3.77 39.47
C GLN A 126 -9.93 -2.31 39.91
N ALA A 127 -8.90 -1.67 39.38
CA ALA A 127 -8.65 -0.27 39.69
C ALA A 127 -9.87 0.61 39.38
N HIS A 128 -10.57 0.29 38.28
CA HIS A 128 -11.77 1.05 37.92
C HIS A 128 -12.86 0.88 38.96
N ILE A 129 -12.97 -0.33 39.50
CA ILE A 129 -13.99 -0.60 40.51
C ILE A 129 -13.68 0.14 41.81
N ASP A 130 -12.41 0.13 42.18
CA ASP A 130 -11.91 0.87 43.34
C ASP A 130 -12.19 2.35 43.18
N ALA A 131 -12.14 2.85 41.94
CA ALA A 131 -12.39 4.26 41.68
C ALA A 131 -13.87 4.60 41.80
N GLY A 132 -14.73 3.59 41.85
CA GLY A 132 -16.14 3.81 42.10
C GLY A 132 -17.08 3.38 41.00
N ALA A 133 -16.53 2.74 39.97
CA ALA A 133 -17.34 2.21 38.89
C ALA A 133 -17.94 0.90 39.36
N LYS A 134 -19.08 0.50 38.79
CA LYS A 134 -19.72 -0.73 39.21
C LYS A 134 -19.32 -1.96 38.36
N LYS A 135 -19.11 -1.77 37.07
CA LYS A 135 -18.80 -2.88 36.18
C LYS A 135 -17.75 -2.48 35.15
N VAL A 136 -16.97 -3.45 34.69
CA VAL A 136 -15.95 -3.22 33.68
C VAL A 136 -16.00 -4.28 32.58
N VAL A 137 -15.96 -3.83 31.32
CA VAL A 137 -15.88 -4.71 30.16
C VAL A 137 -14.55 -4.46 29.43
N ILE A 138 -13.66 -5.45 29.46
CA ILE A 138 -12.34 -5.29 28.86
C ILE A 138 -12.37 -5.72 27.38
N SER A 139 -11.89 -4.85 26.51
CA SER A 139 -11.96 -5.09 25.06
C SER A 139 -10.80 -5.97 24.57
N ALA A 140 -10.49 -7.02 25.33
CA ALA A 140 -9.40 -7.93 24.98
C ALA A 140 -9.44 -9.14 25.88
N PRO A 141 -8.69 -10.18 25.51
CA PRO A 141 -8.50 -11.31 26.42
C PRO A 141 -7.83 -10.80 27.69
N ALA A 142 -8.21 -11.33 28.84
CA ALA A 142 -7.70 -10.80 30.08
C ALA A 142 -7.54 -11.86 31.16
N GLY A 143 -7.21 -13.09 30.76
CA GLY A 143 -6.94 -14.15 31.74
C GLY A 143 -7.91 -15.32 31.66
N LYS A 144 -7.73 -16.30 32.55
CA LYS A 144 -8.59 -17.50 32.56
C LYS A 144 -9.60 -17.47 33.69
N ASP A 145 -9.49 -16.44 34.53
CA ASP A 145 -10.20 -16.32 35.81
C ASP A 145 -11.39 -15.36 35.80
N LEU A 146 -11.74 -14.86 34.62
CA LEU A 146 -12.93 -14.00 34.48
C LEU A 146 -13.74 -14.45 33.29
N PRO A 147 -15.03 -14.12 33.28
CA PRO A 147 -15.92 -14.42 32.14
C PRO A 147 -15.44 -13.83 30.82
N THR A 148 -15.30 -14.67 29.80
CA THR A 148 -14.87 -14.25 28.48
C THR A 148 -16.02 -14.49 27.52
N ILE A 149 -16.55 -13.40 26.96
CA ILE A 149 -17.85 -13.44 26.30
C ILE A 149 -17.80 -13.20 24.80
N VAL A 150 -18.37 -14.14 24.04
CA VAL A 150 -18.65 -13.92 22.63
C VAL A 150 -20.15 -13.89 22.50
N TYR A 151 -20.70 -12.75 22.14
CA TYR A 151 -22.14 -12.60 22.07
C TYR A 151 -22.78 -13.62 21.14
N ASN A 152 -23.91 -14.15 21.57
CA ASN A 152 -24.62 -15.21 20.84
C ASN A 152 -23.81 -16.48 20.70
N VAL A 153 -22.86 -16.66 21.61
CA VAL A 153 -22.21 -17.94 21.74
C VAL A 153 -22.24 -18.37 23.20
N ASN A 154 -21.92 -17.46 24.11
CA ASN A 154 -21.99 -17.81 25.54
C ASN A 154 -22.33 -16.65 26.47
N HIS A 155 -22.95 -15.59 25.95
CA HIS A 155 -23.15 -14.39 26.75
C HIS A 155 -24.15 -14.64 27.88
N GLU A 156 -24.91 -15.73 27.78
CA GLU A 156 -25.93 -15.99 28.77
C GLU A 156 -25.39 -16.57 30.09
N ILE A 157 -24.10 -16.87 30.15
CA ILE A 157 -23.49 -17.30 31.42
C ILE A 157 -23.27 -16.13 32.38
N LEU A 158 -23.43 -14.91 31.88
CA LEU A 158 -23.26 -13.72 32.70
C LEU A 158 -24.26 -13.65 33.86
N THR A 159 -23.78 -13.30 35.05
CA THR A 159 -24.65 -13.13 36.20
C THR A 159 -24.40 -11.79 36.88
N LYS A 160 -25.28 -11.42 37.82
CA LYS A 160 -25.14 -10.16 38.53
C LYS A 160 -23.85 -10.13 39.34
N ASP A 161 -23.33 -11.32 39.65
CA ASP A 161 -22.12 -11.42 40.46
C ASP A 161 -20.83 -11.22 39.65
N ASP A 162 -20.97 -10.93 38.36
CA ASP A 162 -19.81 -10.70 37.51
C ASP A 162 -19.58 -9.20 37.38
N ASN A 163 -18.49 -8.71 37.94
CA ASN A 163 -18.20 -7.27 37.94
C ASN A 163 -17.19 -6.88 36.86
N ILE A 164 -16.34 -7.83 36.48
CA ILE A 164 -15.32 -7.58 35.47
C ILE A 164 -15.36 -8.69 34.43
N ILE A 165 -15.59 -8.33 33.18
CA ILE A 165 -15.62 -9.35 32.13
C ILE A 165 -14.77 -8.97 30.93
N SER A 166 -14.42 -9.99 30.16
CA SER A 166 -13.68 -9.83 28.92
C SER A 166 -14.60 -10.08 27.73
N ALA A 167 -14.46 -9.27 26.68
CA ALA A 167 -15.21 -9.47 25.44
C ALA A 167 -14.36 -10.23 24.43
N ALA A 168 -13.31 -10.89 24.94
CA ALA A 168 -12.43 -11.73 24.12
C ALA A 168 -11.68 -10.91 23.08
N SER A 169 -11.26 -11.57 22.01
CA SER A 169 -10.50 -10.90 20.97
C SER A 169 -11.29 -10.95 19.67
N CYS A 170 -10.88 -10.14 18.69
CA CYS A 170 -11.55 -10.12 17.39
C CYS A 170 -11.52 -11.50 16.73
N THR A 171 -10.36 -12.16 16.76
CA THR A 171 -10.24 -13.46 16.12
C THR A 171 -11.13 -14.50 16.81
N THR A 172 -11.24 -14.42 18.12
CA THR A 172 -12.14 -15.31 18.88
C THR A 172 -13.60 -15.15 18.51
N ASN A 173 -14.01 -13.91 18.26
CA ASN A 173 -15.38 -13.60 17.90
C ASN A 173 -15.69 -14.07 16.47
N CYS A 174 -14.65 -14.29 15.68
CA CYS A 174 -14.85 -14.82 14.33
C CYS A 174 -14.82 -16.34 14.35
N LEU A 175 -13.86 -16.89 15.07
CA LEU A 175 -13.68 -18.32 15.16
C LEU A 175 -14.79 -19.06 15.91
N ALA A 176 -15.22 -18.53 17.05
CA ALA A 176 -16.13 -19.23 17.95
C ALA A 176 -17.44 -19.69 17.30
N PRO A 177 -18.17 -18.78 16.64
CA PRO A 177 -19.43 -19.20 16.00
C PRO A 177 -19.21 -20.29 14.93
N MET A 178 -18.14 -20.15 14.15
CA MET A 178 -17.88 -21.08 13.07
C MET A 178 -17.45 -22.47 13.59
N ALA A 179 -16.57 -22.49 14.58
CA ALA A 179 -16.06 -23.74 15.17
C ALA A 179 -17.18 -24.48 15.88
N LYS A 180 -18.03 -23.73 16.56
CA LYS A 180 -19.15 -24.30 17.28
C LYS A 180 -20.12 -24.99 16.32
N ALA A 181 -20.45 -24.33 15.23
CA ALA A 181 -21.38 -24.90 14.26
C ALA A 181 -20.78 -26.12 13.61
N LEU A 182 -19.48 -26.04 13.30
CA LEU A 182 -18.79 -27.18 12.72
C LEU A 182 -18.78 -28.34 13.72
N ASN A 183 -18.41 -28.03 14.95
CA ASN A 183 -18.31 -29.07 15.96
C ASN A 183 -19.68 -29.68 16.25
N ASP A 184 -20.70 -28.83 16.33
CA ASP A 184 -22.05 -29.35 16.54
C ASP A 184 -22.48 -30.26 15.39
N PHE A 185 -22.01 -29.98 14.18
CA PHE A 185 -22.41 -30.79 13.03
C PHE A 185 -21.58 -32.08 12.91
N ALA A 186 -20.27 -31.94 13.04
CA ALA A 186 -19.36 -33.07 12.98
C ALA A 186 -18.21 -32.82 13.92
N PRO A 187 -18.22 -33.53 15.06
CA PRO A 187 -17.28 -33.33 16.16
C PRO A 187 -15.81 -33.15 15.74
N ILE A 188 -15.17 -32.11 16.25
CA ILE A 188 -13.76 -31.83 15.97
C ILE A 188 -12.80 -32.67 16.80
N GLN A 189 -11.85 -33.33 16.13
CA GLN A 189 -10.81 -34.10 16.80
C GLN A 189 -9.63 -33.19 17.15
N SER A 190 -9.25 -32.36 16.18
CA SER A 190 -8.26 -31.31 16.38
C SER A 190 -8.32 -30.33 15.22
N GLY A 191 -7.73 -29.16 15.40
CA GLY A 191 -7.78 -28.17 14.36
C GLY A 191 -6.61 -27.23 14.47
N ILE A 192 -6.18 -26.70 13.34
CA ILE A 192 -5.17 -25.67 13.30
C ILE A 192 -5.73 -24.47 12.56
N MET A 193 -5.62 -23.31 13.19
CA MET A 193 -6.20 -22.09 12.67
C MET A 193 -5.10 -21.20 12.07
N SER A 194 -5.38 -20.56 10.95
CA SER A 194 -4.51 -19.52 10.44
C SER A 194 -5.37 -18.30 10.16
N THR A 195 -5.01 -17.16 10.72
CA THR A 195 -5.77 -15.96 10.40
C THR A 195 -4.89 -15.01 9.58
N ILE A 196 -5.40 -14.60 8.42
CA ILE A 196 -4.78 -13.58 7.60
C ILE A 196 -5.37 -12.23 8.05
N HIS A 197 -4.53 -11.44 8.70
CA HIS A 197 -5.01 -10.38 9.57
C HIS A 197 -4.50 -9.01 9.14
N ALA A 198 -5.37 -8.02 9.22
CA ALA A 198 -4.99 -6.64 8.95
C ALA A 198 -3.91 -6.18 9.91
N PHE A 199 -3.02 -5.29 9.48
CA PHE A 199 -2.03 -4.78 10.42
C PHE A 199 -2.74 -3.93 11.45
N THR A 200 -2.13 -3.80 12.63
CA THR A 200 -2.73 -3.04 13.72
C THR A 200 -1.70 -2.12 14.39
N GLY A 201 -2.14 -1.39 15.41
CA GLY A 201 -1.30 -0.37 16.01
C GLY A 201 -0.10 -0.87 16.78
N ASP A 202 -0.06 -2.18 17.04
CA ASP A 202 1.05 -2.75 17.80
C ASP A 202 2.20 -3.22 16.89
N GLN A 203 2.10 -2.90 15.60
CA GLN A 203 3.22 -3.06 14.68
C GLN A 203 3.80 -1.67 14.38
N MET A 204 5.03 -1.62 13.88
CA MET A 204 5.75 -0.38 13.61
C MET A 204 5.44 0.14 12.22
N VAL A 205 5.47 1.45 12.03
CA VAL A 205 5.25 2.00 10.70
C VAL A 205 6.41 1.68 9.73
N LEU A 206 7.65 1.74 10.22
CA LEU A 206 8.85 1.33 9.49
C LEU A 206 9.71 0.50 10.43
N ASP A 207 10.64 -0.30 9.88
CA ASP A 207 11.50 -1.17 10.69
C ASP A 207 12.10 -0.41 11.87
N GLY A 208 11.85 -0.87 13.09
CA GLY A 208 12.38 -0.18 14.26
C GLY A 208 12.19 -0.97 15.54
N PRO A 209 12.82 -0.53 16.64
CA PRO A 209 12.76 -1.33 17.86
C PRO A 209 11.36 -1.42 18.44
N HIS A 210 10.83 -2.63 18.59
CA HIS A 210 9.50 -2.83 19.16
C HIS A 210 9.63 -2.86 20.68
N ARG A 211 8.77 -2.13 21.39
CA ARG A 211 8.90 -1.97 22.85
C ARG A 211 8.81 -3.27 23.63
N LYS A 212 8.13 -4.24 23.06
CA LYS A 212 7.91 -5.50 23.73
C LYS A 212 8.88 -6.58 23.26
N GLY A 213 9.86 -6.23 22.44
CA GLY A 213 10.87 -7.20 22.01
C GLY A 213 10.45 -8.21 20.94
N ASP A 214 9.29 -7.99 20.32
CA ASP A 214 8.82 -8.86 19.26
C ASP A 214 9.55 -8.50 17.93
N LEU A 215 10.41 -9.39 17.47
CA LEU A 215 11.28 -9.08 16.35
C LEU A 215 10.51 -8.96 15.03
N ARG A 216 9.29 -9.48 15.00
CA ARG A 216 8.48 -9.43 13.79
C ARG A 216 7.51 -8.25 13.77
N ARG A 217 6.95 -7.90 14.91
CA ARG A 217 6.08 -6.73 15.00
C ARG A 217 6.93 -5.44 14.92
N ALA A 218 8.25 -5.63 14.94
CA ALA A 218 9.21 -4.54 14.79
C ALA A 218 9.37 -4.10 13.33
N ARG A 219 8.87 -4.90 12.41
CA ARG A 219 9.03 -4.65 10.98
C ARG A 219 7.90 -3.78 10.40
N ALA A 220 8.20 -3.08 9.31
CA ALA A 220 7.24 -2.15 8.72
C ALA A 220 5.94 -2.89 8.39
N ALA A 221 4.81 -2.36 8.86
CA ALA A 221 3.54 -3.08 8.76
C ALA A 221 2.99 -3.11 7.35
N ALA A 222 3.11 -2.00 6.64
CA ALA A 222 2.38 -1.81 5.38
C ALA A 222 3.09 -2.37 4.14
N ILE A 223 4.27 -2.96 4.30
CA ILE A 223 4.96 -3.51 3.15
C ILE A 223 5.46 -4.95 3.36
N ASN A 224 4.86 -5.65 4.35
CA ASN A 224 5.27 -7.01 4.70
C ASN A 224 4.10 -7.95 4.99
N ILE A 225 4.26 -9.20 4.57
CA ILE A 225 3.54 -10.31 5.19
C ILE A 225 4.31 -10.70 6.46
N VAL A 226 3.67 -10.59 7.61
CA VAL A 226 4.34 -10.76 8.91
C VAL A 226 3.73 -11.88 9.80
N PRO A 227 4.43 -13.00 9.94
CA PRO A 227 3.92 -14.06 10.85
C PRO A 227 3.83 -13.51 12.28
N ASN A 228 2.80 -13.90 13.02
CA ASN A 228 2.66 -13.50 14.41
C ASN A 228 1.91 -14.56 15.18
N SER A 229 2.12 -14.62 16.48
CA SER A 229 1.43 -15.60 17.29
C SER A 229 0.06 -15.02 17.67
N THR A 230 -0.88 -15.91 18.00
CA THR A 230 -2.18 -15.54 18.53
C THR A 230 -2.64 -16.62 19.50
N GLY A 231 -3.33 -16.23 20.57
CA GLY A 231 -3.78 -17.18 21.56
C GLY A 231 -5.24 -17.54 21.37
N ALA A 232 -5.86 -17.01 20.31
CA ALA A 232 -7.29 -17.22 20.11
C ALA A 232 -7.68 -18.71 20.05
N ALA A 233 -6.94 -19.51 19.30
CA ALA A 233 -7.32 -20.91 19.10
C ALA A 233 -7.04 -21.66 20.39
N LYS A 234 -5.88 -21.37 20.97
CA LYS A 234 -5.36 -21.98 22.18
C LYS A 234 -6.30 -21.82 23.37
N ALA A 235 -7.00 -20.69 23.45
CA ALA A 235 -7.87 -20.39 24.60
C ALA A 235 -9.36 -20.42 24.29
N ILE A 236 -9.75 -21.08 23.21
CA ILE A 236 -11.15 -21.10 22.81
C ILE A 236 -12.01 -21.80 23.88
N GLY A 237 -11.35 -22.58 24.73
CA GLY A 237 -12.02 -23.32 25.78
C GLY A 237 -12.80 -22.46 26.76
N LEU A 238 -12.39 -21.20 26.88
CA LEU A 238 -13.07 -20.26 27.77
C LEU A 238 -14.48 -19.92 27.27
N VAL A 239 -14.67 -20.02 25.96
CA VAL A 239 -15.91 -19.65 25.30
C VAL A 239 -16.72 -20.89 24.89
N ILE A 240 -16.02 -21.89 24.37
CA ILE A 240 -16.63 -23.14 23.97
C ILE A 240 -15.95 -24.28 24.74
N PRO A 241 -16.41 -24.56 25.95
CA PRO A 241 -15.70 -25.53 26.80
C PRO A 241 -15.47 -26.90 26.14
N GLU A 242 -16.39 -27.37 25.29
CA GLU A 242 -16.17 -28.64 24.61
C GLU A 242 -15.01 -28.64 23.59
N LEU A 243 -14.52 -27.47 23.16
CA LEU A 243 -13.35 -27.44 22.26
C LEU A 243 -12.01 -27.20 22.96
N ASN A 244 -12.07 -27.06 24.27
CA ASN A 244 -10.88 -26.85 25.08
C ASN A 244 -9.73 -27.79 24.75
N GLY A 245 -8.59 -27.24 24.37
CA GLY A 245 -7.40 -28.03 24.13
C GLY A 245 -7.33 -28.70 22.76
N LYS A 246 -8.31 -28.44 21.90
CA LYS A 246 -8.35 -29.12 20.61
C LYS A 246 -7.78 -28.28 19.46
N LEU A 247 -7.66 -26.96 19.67
CA LEU A 247 -7.21 -26.06 18.61
C LEU A 247 -5.89 -25.32 18.92
N ILE A 248 -5.05 -25.22 17.90
CA ILE A 248 -3.91 -24.33 17.95
C ILE A 248 -3.90 -23.45 16.70
N GLY A 249 -3.03 -22.45 16.67
CA GLY A 249 -3.03 -21.55 15.53
C GLY A 249 -2.07 -20.39 15.62
N SER A 250 -2.03 -19.60 14.54
CA SER A 250 -1.18 -18.42 14.46
C SER A 250 -1.71 -17.50 13.38
N ALA A 251 -1.03 -16.39 13.14
CA ALA A 251 -1.54 -15.36 12.25
C ALA A 251 -0.51 -14.91 11.20
N GLN A 252 -1.01 -14.34 10.12
CA GLN A 252 -0.15 -13.61 9.20
C GLN A 252 -0.74 -12.21 9.10
N ARG A 253 0.01 -11.21 9.55
CA ARG A 253 -0.38 -9.81 9.38
C ARG A 253 -0.01 -9.35 7.95
N VAL A 254 -0.98 -8.75 7.24
CA VAL A 254 -0.72 -8.30 5.86
C VAL A 254 -1.12 -6.81 5.71
N PRO A 255 -0.65 -6.14 4.64
CA PRO A 255 -0.89 -4.68 4.50
C PRO A 255 -2.29 -4.22 4.05
N VAL A 256 -3.34 -4.55 4.78
CA VAL A 256 -4.63 -3.86 4.62
C VAL A 256 -4.91 -3.25 5.99
N PRO A 257 -5.48 -2.03 6.03
CA PRO A 257 -5.64 -1.32 7.31
C PRO A 257 -6.72 -1.91 8.22
N THR A 258 -7.64 -2.65 7.65
CA THR A 258 -8.66 -3.30 8.45
C THR A 258 -9.31 -4.34 7.56
N GLY A 259 -9.86 -5.39 8.16
CA GLY A 259 -10.48 -6.47 7.41
C GLY A 259 -9.60 -7.69 7.46
N SER A 260 -10.16 -8.78 7.96
CA SER A 260 -9.41 -9.99 8.22
C SER A 260 -10.19 -11.26 7.89
N THR A 261 -9.48 -12.38 7.79
CA THR A 261 -10.14 -13.63 7.51
C THR A 261 -9.52 -14.77 8.34
N THR A 262 -10.33 -15.69 8.80
CA THR A 262 -9.86 -16.80 9.58
C THR A 262 -10.03 -18.13 8.88
N LEU A 263 -8.97 -18.89 8.75
CA LEU A 263 -9.03 -20.18 8.12
C LEU A 263 -8.84 -21.28 9.15
N LEU A 264 -9.81 -22.16 9.29
CA LEU A 264 -9.72 -23.27 10.23
C LEU A 264 -9.56 -24.59 9.49
N PHE A 265 -8.45 -25.28 9.75
CA PHE A 265 -8.19 -26.59 9.18
C PHE A 265 -8.43 -27.65 10.25
N ALA A 266 -9.59 -28.29 10.18
CA ALA A 266 -9.99 -29.19 11.24
C ALA A 266 -10.11 -30.62 10.73
N VAL A 267 -9.72 -31.55 11.59
CA VAL A 267 -10.02 -32.96 11.36
C VAL A 267 -11.27 -33.29 12.18
N VAL A 268 -12.31 -33.71 11.48
CA VAL A 268 -13.58 -34.04 12.12
C VAL A 268 -13.90 -35.51 11.89
N LYS A 269 -14.66 -36.08 12.81
CA LYS A 269 -15.05 -37.48 12.76
C LYS A 269 -16.56 -37.55 12.68
N SER A 270 -17.10 -38.29 11.71
CA SER A 270 -18.56 -38.40 11.59
C SER A 270 -19.00 -39.58 10.74
N ASP A 271 -20.19 -40.09 11.03
CA ASP A 271 -20.78 -41.18 10.26
C ASP A 271 -21.68 -40.59 9.17
N LYS A 272 -21.97 -39.31 9.29
CA LYS A 272 -22.82 -38.63 8.33
C LYS A 272 -22.11 -38.41 7.00
N GLU A 273 -22.86 -37.91 6.01
CA GLU A 273 -22.28 -37.48 4.76
C GLU A 273 -21.62 -36.13 4.96
N ILE A 274 -20.29 -36.11 4.96
CA ILE A 274 -19.51 -34.88 5.07
C ILE A 274 -19.01 -34.46 3.68
N THR A 275 -19.62 -33.41 3.15
CA THR A 275 -19.27 -32.87 1.84
C THR A 275 -19.20 -31.33 1.92
N VAL A 276 -18.65 -30.68 0.90
CA VAL A 276 -18.64 -29.22 0.88
C VAL A 276 -20.05 -28.65 1.03
N ASP A 277 -21.03 -29.29 0.38
CA ASP A 277 -22.42 -28.86 0.43
C ASP A 277 -23.09 -29.13 1.79
N SER A 278 -22.82 -30.29 2.39
CA SER A 278 -23.45 -30.60 3.67
C SER A 278 -22.82 -29.71 4.74
N ILE A 279 -21.52 -29.47 4.67
CA ILE A 279 -20.89 -28.48 5.55
C ILE A 279 -21.47 -27.08 5.39
N ASN A 280 -21.62 -26.60 4.15
CA ASN A 280 -22.10 -25.24 3.95
C ASN A 280 -23.54 -25.14 4.44
N ALA A 281 -24.34 -26.17 4.21
CA ALA A 281 -25.75 -26.16 4.62
C ALA A 281 -25.89 -26.13 6.14
N ALA A 282 -25.00 -26.83 6.83
CA ALA A 282 -24.93 -26.77 8.29
C ALA A 282 -24.57 -25.36 8.78
N MET A 283 -23.60 -24.73 8.11
CA MET A 283 -23.20 -23.38 8.50
C MET A 283 -24.35 -22.41 8.32
N LYS A 284 -25.08 -22.53 7.21
CA LYS A 284 -26.24 -21.68 6.95
C LYS A 284 -27.34 -21.85 7.97
N ALA A 285 -27.56 -23.10 8.39
CA ALA A 285 -28.58 -23.40 9.40
C ALA A 285 -28.22 -22.72 10.73
N ALA A 286 -26.93 -22.56 10.99
CA ALA A 286 -26.48 -21.94 12.23
C ALA A 286 -26.39 -20.41 12.17
N SER A 287 -26.65 -19.83 11.00
CA SER A 287 -26.48 -18.38 10.90
C SER A 287 -27.60 -17.64 11.62
N ASP A 288 -27.37 -16.38 11.93
CA ASP A 288 -28.40 -15.58 12.57
C ASP A 288 -28.26 -14.14 12.09
N PRO A 289 -29.29 -13.33 12.30
CA PRO A 289 -29.27 -11.99 11.72
C PRO A 289 -28.25 -11.03 12.35
N GLU A 290 -27.72 -11.33 13.53
CA GLU A 290 -26.84 -10.38 14.22
C GLU A 290 -25.35 -10.75 14.20
N THR A 291 -25.03 -11.98 14.57
CA THR A 291 -23.65 -12.36 14.86
C THR A 291 -22.95 -13.15 13.75
N PHE A 292 -23.62 -14.20 13.27
CA PHE A 292 -23.00 -15.16 12.38
C PHE A 292 -23.74 -15.15 11.05
N GLY A 293 -23.15 -14.52 10.04
CA GLY A 293 -23.78 -14.43 8.73
C GLY A 293 -23.22 -15.46 7.78
N TYR A 294 -23.93 -15.66 6.68
CA TYR A 294 -23.60 -16.66 5.67
C TYR A 294 -23.43 -15.96 4.32
N ASN A 295 -22.28 -16.17 3.65
CA ASN A 295 -22.02 -15.55 2.35
C ASN A 295 -21.77 -16.52 1.20
N GLU A 296 -22.30 -16.21 0.03
CA GLU A 296 -21.99 -16.97 -1.18
C GLU A 296 -21.56 -16.09 -2.36
N ASP A 297 -21.34 -14.80 -2.13
CA ASP A 297 -20.82 -13.95 -3.20
C ASP A 297 -19.28 -13.91 -3.19
N PRO A 298 -18.66 -13.58 -4.32
CA PRO A 298 -17.19 -13.52 -4.38
C PRO A 298 -16.60 -12.24 -3.78
N ILE A 299 -16.78 -12.02 -2.48
CA ILE A 299 -16.32 -10.81 -1.85
C ILE A 299 -14.82 -10.87 -1.56
N VAL A 300 -14.25 -9.71 -1.26
CA VAL A 300 -12.84 -9.60 -0.88
C VAL A 300 -12.86 -8.75 0.38
N SER A 301 -11.70 -8.48 0.99
CA SER A 301 -11.72 -7.90 2.33
C SER A 301 -12.41 -6.52 2.44
N SER A 302 -12.29 -5.65 1.43
CA SER A 302 -12.85 -4.30 1.56
C SER A 302 -14.38 -4.29 1.65
N ASP A 303 -15.00 -5.35 1.15
CA ASP A 303 -16.45 -5.47 1.20
C ASP A 303 -17.01 -5.65 2.64
N ILE A 304 -16.17 -6.07 3.57
CA ILE A 304 -16.69 -6.34 4.91
C ILE A 304 -16.31 -5.24 5.90
N ILE A 305 -15.66 -4.20 5.40
CA ILE A 305 -15.31 -3.08 6.23
C ILE A 305 -16.58 -2.39 6.74
N GLY A 306 -16.66 -2.21 8.05
CA GLY A 306 -17.82 -1.55 8.64
C GLY A 306 -19.05 -2.43 8.86
N MET A 307 -18.96 -3.72 8.53
CA MET A 307 -20.10 -4.61 8.74
C MET A 307 -20.29 -4.89 10.25
N THR A 308 -21.46 -5.39 10.63
CA THR A 308 -21.77 -5.54 12.04
C THR A 308 -21.88 -7.00 12.49
N TYR A 309 -21.82 -7.95 11.55
CA TYR A 309 -21.66 -9.35 11.92
C TYR A 309 -20.35 -9.54 12.70
N GLY A 310 -20.33 -10.42 13.68
CA GLY A 310 -19.08 -10.72 14.33
C GLY A 310 -18.27 -11.64 13.46
N SER A 311 -18.96 -12.39 12.60
CA SER A 311 -18.36 -13.44 11.79
C SER A 311 -19.22 -13.67 10.53
N LEU A 312 -18.57 -13.77 9.38
CA LEU A 312 -19.25 -13.92 8.10
C LEU A 312 -18.66 -15.13 7.38
N PHE A 313 -19.37 -16.24 7.42
CA PHE A 313 -18.90 -17.47 6.82
C PHE A 313 -18.83 -17.37 5.31
N ASP A 314 -17.71 -17.81 4.73
CA ASP A 314 -17.58 -17.76 3.27
C ASP A 314 -17.71 -19.14 2.65
N ALA A 315 -18.93 -19.46 2.21
CA ALA A 315 -19.24 -20.78 1.65
C ALA A 315 -18.46 -21.07 0.38
N THR A 316 -17.98 -20.01 -0.29
CA THR A 316 -17.26 -20.19 -1.55
C THR A 316 -15.88 -20.81 -1.32
N GLN A 317 -15.41 -20.86 -0.07
CA GLN A 317 -14.06 -21.37 0.18
C GLN A 317 -13.97 -22.70 0.93
N THR A 318 -15.10 -23.33 1.20
N THR A 318 -15.09 -23.33 1.22
CA THR A 318 -15.14 -24.60 1.93
CA THR A 318 -15.05 -24.58 1.99
C THR A 318 -14.45 -25.75 1.18
C THR A 318 -14.44 -25.73 1.20
N MET A 319 -13.60 -26.50 1.88
CA MET A 319 -12.93 -27.66 1.30
C MET A 319 -13.03 -28.86 2.23
N VAL A 320 -13.11 -30.05 1.64
CA VAL A 320 -13.27 -31.28 2.38
C VAL A 320 -12.44 -32.38 1.74
N GLN A 321 -11.70 -33.12 2.56
CA GLN A 321 -10.98 -34.31 2.10
CA GLN A 321 -11.08 -34.34 2.04
C GLN A 321 -11.37 -35.50 2.96
N ASP A 322 -11.74 -36.61 2.33
CA ASP A 322 -12.12 -37.85 3.00
C ASP A 322 -10.88 -38.66 3.36
N LEU A 323 -10.69 -38.96 4.65
CA LEU A 323 -9.53 -39.73 5.11
C LEU A 323 -9.84 -41.21 5.34
N GLY A 324 -11.12 -41.57 5.24
CA GLY A 324 -11.55 -42.94 5.48
C GLY A 324 -11.84 -43.19 6.95
N ASN A 325 -12.77 -44.10 7.20
CA ASN A 325 -13.12 -44.52 8.55
C ASN A 325 -13.77 -43.42 9.36
N GLY A 326 -14.56 -42.58 8.70
CA GLY A 326 -15.29 -41.50 9.35
C GLY A 326 -14.46 -40.24 9.62
N LEU A 327 -13.21 -40.23 9.16
CA LEU A 327 -12.38 -39.06 9.35
C LEU A 327 -12.33 -38.20 8.09
N TYR A 328 -12.38 -36.88 8.30
CA TYR A 328 -12.29 -35.90 7.22
C TYR A 328 -11.41 -34.74 7.65
N GLN A 329 -10.60 -34.21 6.74
CA GLN A 329 -9.93 -32.94 6.98
C GLN A 329 -10.68 -31.86 6.20
N VAL A 330 -11.03 -30.80 6.89
CA VAL A 330 -11.96 -29.81 6.37
C VAL A 330 -11.37 -28.41 6.51
N GLU A 331 -11.61 -27.55 5.52
CA GLU A 331 -11.26 -26.13 5.64
C GLU A 331 -12.52 -25.25 5.61
N VAL A 332 -12.71 -24.47 6.67
CA VAL A 332 -13.80 -23.50 6.68
C VAL A 332 -13.25 -22.10 6.95
N VAL A 333 -13.86 -21.13 6.30
CA VAL A 333 -13.30 -19.80 6.27
C VAL A 333 -14.36 -18.77 6.67
N SER A 334 -13.97 -17.81 7.50
CA SER A 334 -14.85 -16.70 7.78
C SER A 334 -14.13 -15.35 7.75
N TRP A 335 -14.89 -14.34 7.35
CA TRP A 335 -14.43 -12.96 7.28
C TRP A 335 -14.84 -12.16 8.52
N TYR A 336 -14.07 -11.14 8.87
CA TYR A 336 -14.49 -10.26 9.94
C TYR A 336 -13.76 -8.96 9.85
N ASP A 337 -14.46 -7.86 10.08
CA ASP A 337 -13.80 -6.57 10.24
C ASP A 337 -13.22 -6.54 11.65
N ASN A 338 -11.92 -6.78 11.78
CA ASN A 338 -11.34 -6.91 13.13
C ASN A 338 -11.64 -5.71 14.02
N GLU A 339 -11.90 -4.55 13.41
CA GLU A 339 -12.30 -3.38 14.18
C GLU A 339 -13.81 -3.36 14.44
N ASN A 340 -14.62 -3.23 13.39
CA ASN A 340 -16.04 -3.01 13.61
C ASN A 340 -16.87 -4.29 13.88
N SER A 341 -16.41 -5.43 13.39
CA SER A 341 -17.09 -6.70 13.79
C SER A 341 -16.95 -6.94 15.30
N TYR A 342 -15.73 -6.81 15.81
CA TYR A 342 -15.49 -6.96 17.24
C TYR A 342 -16.25 -5.95 18.07
N THR A 343 -16.26 -4.69 17.63
CA THR A 343 -16.93 -3.61 18.35
C THR A 343 -18.42 -3.90 18.43
N SER A 344 -18.99 -4.36 17.33
CA SER A 344 -20.41 -4.65 17.27
C SER A 344 -20.78 -5.77 18.24
N GLN A 345 -19.92 -6.79 18.33
CA GLN A 345 -20.12 -7.87 19.29
C GLN A 345 -19.96 -7.35 20.71
N MET A 346 -18.93 -6.56 20.96
CA MET A 346 -18.68 -6.05 22.31
C MET A 346 -19.83 -5.14 22.76
N VAL A 347 -20.39 -4.37 21.84
CA VAL A 347 -21.50 -3.48 22.18
C VAL A 347 -22.79 -4.26 22.49
N ARG A 348 -23.06 -5.31 21.73
CA ARG A 348 -24.19 -6.17 22.06
C ARG A 348 -24.01 -6.77 23.47
N THR A 349 -22.78 -7.15 23.80
CA THR A 349 -22.50 -7.73 25.13
C THR A 349 -22.71 -6.70 26.22
N ILE A 350 -22.24 -5.46 25.98
CA ILE A 350 -22.41 -4.36 26.94
C ILE A 350 -23.89 -4.06 27.18
N LYS A 351 -24.69 -4.03 26.11
CA LYS A 351 -26.12 -3.76 26.21
C LYS A 351 -26.82 -4.87 27.00
N TYR A 352 -26.36 -6.11 26.83
CA TYR A 352 -26.95 -7.21 27.58
C TYR A 352 -26.53 -7.15 29.06
N PHE A 353 -25.27 -6.83 29.29
CA PHE A 353 -24.68 -6.76 30.64
C PHE A 353 -25.39 -5.73 31.51
N GLU A 354 -25.99 -4.74 30.87
CA GLU A 354 -26.64 -3.61 31.54
C GLU A 354 -27.86 -4.01 32.36
N LYS A 355 -28.45 -5.16 32.04
CA LYS A 355 -29.59 -5.63 32.82
C LYS A 355 -29.26 -5.81 34.31
N PHE A 356 -27.99 -6.06 34.59
CA PHE A 356 -27.51 -6.34 35.96
C PHE A 356 -27.14 -5.10 36.79
N VAL A 357 -27.32 -3.91 36.22
CA VAL A 357 -27.05 -2.66 36.95
C VAL A 357 -28.36 -2.03 37.42
N MET B 18 46.62 6.14 12.80
CA MET B 18 45.64 5.34 13.54
C MET B 18 44.20 5.67 13.13
N ALA B 19 43.36 4.64 13.09
CA ALA B 19 41.96 4.80 12.68
C ALA B 19 41.12 5.57 13.70
N VAL B 20 40.16 6.34 13.19
CA VAL B 20 39.26 7.14 14.00
C VAL B 20 38.20 6.29 14.70
N LYS B 21 38.07 6.47 16.02
CA LYS B 21 37.10 5.71 16.81
C LYS B 21 35.73 6.37 16.76
N VAL B 22 34.72 5.61 16.34
CA VAL B 22 33.39 6.18 16.09
C VAL B 22 32.30 5.47 16.91
N ALA B 23 31.41 6.25 17.51
CA ALA B 23 30.25 5.68 18.20
C ALA B 23 28.94 6.17 17.57
N ILE B 24 27.92 5.32 17.55
CA ILE B 24 26.59 5.69 17.06
C ILE B 24 25.54 5.73 18.18
N ASN B 25 24.92 6.88 18.35
CA ASN B 25 23.81 7.01 19.29
C ASN B 25 22.47 7.04 18.55
N GLY B 26 21.68 5.98 18.70
CA GLY B 26 20.42 5.85 17.98
C GLY B 26 20.60 4.95 16.78
N PHE B 27 20.22 3.69 16.93
CA PHE B 27 20.42 2.73 15.87
C PHE B 27 19.16 2.57 15.00
N GLY B 28 18.66 3.69 14.50
CA GLY B 28 17.42 3.74 13.73
C GLY B 28 17.67 3.64 12.25
N ARG B 29 16.74 4.15 11.44
CA ARG B 29 16.90 4.09 9.99
C ARG B 29 18.26 4.68 9.58
N ILE B 30 18.54 5.91 10.03
CA ILE B 30 19.78 6.60 9.67
C ILE B 30 21.01 5.94 10.34
N GLY B 31 20.91 5.66 11.63
CA GLY B 31 22.02 5.04 12.35
C GLY B 31 22.50 3.72 11.74
N ARG B 32 21.55 2.87 11.35
CA ARG B 32 21.89 1.60 10.75
C ARG B 32 22.42 1.76 9.34
N LEU B 33 21.82 2.65 8.55
CA LEU B 33 22.33 2.91 7.21
C LEU B 33 23.72 3.53 7.25
N ALA B 34 24.00 4.34 8.26
CA ALA B 34 25.35 4.92 8.39
C ALA B 34 26.36 3.83 8.77
N PHE B 35 25.94 2.95 9.67
CA PHE B 35 26.76 1.81 10.04
C PHE B 35 27.21 1.06 8.78
N ARG B 36 26.26 0.85 7.88
N ARG B 36 26.26 0.82 7.87
CA ARG B 36 26.50 0.10 6.65
CA ARG B 36 26.58 0.09 6.65
C ARG B 36 27.63 0.73 5.82
C ARG B 36 27.72 0.73 5.90
N GLN B 37 27.71 2.06 5.81
CA GLN B 37 28.75 2.77 5.07
C GLN B 37 30.06 2.98 5.86
N MET B 38 29.95 3.20 7.17
CA MET B 38 31.15 3.40 8.00
C MET B 38 31.92 2.10 8.27
N PHE B 39 31.20 0.98 8.40
CA PHE B 39 31.84 -0.27 8.82
C PHE B 39 32.94 -0.74 7.86
N GLY B 40 32.83 -0.39 6.58
CA GLY B 40 33.85 -0.75 5.61
C GLY B 40 35.00 0.24 5.44
N HIS B 41 34.86 1.40 6.06
CA HIS B 41 35.85 2.47 5.93
C HIS B 41 37.13 2.17 6.70
N GLU B 42 38.22 1.97 5.99
CA GLU B 42 39.52 1.68 6.58
C GLU B 42 40.00 2.77 7.55
N GLY B 43 39.61 4.01 7.27
CA GLY B 43 40.03 5.12 8.10
C GLY B 43 39.18 5.27 9.35
N SER B 44 38.25 4.34 9.56
CA SER B 44 37.35 4.39 10.71
C SER B 44 37.17 3.05 11.40
N GLU B 45 36.75 3.13 12.66
CA GLU B 45 36.44 1.95 13.44
C GLU B 45 35.24 2.23 14.32
N ILE B 46 34.15 1.50 14.08
CA ILE B 46 32.97 1.64 14.89
C ILE B 46 33.14 0.87 16.21
N VAL B 47 33.25 1.62 17.31
CA VAL B 47 33.56 1.07 18.62
C VAL B 47 32.34 0.74 19.46
N ALA B 48 31.29 1.56 19.38
CA ALA B 48 30.13 1.36 20.23
C ALA B 48 28.82 1.77 19.55
N ILE B 49 27.73 1.17 20.01
CA ILE B 49 26.37 1.53 19.63
C ILE B 49 25.50 1.66 20.86
N ASN B 50 24.72 2.75 20.95
CA ASN B 50 23.78 2.92 22.05
C ASN B 50 22.34 3.12 21.56
N ASP B 51 21.38 2.44 22.17
CA ASP B 51 19.97 2.64 21.82
C ASP B 51 19.10 2.35 23.05
N LEU B 52 17.82 2.02 22.84
CA LEU B 52 16.91 1.72 23.95
C LEU B 52 16.42 0.28 23.96
N THR B 53 17.18 -0.63 23.34
CA THR B 53 16.76 -2.02 23.22
C THR B 53 17.92 -2.98 23.41
N ASP B 54 17.63 -4.28 23.40
CA ASP B 54 18.66 -5.28 23.65
C ASP B 54 19.44 -5.63 22.38
N PRO B 55 20.60 -6.26 22.54
CA PRO B 55 21.44 -6.65 21.40
C PRO B 55 20.73 -7.52 20.35
N LYS B 56 19.85 -8.44 20.76
CA LYS B 56 19.19 -9.30 19.77
C LYS B 56 18.27 -8.47 18.87
N MET B 57 17.57 -7.52 19.46
CA MET B 57 16.72 -6.64 18.65
C MET B 57 17.61 -5.87 17.67
N LEU B 58 18.73 -5.34 18.15
CA LEU B 58 19.58 -4.52 17.30
C LEU B 58 20.19 -5.33 16.16
N ALA B 59 20.59 -6.56 16.47
CA ALA B 59 21.18 -7.46 15.47
C ALA B 59 20.17 -7.84 14.38
N ASN B 60 18.93 -8.08 14.76
CA ASN B 60 17.94 -8.45 13.77
C ASN B 60 17.66 -7.28 12.81
N LEU B 61 17.59 -6.07 13.35
CA LEU B 61 17.32 -4.88 12.54
C LEU B 61 18.46 -4.61 11.56
N LEU B 62 19.69 -4.90 11.97
CA LEU B 62 20.82 -4.69 11.08
C LEU B 62 20.81 -5.73 9.96
N LYS B 63 20.43 -6.95 10.31
CA LYS B 63 20.40 -8.06 9.37
C LYS B 63 19.36 -7.85 8.26
N TYR B 64 18.15 -7.47 8.65
CA TYR B 64 17.03 -7.40 7.71
C TYR B 64 16.38 -6.02 7.65
N ASP B 65 16.23 -5.52 6.43
CA ASP B 65 15.66 -4.20 6.21
C ASP B 65 14.59 -4.26 5.13
N SER B 66 13.40 -3.75 5.44
CA SER B 66 12.26 -3.86 4.54
C SER B 66 12.42 -3.09 3.22
N SER B 67 13.20 -2.02 3.22
CA SER B 67 13.31 -1.22 2.00
C SER B 67 14.73 -1.09 1.46
N GLN B 68 15.73 -1.32 2.30
CA GLN B 68 17.12 -1.07 1.90
C GLN B 68 17.93 -2.34 1.68
N GLY B 69 17.27 -3.50 1.71
CA GLY B 69 17.92 -4.74 1.36
C GLY B 69 18.33 -5.65 2.49
N ASN B 70 18.55 -6.93 2.14
CA ASN B 70 18.91 -7.99 3.07
C ASN B 70 20.42 -7.99 3.32
N TYR B 71 20.79 -7.41 4.45
CA TYR B 71 22.18 -7.20 4.80
C TYR B 71 22.81 -8.53 5.18
N ALA B 72 22.03 -9.42 5.76
CA ALA B 72 22.53 -10.74 6.15
C ALA B 72 22.99 -11.59 4.96
N ARG B 73 22.64 -11.20 3.74
CA ARG B 73 23.05 -12.03 2.60
C ARG B 73 24.55 -11.93 2.34
N ASN B 74 25.17 -10.85 2.78
CA ASN B 74 26.59 -10.60 2.52
C ASN B 74 27.41 -10.42 3.80
N HIS B 75 26.75 -10.47 4.95
CA HIS B 75 27.45 -10.27 6.22
C HIS B 75 26.99 -11.22 7.32
N SER B 76 27.89 -11.46 8.26
CA SER B 76 27.59 -12.24 9.46
C SER B 76 27.37 -11.32 10.65
N VAL B 77 26.18 -11.40 11.23
CA VAL B 77 25.82 -10.61 12.38
C VAL B 77 25.37 -11.52 13.52
N VAL B 78 25.97 -11.38 14.68
CA VAL B 78 25.62 -12.23 15.82
C VAL B 78 25.48 -11.38 17.07
N ALA B 79 24.40 -11.60 17.82
CA ALA B 79 24.16 -10.85 19.05
C ALA B 79 24.73 -11.61 20.23
N GLY B 80 25.42 -10.88 21.10
CA GLY B 80 25.90 -11.43 22.36
C GLY B 80 25.10 -10.79 23.48
N GLU B 81 25.61 -10.92 24.71
CA GLU B 81 24.91 -10.40 25.89
C GLU B 81 24.98 -8.88 25.98
N ASP B 82 26.09 -8.32 25.54
CA ASP B 82 26.35 -6.89 25.68
C ASP B 82 26.97 -6.31 24.42
N SER B 83 26.87 -7.05 23.32
CA SER B 83 27.55 -6.65 22.09
C SER B 83 26.93 -7.30 20.88
N ILE B 84 27.36 -6.86 19.70
CA ILE B 84 27.07 -7.62 18.49
C ILE B 84 28.41 -7.87 17.81
N THR B 85 28.48 -8.91 17.00
CA THR B 85 29.70 -9.19 16.26
C THR B 85 29.38 -9.17 14.77
N VAL B 86 30.01 -8.25 14.04
CA VAL B 86 29.79 -8.17 12.60
C VAL B 86 31.06 -8.52 11.83
N ASP B 87 30.97 -9.59 11.04
CA ASP B 87 32.11 -10.09 10.27
C ASP B 87 33.35 -10.31 11.16
N GLY B 88 33.15 -10.89 12.34
CA GLY B 88 34.27 -11.15 13.24
C GLY B 88 34.60 -10.01 14.20
N LYS B 89 34.21 -8.78 13.84
CA LYS B 89 34.47 -7.61 14.69
C LYS B 89 33.43 -7.39 15.80
N THR B 90 33.88 -7.28 17.03
CA THR B 90 32.99 -7.12 18.18
C THR B 90 32.72 -5.67 18.49
N ILE B 91 31.44 -5.34 18.63
CA ILE B 91 31.01 -3.99 18.90
C ILE B 91 30.18 -3.96 20.19
N LYS B 92 30.55 -3.06 21.10
CA LYS B 92 29.91 -2.97 22.40
C LYS B 92 28.53 -2.31 22.25
N ILE B 93 27.55 -2.76 23.03
CA ILE B 93 26.20 -2.18 22.97
C ILE B 93 25.74 -1.65 24.33
N TYR B 94 25.22 -0.43 24.34
CA TYR B 94 24.73 0.21 25.56
C TYR B 94 23.25 0.54 25.47
N LYS B 95 22.61 0.67 26.63
CA LYS B 95 21.20 1.00 26.68
C LYS B 95 20.99 2.14 27.67
N GLU B 96 21.38 3.35 27.26
CA GLU B 96 21.31 4.50 28.16
C GLU B 96 20.53 5.64 27.55
N ALA B 97 19.36 5.93 28.12
CA ALA B 97 18.51 7.00 27.62
C ALA B 97 19.18 8.38 27.76
N ASP B 98 20.09 8.51 28.73
CA ASP B 98 20.82 9.76 28.97
C ASP B 98 22.29 9.67 28.55
N ALA B 99 22.71 10.56 27.64
CA ALA B 99 24.05 10.52 27.05
C ALA B 99 25.17 10.68 28.08
N HIS B 100 24.87 11.29 29.23
CA HIS B 100 25.87 11.49 30.27
C HIS B 100 26.38 10.18 30.87
N ASN B 101 25.52 9.16 30.83
CA ASN B 101 25.86 7.86 31.41
C ASN B 101 26.68 6.95 30.50
N LEU B 102 27.00 7.43 29.30
CA LEU B 102 27.80 6.65 28.36
C LEU B 102 29.31 6.77 28.65
N PRO B 103 30.06 5.66 28.49
CA PRO B 103 31.50 5.64 28.76
C PRO B 103 32.32 6.06 27.55
N TRP B 104 31.97 7.21 26.95
CA TRP B 104 32.64 7.65 25.72
C TRP B 104 34.12 7.94 25.93
N GLY B 105 34.44 8.53 27.07
CA GLY B 105 35.81 8.91 27.36
C GLY B 105 36.76 7.74 27.45
N GLU B 106 36.38 6.73 28.22
CA GLU B 106 37.23 5.57 28.40
C GLU B 106 37.36 4.67 27.17
N LEU B 107 36.35 4.69 26.29
CA LEU B 107 36.44 3.92 25.04
C LEU B 107 37.21 4.75 24.01
N ASN B 108 37.60 5.96 24.42
CA ASN B 108 38.36 6.87 23.58
C ASN B 108 37.68 7.14 22.25
N VAL B 109 36.38 7.39 22.31
CA VAL B 109 35.62 7.66 21.12
C VAL B 109 35.98 9.04 20.62
N ASP B 110 36.29 9.13 19.33
CA ASP B 110 36.64 10.40 18.74
C ASP B 110 35.39 11.15 18.25
N VAL B 111 34.61 10.51 17.39
CA VAL B 111 33.42 11.14 16.84
C VAL B 111 32.14 10.39 17.18
N VAL B 112 31.13 11.12 17.65
CA VAL B 112 29.82 10.55 17.90
C VAL B 112 28.83 10.95 16.81
N LEU B 113 28.25 9.91 16.20
CA LEU B 113 27.14 10.05 15.25
C LEU B 113 25.83 10.07 16.02
N GLU B 114 25.22 11.24 16.12
CA GLU B 114 24.02 11.42 16.92
C GLU B 114 22.76 11.28 16.06
N CYS B 115 22.12 10.12 16.12
CA CYS B 115 21.00 9.84 15.22
C CYS B 115 19.72 9.45 15.93
N THR B 116 19.52 9.92 17.16
CA THR B 116 18.34 9.53 17.92
C THR B 116 17.15 10.41 17.63
N GLY B 117 17.41 11.66 17.25
CA GLY B 117 16.37 12.68 17.12
C GLY B 117 15.99 13.36 18.42
N PHE B 118 16.73 13.10 19.50
CA PHE B 118 16.39 13.64 20.81
C PHE B 118 17.49 14.54 21.38
N TYR B 119 18.52 14.76 20.57
CA TYR B 119 19.63 15.62 20.93
C TYR B 119 19.81 16.70 19.87
N THR B 120 18.69 17.24 19.40
CA THR B 120 18.72 18.14 18.27
C THR B 120 18.97 19.61 18.68
N SER B 121 20.01 19.82 19.49
CA SER B 121 20.52 21.16 19.77
C SER B 121 21.95 21.07 20.30
N LYS B 122 22.72 22.15 20.16
CA LYS B 122 24.09 22.16 20.64
C LYS B 122 24.17 21.88 22.13
N ALA B 123 23.18 22.37 22.86
CA ALA B 123 23.15 22.23 24.31
C ALA B 123 22.91 20.79 24.72
N LYS B 124 21.98 20.12 24.04
CA LYS B 124 21.71 18.72 24.33
C LYS B 124 22.86 17.82 23.86
N ALA B 125 23.39 18.11 22.68
CA ALA B 125 24.44 17.29 22.08
C ALA B 125 25.75 17.41 22.83
N GLN B 126 25.87 18.48 23.62
CA GLN B 126 27.05 18.72 24.45
C GLN B 126 27.27 17.61 25.47
N ALA B 127 26.20 16.90 25.82
CA ALA B 127 26.31 15.81 26.78
C ALA B 127 27.34 14.78 26.32
N HIS B 128 27.39 14.51 25.02
CA HIS B 128 28.31 13.52 24.46
C HIS B 128 29.77 13.94 24.67
N ILE B 129 30.03 15.24 24.57
CA ILE B 129 31.37 15.76 24.80
C ILE B 129 31.71 15.61 26.28
N ASP B 130 30.73 15.90 27.13
CA ASP B 130 30.90 15.73 28.59
C ASP B 130 31.24 14.30 28.95
N ALA B 131 30.61 13.37 28.25
CA ALA B 131 30.83 11.95 28.52
C ALA B 131 32.20 11.53 28.00
N GLY B 132 32.83 12.44 27.23
CA GLY B 132 34.20 12.26 26.80
C GLY B 132 34.52 12.14 25.31
N ALA B 133 33.54 12.28 24.42
CA ALA B 133 33.83 12.24 22.99
C ALA B 133 34.40 13.58 22.53
N LYS B 134 35.14 13.58 21.44
CA LYS B 134 35.78 14.80 20.94
C LYS B 134 34.92 15.57 19.94
N LYS B 135 34.13 14.85 19.15
CA LYS B 135 33.32 15.49 18.13
C LYS B 135 31.92 14.85 18.03
N VAL B 136 30.94 15.66 17.65
CA VAL B 136 29.57 15.20 17.49
C VAL B 136 28.98 15.68 16.16
N VAL B 137 28.38 14.76 15.42
CA VAL B 137 27.66 15.06 14.19
C VAL B 137 26.20 14.68 14.36
N ILE B 138 25.31 15.66 14.33
CA ILE B 138 23.87 15.40 14.53
C ILE B 138 23.15 15.14 13.20
N SER B 139 22.36 14.05 13.14
CA SER B 139 21.71 13.67 11.89
C SER B 139 20.37 14.40 11.66
N ALA B 140 20.35 15.70 11.94
CA ALA B 140 19.16 16.51 11.77
C ALA B 140 19.51 17.98 11.93
N PRO B 141 18.58 18.88 11.53
CA PRO B 141 18.74 20.30 11.86
C PRO B 141 18.80 20.41 13.37
N ALA B 142 19.64 21.28 13.90
CA ALA B 142 19.82 21.33 15.35
C ALA B 142 20.18 22.73 15.85
N GLY B 143 19.65 23.75 15.21
CA GLY B 143 19.85 25.10 15.69
C GLY B 143 20.63 26.01 14.78
N LYS B 144 20.82 27.24 15.22
CA LYS B 144 21.52 28.25 14.44
C LYS B 144 22.90 28.51 15.03
N ASP B 145 23.18 27.83 16.13
CA ASP B 145 24.39 28.15 16.90
C ASP B 145 25.52 27.17 16.59
N LEU B 146 25.30 26.28 15.63
CA LEU B 146 26.36 25.40 15.14
C LEU B 146 26.25 25.30 13.62
N PRO B 147 27.36 24.92 12.95
CA PRO B 147 27.48 24.69 11.51
C PRO B 147 26.50 23.64 10.95
N THR B 148 25.78 23.99 9.89
CA THR B 148 24.84 23.08 9.26
C THR B 148 25.38 22.75 7.88
N ILE B 149 25.71 21.47 7.67
CA ILE B 149 26.53 21.10 6.53
C ILE B 149 25.83 20.24 5.47
N VAL B 150 25.88 20.69 4.22
CA VAL B 150 25.49 19.86 3.10
C VAL B 150 26.74 19.58 2.29
N TYR B 151 27.20 18.33 2.28
CA TYR B 151 28.47 18.03 1.65
C TYR B 151 28.48 18.48 0.18
N ASN B 152 29.61 19.06 -0.24
CA ASN B 152 29.73 19.68 -1.55
C ASN B 152 28.82 20.88 -1.77
N VAL B 153 28.41 21.54 -0.70
CA VAL B 153 27.76 22.84 -0.84
C VAL B 153 28.43 23.84 0.10
N ASN B 154 28.64 23.45 1.35
CA ASN B 154 29.34 24.33 2.29
C ASN B 154 30.18 23.60 3.34
N HIS B 155 30.59 22.36 3.05
CA HIS B 155 31.29 21.59 4.07
C HIS B 155 32.68 22.15 4.38
N GLU B 156 33.17 23.01 3.48
CA GLU B 156 34.52 23.55 3.63
C GLU B 156 34.64 24.70 4.64
N ILE B 157 33.51 25.13 5.22
CA ILE B 157 33.55 26.14 6.28
C ILE B 157 34.02 25.54 7.59
N LEU B 158 34.13 24.21 7.62
CA LEU B 158 34.53 23.48 8.82
C LEU B 158 35.94 23.83 9.30
N THR B 159 36.09 23.96 10.62
CA THR B 159 37.40 24.19 11.22
C THR B 159 37.60 23.21 12.38
N LYS B 160 38.84 23.10 12.87
CA LYS B 160 39.14 22.23 14.01
C LYS B 160 38.47 22.68 15.32
N ASP B 161 38.14 23.96 15.42
CA ASP B 161 37.53 24.50 16.64
C ASP B 161 36.00 24.33 16.72
N ASP B 162 35.43 23.63 15.74
CA ASP B 162 34.00 23.27 15.74
C ASP B 162 33.84 21.84 16.28
N ASN B 163 33.19 21.70 17.43
CA ASN B 163 33.05 20.40 18.07
C ASN B 163 31.72 19.72 17.80
N ILE B 164 30.70 20.52 17.49
CA ILE B 164 29.37 20.00 17.22
C ILE B 164 28.82 20.56 15.93
N ILE B 165 28.48 19.69 14.99
CA ILE B 165 27.94 20.16 13.73
C ILE B 165 26.67 19.41 13.40
N SER B 166 25.86 20.00 12.54
CA SER B 166 24.64 19.37 12.07
C SER B 166 24.78 18.99 10.60
N ALA B 167 24.23 17.84 10.22
CA ALA B 167 24.25 17.44 8.82
C ALA B 167 22.95 17.82 8.10
N ALA B 168 22.21 18.74 8.70
CA ALA B 168 20.98 19.29 8.11
C ALA B 168 19.89 18.21 8.00
N SER B 169 18.96 18.40 7.07
CA SER B 169 17.87 17.44 6.89
C SER B 169 17.93 16.79 5.51
N CYS B 170 17.17 15.71 5.35
CA CYS B 170 17.11 15.03 4.07
C CYS B 170 16.65 16.00 2.99
N THR B 171 15.63 16.79 3.31
CA THR B 171 15.10 17.76 2.34
C THR B 171 16.10 18.86 1.99
N THR B 172 16.83 19.35 2.99
CA THR B 172 17.85 20.37 2.77
C THR B 172 18.98 19.88 1.86
N ASN B 173 19.34 18.62 2.03
CA ASN B 173 20.38 18.01 1.21
C ASN B 173 19.90 17.79 -0.21
N CYS B 174 18.60 17.79 -0.42
CA CYS B 174 18.09 17.69 -1.78
C CYS B 174 17.94 19.10 -2.40
N LEU B 175 17.38 20.01 -1.61
CA LEU B 175 17.09 21.36 -2.06
C LEU B 175 18.34 22.21 -2.35
N ALA B 176 19.32 22.16 -1.45
CA ALA B 176 20.47 23.08 -1.48
C ALA B 176 21.25 23.09 -2.80
N PRO B 177 21.72 21.92 -3.24
CA PRO B 177 22.50 21.87 -4.48
C PRO B 177 21.71 22.41 -5.67
N MET B 178 20.43 22.10 -5.68
CA MET B 178 19.57 22.51 -6.78
C MET B 178 19.30 24.02 -6.70
N ALA B 179 18.99 24.52 -5.51
CA ALA B 179 18.70 25.94 -5.33
C ALA B 179 19.95 26.78 -5.62
N LYS B 180 21.10 26.28 -5.17
CA LYS B 180 22.35 26.98 -5.39
C LYS B 180 22.65 27.08 -6.89
N ALA B 181 22.46 25.98 -7.61
CA ALA B 181 22.73 25.95 -9.04
C ALA B 181 21.77 26.86 -9.80
N LEU B 182 20.51 26.89 -9.40
CA LEU B 182 19.53 27.77 -10.03
C LEU B 182 19.89 29.22 -9.77
N ASN B 183 20.18 29.50 -8.51
CA ASN B 183 20.46 30.86 -8.12
C ASN B 183 21.71 31.40 -8.79
N ASP B 184 22.75 30.58 -8.88
CA ASP B 184 23.98 30.99 -9.55
C ASP B 184 23.73 31.28 -11.02
N PHE B 185 22.75 30.61 -11.60
CA PHE B 185 22.46 30.79 -13.00
C PHE B 185 21.55 32.01 -13.23
N ALA B 186 20.47 32.08 -12.45
CA ALA B 186 19.55 33.21 -12.54
C ALA B 186 18.98 33.48 -11.15
N PRO B 187 19.45 34.56 -10.51
CA PRO B 187 19.12 34.90 -9.12
C PRO B 187 17.65 34.73 -8.75
N ILE B 188 17.42 34.07 -7.62
CA ILE B 188 16.06 33.85 -7.11
C ILE B 188 15.51 35.09 -6.39
N GLN B 189 14.32 35.53 -6.78
CA GLN B 189 13.65 36.61 -6.07
C GLN B 189 12.89 36.04 -4.89
N SER B 190 12.15 34.96 -5.15
CA SER B 190 11.46 34.23 -4.11
C SER B 190 11.05 32.85 -4.63
N GLY B 191 10.72 31.95 -3.73
CA GLY B 191 10.38 30.61 -4.14
C GLY B 191 9.51 29.94 -3.11
N ILE B 192 8.68 29.03 -3.59
CA ILE B 192 7.90 28.17 -2.73
C ILE B 192 8.20 26.72 -3.11
N MET B 193 8.54 25.94 -2.09
CA MET B 193 8.96 24.57 -2.23
C MET B 193 7.83 23.64 -1.76
N SER B 194 7.62 22.56 -2.50
CA SER B 194 6.75 21.49 -2.05
C SER B 194 7.50 20.18 -2.17
N THR B 195 7.54 19.41 -1.08
CA THR B 195 8.21 18.13 -1.13
C THR B 195 7.18 17.01 -1.01
N ILE B 196 7.20 16.09 -1.97
CA ILE B 196 6.39 14.88 -1.90
C ILE B 196 7.26 13.79 -1.26
N HIS B 197 6.91 13.42 -0.04
CA HIS B 197 7.83 12.75 0.85
C HIS B 197 7.26 11.41 1.31
N ALA B 198 8.13 10.41 1.38
CA ALA B 198 7.78 9.10 1.92
C ALA B 198 7.32 9.23 3.38
N PHE B 199 6.45 8.34 3.85
CA PHE B 199 6.06 8.38 5.26
C PHE B 199 7.25 7.99 6.10
N THR B 200 7.28 8.44 7.35
CA THR B 200 8.39 8.12 8.24
C THR B 200 7.88 7.74 9.63
N GLY B 201 8.83 7.45 10.52
CA GLY B 201 8.52 6.92 11.83
C GLY B 201 7.77 7.86 12.76
N ASP B 202 7.67 9.13 12.39
CA ASP B 202 6.96 10.08 13.23
C ASP B 202 5.48 10.17 12.85
N GLN B 203 5.02 9.31 11.95
CA GLN B 203 3.60 9.17 11.68
C GLN B 203 3.10 7.90 12.33
N MET B 204 1.78 7.81 12.49
CA MET B 204 1.17 6.68 13.14
C MET B 204 0.89 5.57 12.12
N VAL B 205 0.93 4.33 12.57
CA VAL B 205 0.60 3.22 11.66
C VAL B 205 -0.90 3.23 11.30
N LEU B 206 -1.75 3.51 12.28
CA LEU B 206 -3.20 3.68 12.08
C LEU B 206 -3.60 4.92 12.88
N ASP B 207 -4.73 5.57 12.55
CA ASP B 207 -5.19 6.78 13.24
C ASP B 207 -5.10 6.63 14.76
N GLY B 208 -4.37 7.52 15.44
CA GLY B 208 -4.21 7.43 16.88
C GLY B 208 -3.57 8.69 17.45
N PRO B 209 -3.59 8.85 18.79
CA PRO B 209 -3.10 10.11 19.36
C PRO B 209 -1.62 10.28 19.13
N HIS B 210 -1.24 11.37 18.47
CA HIS B 210 0.16 11.65 18.22
C HIS B 210 0.72 12.36 19.45
N ARG B 211 1.83 11.85 19.98
CA ARG B 211 2.36 12.34 21.24
C ARG B 211 2.81 13.80 21.20
N LYS B 212 3.14 14.29 20.02
CA LYS B 212 3.61 15.65 19.87
C LYS B 212 2.46 16.58 19.48
N GLY B 213 1.25 16.05 19.43
CA GLY B 213 0.06 16.85 19.16
C GLY B 213 -0.21 17.25 17.71
N ASP B 214 0.52 16.67 16.76
CA ASP B 214 0.30 16.97 15.33
C ASP B 214 -0.91 16.19 14.79
N LEU B 215 -1.97 16.91 14.44
CA LEU B 215 -3.25 16.29 14.10
C LEU B 215 -3.21 15.54 12.77
N ARG B 216 -2.21 15.85 11.98
CA ARG B 216 -2.09 15.22 10.68
C ARG B 216 -1.14 14.03 10.76
N ARG B 217 -0.09 14.15 11.57
CA ARG B 217 0.83 13.03 11.76
C ARG B 217 0.18 11.95 12.63
N ALA B 218 -0.99 12.26 13.19
CA ALA B 218 -1.77 11.31 13.96
C ALA B 218 -2.50 10.29 13.07
N ARG B 219 -2.58 10.57 11.78
CA ARG B 219 -3.37 9.77 10.81
C ARG B 219 -2.55 8.63 10.19
N ALA B 220 -3.24 7.58 9.74
CA ALA B 220 -2.58 6.42 9.18
C ALA B 220 -1.65 6.80 8.04
N ALA B 221 -0.40 6.36 8.14
CA ALA B 221 0.65 6.81 7.21
C ALA B 221 0.49 6.18 5.84
N ALA B 222 0.11 4.91 5.79
CA ALA B 222 0.16 4.14 4.55
C ALA B 222 -1.07 4.23 3.65
N ILE B 223 -2.10 4.94 4.08
CA ILE B 223 -3.28 5.09 3.24
C ILE B 223 -3.72 6.54 3.03
N ASN B 224 -2.82 7.49 3.27
CA ASN B 224 -3.18 8.90 3.16
C ASN B 224 -2.10 9.75 2.50
N ILE B 225 -2.54 10.74 1.75
CA ILE B 225 -1.73 11.91 1.46
C ILE B 225 -1.89 12.85 2.64
N VAL B 226 -0.77 13.17 3.30
CA VAL B 226 -0.79 13.92 4.56
C VAL B 226 0.04 15.20 4.45
N PRO B 227 -0.63 16.36 4.40
CA PRO B 227 0.12 17.63 4.42
C PRO B 227 0.87 17.76 5.72
N ASN B 228 2.09 18.25 5.66
CA ASN B 228 2.84 18.47 6.88
C ASN B 228 3.81 19.63 6.69
N SER B 229 4.20 20.24 7.79
CA SER B 229 5.09 21.38 7.70
C SER B 229 6.53 20.90 7.55
N THR B 230 7.37 21.75 6.97
CA THR B 230 8.80 21.47 6.86
C THR B 230 9.59 22.77 6.97
N GLY B 231 10.75 22.70 7.60
CA GLY B 231 11.57 23.87 7.80
C GLY B 231 12.73 23.97 6.82
N ALA B 232 12.81 23.03 5.88
CA ALA B 232 13.94 23.04 4.95
C ALA B 232 14.05 24.37 4.20
N ALA B 233 12.93 24.90 3.71
CA ALA B 233 13.00 26.11 2.90
C ALA B 233 13.31 27.33 3.78
N LYS B 234 12.63 27.40 4.93
CA LYS B 234 12.76 28.53 5.85
C LYS B 234 14.19 28.71 6.34
N ALA B 235 14.90 27.61 6.50
CA ALA B 235 16.24 27.63 7.08
C ALA B 235 17.35 27.43 6.05
N ILE B 236 17.06 27.65 4.77
CA ILE B 236 18.06 27.44 3.74
C ILE B 236 19.20 28.44 3.94
N GLY B 237 18.91 29.50 4.67
CA GLY B 237 19.91 30.52 4.93
C GLY B 237 21.12 29.98 5.65
N LEU B 238 20.95 28.92 6.43
CA LEU B 238 22.08 28.36 7.17
C LEU B 238 23.12 27.71 6.25
N VAL B 239 22.68 27.25 5.09
CA VAL B 239 23.57 26.54 4.17
C VAL B 239 23.98 27.44 3.02
N ILE B 240 23.01 28.21 2.52
CA ILE B 240 23.23 29.16 1.44
C ILE B 240 22.84 30.56 1.91
N PRO B 241 23.77 31.27 2.56
CA PRO B 241 23.37 32.57 3.13
C PRO B 241 22.73 33.55 2.11
N GLU B 242 23.14 33.52 0.85
CA GLU B 242 22.55 34.45 -0.13
C GLU B 242 21.05 34.17 -0.41
N LEU B 243 20.53 33.00 -0.02
CA LEU B 243 19.11 32.72 -0.21
C LEU B 243 18.29 32.92 1.06
N ASN B 244 18.96 33.33 2.13
CA ASN B 244 18.31 33.53 3.42
C ASN B 244 17.04 34.36 3.32
N GLY B 245 15.92 33.77 3.72
CA GLY B 245 14.66 34.49 3.78
C GLY B 245 13.89 34.58 2.49
N LYS B 246 14.37 33.89 1.46
CA LYS B 246 13.73 33.98 0.15
C LYS B 246 12.81 32.81 -0.17
N LEU B 247 12.94 31.70 0.58
CA LEU B 247 12.16 30.50 0.30
C LEU B 247 11.24 30.10 1.45
N ILE B 248 10.04 29.66 1.08
CA ILE B 248 9.18 29.01 2.04
C ILE B 248 8.74 27.68 1.44
N GLY B 249 8.09 26.84 2.23
CA GLY B 249 7.70 25.54 1.72
C GLY B 249 6.98 24.65 2.72
N SER B 250 6.51 23.50 2.23
CA SER B 250 5.77 22.56 3.04
C SER B 250 5.85 21.21 2.36
N ALA B 251 5.20 20.22 2.97
CA ALA B 251 5.39 18.87 2.50
C ALA B 251 4.07 18.12 2.34
N GLN B 252 4.09 17.10 1.50
CA GLN B 252 2.99 16.15 1.44
C GLN B 252 3.58 14.76 1.67
N ARG B 253 3.19 14.12 2.76
CA ARG B 253 3.65 12.77 3.05
C ARG B 253 2.74 11.79 2.30
N VAL B 254 3.33 10.87 1.53
CA VAL B 254 2.51 9.92 0.74
C VAL B 254 2.92 8.48 1.08
N PRO B 255 2.09 7.48 0.71
CA PRO B 255 2.32 6.08 1.12
C PRO B 255 3.41 5.32 0.36
N VAL B 256 4.64 5.80 0.37
CA VAL B 256 5.79 4.99 -0.03
C VAL B 256 6.73 4.95 1.16
N PRO B 257 7.34 3.79 1.42
CA PRO B 257 8.18 3.67 2.63
C PRO B 257 9.49 4.44 2.54
N THR B 258 9.93 4.75 1.33
CA THR B 258 11.15 5.51 1.18
C THR B 258 11.25 6.04 -0.25
N GLY B 259 11.93 7.18 -0.43
CA GLY B 259 12.02 7.80 -1.75
C GLY B 259 11.14 9.02 -1.80
N SER B 260 11.74 10.18 -2.13
CA SER B 260 11.04 11.44 -2.08
C SER B 260 11.44 12.38 -3.22
N THR B 261 10.64 13.41 -3.45
CA THR B 261 10.93 14.36 -4.51
C THR B 261 10.65 15.80 -4.06
N THR B 262 11.52 16.73 -4.47
CA THR B 262 11.37 18.14 -4.10
C THR B 262 11.00 18.99 -5.31
N LEU B 263 9.89 19.72 -5.25
CA LEU B 263 9.51 20.62 -6.34
C LEU B 263 9.72 22.08 -5.89
N LEU B 264 10.53 22.84 -6.65
CA LEU B 264 10.76 24.24 -6.32
C LEU B 264 10.14 25.16 -7.35
N PHE B 265 9.24 26.00 -6.89
CA PHE B 265 8.59 26.98 -7.73
C PHE B 265 9.18 28.35 -7.43
N ALA B 266 10.10 28.79 -8.26
CA ALA B 266 10.87 29.99 -7.97
C ALA B 266 10.58 31.07 -9.01
N VAL B 267 10.56 32.32 -8.55
CA VAL B 267 10.56 33.46 -9.44
C VAL B 267 11.99 33.91 -9.57
N VAL B 268 12.51 33.92 -10.79
CA VAL B 268 13.89 34.30 -11.05
C VAL B 268 13.96 35.54 -11.93
N LYS B 269 15.04 36.29 -11.79
CA LYS B 269 15.24 37.52 -12.56
C LYS B 269 16.48 37.38 -13.41
N SER B 270 16.35 37.59 -14.71
CA SER B 270 17.51 37.44 -15.58
C SER B 270 17.40 38.15 -16.93
N ASP B 271 18.57 38.56 -17.43
CA ASP B 271 18.67 39.16 -18.76
C ASP B 271 19.01 38.09 -19.79
N LYS B 272 19.45 36.91 -19.32
CA LYS B 272 19.78 35.81 -20.20
C LYS B 272 18.53 35.12 -20.76
N GLU B 273 18.77 34.20 -21.68
CA GLU B 273 17.71 33.34 -22.19
C GLU B 273 17.39 32.22 -21.20
N ILE B 274 16.24 32.37 -20.53
CA ILE B 274 15.75 31.38 -19.57
C ILE B 274 14.72 30.50 -20.23
N THR B 275 15.11 29.25 -20.52
CA THR B 275 14.24 28.26 -21.14
C THR B 275 14.42 26.95 -20.39
N VAL B 276 13.54 25.98 -20.64
CA VAL B 276 13.67 24.66 -20.03
C VAL B 276 15.05 24.12 -20.34
N ASP B 277 15.49 24.33 -21.58
CA ASP B 277 16.79 23.84 -22.04
C ASP B 277 17.97 24.56 -21.42
N SER B 278 17.91 25.90 -21.31
CA SER B 278 19.03 26.60 -20.70
C SER B 278 19.08 26.27 -19.21
N ILE B 279 17.93 26.18 -18.56
CA ILE B 279 17.90 25.74 -17.15
C ILE B 279 18.53 24.36 -16.99
N ASN B 280 18.12 23.42 -17.83
CA ASN B 280 18.59 22.04 -17.68
C ASN B 280 20.09 21.97 -17.92
N ALA B 281 20.55 22.73 -18.90
CA ALA B 281 21.96 22.74 -19.26
C ALA B 281 22.80 23.29 -18.11
N ALA B 282 22.28 24.31 -17.44
CA ALA B 282 22.93 24.86 -16.24
C ALA B 282 23.06 23.81 -15.14
N MET B 283 21.98 23.05 -14.91
CA MET B 283 21.96 22.01 -13.86
C MET B 283 22.99 20.96 -14.17
N LYS B 284 23.06 20.55 -15.44
CA LYS B 284 24.04 19.55 -15.85
C LYS B 284 25.46 20.04 -15.63
N ALA B 285 25.69 21.32 -15.90
CA ALA B 285 27.02 21.91 -15.70
C ALA B 285 27.44 21.89 -14.22
N ALA B 286 26.47 22.02 -13.32
CA ALA B 286 26.76 22.01 -11.88
C ALA B 286 26.76 20.61 -11.26
N SER B 287 26.44 19.59 -12.06
CA SER B 287 26.34 18.25 -11.50
C SER B 287 27.74 17.74 -11.24
N ASP B 288 27.85 16.71 -10.40
CA ASP B 288 29.14 16.12 -10.07
C ASP B 288 28.96 14.62 -9.76
N PRO B 289 30.07 13.87 -9.75
CA PRO B 289 29.91 12.42 -9.62
C PRO B 289 29.41 11.91 -8.26
N GLU B 290 29.50 12.69 -7.19
CA GLU B 290 29.09 12.13 -5.90
C GLU B 290 27.78 12.69 -5.34
N THR B 291 27.60 14.01 -5.33
CA THR B 291 26.49 14.64 -4.60
C THR B 291 25.29 15.06 -5.46
N PHE B 292 25.52 15.76 -6.57
CA PHE B 292 24.43 16.33 -7.34
C PHE B 292 24.43 15.71 -8.74
N GLY B 293 23.51 14.78 -8.97
CA GLY B 293 23.44 14.08 -10.25
C GLY B 293 22.38 14.64 -11.18
N TYR B 294 22.48 14.26 -12.44
CA TYR B 294 21.61 14.77 -13.49
C TYR B 294 20.90 13.60 -14.21
N ASN B 295 19.57 13.67 -14.30
CA ASN B 295 18.79 12.60 -14.91
C ASN B 295 17.93 13.04 -16.09
N GLU B 296 17.90 12.21 -17.13
CA GLU B 296 17.00 12.44 -18.26
C GLU B 296 16.20 11.19 -18.64
N ASP B 297 16.23 10.17 -17.80
CA ASP B 297 15.37 8.99 -18.02
C ASP B 297 14.04 9.16 -17.30
N PRO B 298 13.02 8.42 -17.74
CA PRO B 298 11.69 8.51 -17.11
C PRO B 298 11.59 7.70 -15.80
N ILE B 299 12.34 8.06 -14.77
CA ILE B 299 12.32 7.29 -13.51
C ILE B 299 11.11 7.62 -12.63
N VAL B 300 10.90 6.76 -11.64
CA VAL B 300 9.86 6.89 -10.62
C VAL B 300 10.55 6.66 -9.28
N SER B 301 9.85 6.78 -8.15
CA SER B 301 10.56 6.82 -6.87
C SER B 301 11.34 5.54 -6.51
N SER B 302 10.85 4.35 -6.87
CA SER B 302 11.56 3.14 -6.47
C SER B 302 12.94 3.02 -7.12
N ASP B 303 13.13 3.74 -8.24
CA ASP B 303 14.42 3.69 -8.93
C ASP B 303 15.56 4.37 -8.18
N ILE B 304 15.24 5.25 -7.24
CA ILE B 304 16.29 6.02 -6.56
C ILE B 304 16.56 5.46 -5.16
N ILE B 305 15.90 4.35 -4.81
CA ILE B 305 16.13 3.71 -3.52
C ILE B 305 17.55 3.18 -3.47
N GLY B 306 18.28 3.54 -2.43
CA GLY B 306 19.63 3.04 -2.28
C GLY B 306 20.68 3.83 -3.05
N MET B 307 20.28 4.90 -3.71
CA MET B 307 21.27 5.70 -4.46
C MET B 307 22.14 6.52 -3.50
N THR B 308 23.28 6.98 -3.98
CA THR B 308 24.25 7.64 -3.12
C THR B 308 24.38 9.14 -3.39
N TYR B 309 23.74 9.62 -4.46
CA TYR B 309 23.61 11.07 -4.67
C TYR B 309 22.82 11.69 -3.52
N GLY B 310 23.14 12.93 -3.15
CA GLY B 310 22.31 13.63 -2.18
C GLY B 310 21.08 14.19 -2.88
N SER B 311 21.22 14.39 -4.20
CA SER B 311 20.19 15.06 -5.00
C SER B 311 20.31 14.62 -6.45
N LEU B 312 19.19 14.29 -7.09
CA LEU B 312 19.21 13.83 -8.47
C LEU B 312 18.22 14.67 -9.26
N PHE B 313 18.74 15.64 -10.01
CA PHE B 313 17.90 16.57 -10.74
C PHE B 313 17.15 15.88 -11.86
N ASP B 314 15.84 16.13 -11.96
CA ASP B 314 15.06 15.46 -12.99
C ASP B 314 14.77 16.44 -14.14
N ALA B 315 15.60 16.38 -15.18
CA ALA B 315 15.48 17.31 -16.30
C ALA B 315 14.16 17.15 -17.04
N THR B 316 13.51 15.99 -16.91
CA THR B 316 12.26 15.72 -17.62
C THR B 316 11.07 16.50 -17.06
N GLN B 317 11.22 17.11 -15.89
CA GLN B 317 10.10 17.83 -15.25
C GLN B 317 10.24 19.35 -15.19
N THR B 318 11.32 19.90 -15.74
CA THR B 318 11.56 21.36 -15.70
C THR B 318 10.48 22.13 -16.45
N MET B 319 9.93 23.16 -15.80
CA MET B 319 8.96 24.05 -16.47
C MET B 319 9.30 25.53 -16.26
N VAL B 320 8.99 26.33 -17.27
CA VAL B 320 9.34 27.75 -17.25
C VAL B 320 8.24 28.61 -17.83
N GLN B 321 7.85 29.61 -17.11
CA GLN B 321 6.96 30.69 -17.63
CA GLN B 321 7.15 30.67 -17.83
C GLN B 321 7.46 32.22 -17.57
N ASP B 322 7.45 32.82 -18.76
CA ASP B 322 7.93 34.19 -18.86
C ASP B 322 6.89 35.17 -18.34
N LEU B 323 7.29 35.98 -17.37
CA LEU B 323 6.39 36.97 -16.78
C LEU B 323 6.62 38.34 -17.41
N GLY B 324 7.63 38.42 -18.27
CA GLY B 324 8.02 39.66 -18.92
C GLY B 324 8.95 40.48 -18.05
N ASN B 325 9.81 41.26 -18.70
CA ASN B 325 10.73 42.16 -18.00
C ASN B 325 11.81 41.44 -17.20
N GLY B 326 12.27 40.31 -17.72
CA GLY B 326 13.36 39.57 -17.09
C GLY B 326 12.92 38.71 -15.93
N LEU B 327 11.62 38.66 -15.70
CA LEU B 327 11.06 37.82 -14.65
C LEU B 327 10.53 36.52 -15.23
N TYR B 328 10.81 35.41 -14.54
CA TYR B 328 10.32 34.09 -14.94
C TYR B 328 9.86 33.32 -13.71
N GLN B 329 8.79 32.56 -13.86
CA GLN B 329 8.42 31.57 -12.85
C GLN B 329 8.87 30.21 -13.35
N VAL B 330 9.61 29.51 -12.52
CA VAL B 330 10.31 28.33 -12.92
C VAL B 330 10.01 27.17 -11.99
N GLU B 331 9.85 25.96 -12.54
CA GLU B 331 9.74 24.78 -11.70
C GLU B 331 10.89 23.86 -11.94
N VAL B 332 11.65 23.54 -10.89
CA VAL B 332 12.71 22.55 -10.99
C VAL B 332 12.48 21.45 -9.96
N VAL B 333 12.81 20.22 -10.34
CA VAL B 333 12.46 19.09 -9.54
C VAL B 333 13.67 18.21 -9.34
N SER B 334 13.86 17.69 -8.14
CA SER B 334 14.90 16.69 -7.94
C SER B 334 14.45 15.57 -6.99
N TRP B 335 15.04 14.39 -7.19
CA TRP B 335 14.75 13.21 -6.38
C TRP B 335 15.77 12.99 -5.27
N TYR B 336 15.34 12.31 -4.21
CA TYR B 336 16.26 11.88 -3.16
C TYR B 336 15.69 10.73 -2.34
N ASP B 337 16.53 9.75 -2.05
CA ASP B 337 16.18 8.72 -1.09
C ASP B 337 16.37 9.35 0.27
N ASN B 338 15.28 9.76 0.91
CA ASN B 338 15.40 10.49 2.17
C ASN B 338 16.21 9.74 3.20
N GLU B 339 16.28 8.42 3.11
CA GLU B 339 17.11 7.64 4.04
C GLU B 339 18.57 7.57 3.57
N ASN B 340 18.80 6.92 2.44
CA ASN B 340 20.17 6.64 2.01
C ASN B 340 20.88 7.79 1.29
N SER B 341 20.13 8.64 0.58
CA SER B 341 20.72 9.84 -0.01
C SER B 341 21.27 10.71 1.09
N TYR B 342 20.46 10.94 2.12
CA TYR B 342 20.89 11.72 3.26
C TYR B 342 22.12 11.10 3.93
N THR B 343 22.08 9.78 4.10
CA THR B 343 23.13 9.07 4.81
C THR B 343 24.46 9.18 4.06
N SER B 344 24.40 9.07 2.74
CA SER B 344 25.60 9.12 1.92
C SER B 344 26.27 10.48 2.02
N GLN B 345 25.45 11.53 2.11
CA GLN B 345 25.96 12.89 2.29
C GLN B 345 26.57 13.02 3.69
N MET B 346 25.89 12.49 4.70
CA MET B 346 26.36 12.61 6.08
C MET B 346 27.64 11.83 6.31
N VAL B 347 27.79 10.70 5.62
CA VAL B 347 29.00 9.90 5.74
C VAL B 347 30.16 10.64 5.06
N ARG B 348 29.88 11.26 3.92
CA ARG B 348 30.89 12.10 3.27
C ARG B 348 31.33 13.24 4.19
N THR B 349 30.38 13.85 4.88
CA THR B 349 30.70 14.94 5.80
C THR B 349 31.54 14.45 6.98
N ILE B 350 31.17 13.31 7.55
CA ILE B 350 31.90 12.74 8.67
C ILE B 350 33.34 12.41 8.32
N LYS B 351 33.53 11.82 7.15
CA LYS B 351 34.86 11.44 6.70
C LYS B 351 35.77 12.66 6.50
N TYR B 352 35.17 13.76 6.05
CA TYR B 352 35.93 15.00 5.89
C TYR B 352 36.23 15.60 7.26
N PHE B 353 35.22 15.52 8.14
CA PHE B 353 35.31 16.06 9.49
C PHE B 353 36.43 15.42 10.31
N GLU B 354 36.74 14.16 9.98
CA GLU B 354 37.72 13.37 10.72
C GLU B 354 39.14 13.93 10.63
N LYS B 355 39.39 14.75 9.62
CA LYS B 355 40.70 15.39 9.44
C LYS B 355 41.08 16.25 10.65
N PHE B 356 40.06 16.74 11.36
CA PHE B 356 40.25 17.61 12.51
C PHE B 356 40.46 16.82 13.79
N VAL B 357 40.49 15.49 13.68
CA VAL B 357 40.75 14.61 14.81
C VAL B 357 42.18 14.08 14.76
N SER C 17 32.19 -25.57 -27.61
CA SER C 17 31.52 -25.40 -28.90
C SER C 17 30.58 -24.21 -28.87
N MET C 18 29.68 -24.14 -29.84
CA MET C 18 28.72 -23.06 -29.96
C MET C 18 27.73 -22.99 -28.80
N ALA C 19 27.42 -21.78 -28.37
CA ALA C 19 26.49 -21.57 -27.26
C ALA C 19 25.07 -21.89 -27.72
N VAL C 20 24.23 -22.37 -26.79
CA VAL C 20 22.85 -22.69 -27.14
C VAL C 20 22.06 -21.42 -27.39
N LYS C 21 21.35 -21.40 -28.51
CA LYS C 21 20.55 -20.25 -28.92
C LYS C 21 19.18 -20.23 -28.29
N VAL C 22 18.90 -19.13 -27.60
CA VAL C 22 17.71 -18.97 -26.77
C VAL C 22 16.91 -17.76 -27.21
N ALA C 23 15.60 -17.93 -27.35
CA ALA C 23 14.71 -16.82 -27.64
C ALA C 23 13.71 -16.70 -26.50
N ILE C 24 13.32 -15.48 -26.15
CA ILE C 24 12.33 -15.28 -25.11
C ILE C 24 11.03 -14.77 -25.71
N ASN C 25 9.94 -15.50 -25.49
CA ASN C 25 8.64 -15.02 -25.93
C ASN C 25 7.89 -14.43 -24.75
N GLY C 26 7.75 -13.11 -24.74
CA GLY C 26 7.15 -12.44 -23.61
C GLY C 26 8.22 -11.89 -22.67
N PHE C 27 8.48 -10.58 -22.76
CA PHE C 27 9.49 -9.93 -21.94
C PHE C 27 8.81 -9.30 -20.72
N GLY C 28 8.09 -10.11 -19.96
CA GLY C 28 7.37 -9.64 -18.79
C GLY C 28 8.17 -9.79 -17.52
N ARG C 29 7.49 -9.84 -16.37
CA ARG C 29 8.16 -10.02 -15.09
C ARG C 29 9.09 -11.22 -15.15
N ILE C 30 8.57 -12.39 -15.52
CA ILE C 30 9.39 -13.60 -15.56
C ILE C 30 10.44 -13.53 -16.67
N GLY C 31 10.00 -13.13 -17.85
CA GLY C 31 10.89 -13.03 -19.00
C GLY C 31 12.09 -12.14 -18.75
N ARG C 32 11.89 -10.99 -18.12
CA ARG C 32 12.99 -10.07 -17.85
C ARG C 32 13.92 -10.60 -16.77
N LEU C 33 13.35 -11.24 -15.74
CA LEU C 33 14.16 -11.86 -14.69
C LEU C 33 14.96 -13.07 -15.21
N ALA C 34 14.35 -13.83 -16.12
CA ALA C 34 15.08 -14.95 -16.74
C ALA C 34 16.20 -14.36 -17.60
N PHE C 35 15.92 -13.25 -18.28
CA PHE C 35 16.94 -12.54 -19.04
C PHE C 35 18.15 -12.17 -18.15
N ARG C 36 17.90 -11.63 -16.96
CA ARG C 36 19.00 -11.23 -16.08
C ARG C 36 19.93 -12.41 -15.82
N GLN C 37 19.36 -13.61 -15.69
CA GLN C 37 20.17 -14.78 -15.38
C GLN C 37 20.73 -15.50 -16.62
N MET C 38 19.98 -15.52 -17.71
CA MET C 38 20.45 -16.17 -18.93
C MET C 38 21.53 -15.34 -19.63
N PHE C 39 21.42 -14.02 -19.56
CA PHE C 39 22.36 -13.13 -20.24
C PHE C 39 23.79 -13.29 -19.70
N GLY C 40 23.91 -13.71 -18.45
CA GLY C 40 25.20 -13.94 -17.83
C GLY C 40 25.71 -15.35 -18.06
N HIS C 41 24.87 -16.21 -18.60
CA HIS C 41 25.22 -17.61 -18.81
C HIS C 41 26.17 -17.80 -19.99
N GLU C 42 27.40 -18.20 -19.68
CA GLU C 42 28.42 -18.45 -20.70
C GLU C 42 28.00 -19.53 -21.70
N GLY C 43 27.21 -20.51 -21.24
CA GLY C 43 26.79 -21.62 -22.10
C GLY C 43 25.58 -21.31 -22.96
N SER C 44 25.10 -20.06 -22.89
CA SER C 44 23.91 -19.66 -23.63
C SER C 44 24.09 -18.31 -24.31
N GLU C 45 23.25 -18.07 -25.30
CA GLU C 45 23.23 -16.81 -26.02
C GLU C 45 21.79 -16.42 -26.32
N ILE C 46 21.34 -15.30 -25.80
CA ILE C 46 19.98 -14.84 -26.09
C ILE C 46 19.96 -14.13 -27.44
N VAL C 47 19.29 -14.75 -28.41
CA VAL C 47 19.35 -14.27 -29.79
C VAL C 47 18.22 -13.29 -30.11
N ALA C 48 17.05 -13.54 -29.55
CA ALA C 48 15.91 -12.71 -29.88
C ALA C 48 14.93 -12.60 -28.73
N ILE C 49 14.16 -11.53 -28.73
CA ILE C 49 13.06 -11.34 -27.79
C ILE C 49 11.82 -10.89 -28.55
N ASN C 50 10.67 -11.49 -28.21
CA ASN C 50 9.41 -11.10 -28.83
C ASN C 50 8.42 -10.58 -27.79
N ASP C 51 7.76 -9.49 -28.09
CA ASP C 51 6.70 -8.97 -27.22
C ASP C 51 5.66 -8.22 -28.06
N LEU C 52 4.90 -7.35 -27.41
CA LEU C 52 3.86 -6.64 -28.11
C LEU C 52 4.15 -5.13 -28.12
N THR C 53 5.41 -4.74 -27.93
CA THR C 53 5.76 -3.33 -27.84
C THR C 53 7.11 -3.00 -28.51
N ASP C 54 7.47 -1.72 -28.55
CA ASP C 54 8.71 -1.32 -29.23
C ASP C 54 9.94 -1.42 -28.33
N PRO C 55 11.13 -1.37 -28.94
CA PRO C 55 12.41 -1.49 -28.23
C PRO C 55 12.65 -0.50 -27.08
N LYS C 56 12.21 0.75 -27.17
CA LYS C 56 12.48 1.69 -26.08
C LYS C 56 11.70 1.26 -24.82
N MET C 57 10.48 0.79 -24.99
CA MET C 57 9.66 0.33 -23.86
C MET C 57 10.33 -0.86 -23.16
N LEU C 58 10.80 -1.83 -23.95
CA LEU C 58 11.42 -3.03 -23.41
C LEU C 58 12.73 -2.71 -22.71
N ALA C 59 13.50 -1.79 -23.29
CA ALA C 59 14.77 -1.36 -22.69
C ALA C 59 14.55 -0.62 -21.37
N ASN C 60 13.52 0.20 -21.29
CA ASN C 60 13.24 0.90 -20.04
C ASN C 60 12.76 -0.06 -18.94
N LEU C 61 11.96 -1.06 -19.29
CA LEU C 61 11.49 -2.04 -18.31
C LEU C 61 12.66 -2.88 -17.79
N LEU C 62 13.61 -3.19 -18.66
CA LEU C 62 14.80 -3.96 -18.28
C LEU C 62 15.72 -3.17 -17.37
N LYS C 63 15.84 -1.88 -17.68
CA LYS C 63 16.70 -0.97 -16.94
C LYS C 63 16.24 -0.75 -15.49
N TYR C 64 14.95 -0.48 -15.32
CA TYR C 64 14.41 -0.08 -14.02
C TYR C 64 13.35 -1.03 -13.52
N ASP C 65 13.48 -1.50 -12.28
CA ASP C 65 12.48 -2.42 -11.74
C ASP C 65 12.03 -2.01 -10.33
N SER C 66 10.73 -1.84 -10.15
CA SER C 66 10.17 -1.37 -8.89
C SER C 66 10.42 -2.30 -7.69
N SER C 67 10.55 -3.61 -7.90
CA SER C 67 10.75 -4.52 -6.77
CA SER C 67 10.75 -4.52 -6.77
C SER C 67 12.09 -5.26 -6.82
N GLN C 68 12.62 -5.47 -8.01
CA GLN C 68 13.79 -6.33 -8.12
C GLN C 68 15.10 -5.59 -8.35
N GLY C 69 15.07 -4.26 -8.23
CA GLY C 69 16.30 -3.50 -8.26
C GLY C 69 16.60 -2.78 -9.57
N ASN C 70 17.50 -1.81 -9.46
CA ASN C 70 17.89 -0.96 -10.57
C ASN C 70 19.02 -1.61 -11.38
N TYR C 71 18.64 -2.21 -12.51
CA TYR C 71 19.54 -3.00 -13.36
C TYR C 71 20.49 -2.07 -14.11
N ALA C 72 20.02 -0.88 -14.44
CA ALA C 72 20.86 0.10 -15.13
C ALA C 72 22.06 0.58 -14.30
N ARG C 73 22.09 0.30 -12.99
CA ARG C 73 23.24 0.72 -12.16
C ARG C 73 24.49 -0.10 -12.46
N ASN C 74 24.32 -1.29 -12.99
CA ASN C 74 25.44 -2.19 -13.26
C ASN C 74 25.55 -2.62 -14.71
N HIS C 75 24.61 -2.19 -15.53
CA HIS C 75 24.61 -2.53 -16.94
C HIS C 75 24.18 -1.39 -17.83
N SER C 76 24.68 -1.40 -19.04
CA SER C 76 24.34 -0.39 -19.98
C SER C 76 23.28 -0.94 -20.88
N VAL C 77 22.14 -0.30 -20.94
CA VAL C 77 21.08 -0.78 -21.78
C VAL C 77 20.70 0.30 -22.77
N VAL C 78 20.68 -0.05 -24.03
CA VAL C 78 20.39 0.93 -25.08
C VAL C 78 19.44 0.40 -26.16
N ALA C 79 18.41 1.17 -26.48
CA ALA C 79 17.44 0.76 -27.48
C ALA C 79 17.78 1.23 -28.89
N GLY C 80 17.62 0.34 -29.86
CA GLY C 80 17.80 0.69 -31.24
C GLY C 80 16.46 0.70 -31.94
N GLU C 81 16.48 0.70 -33.27
CA GLU C 81 15.25 0.79 -34.05
C GLU C 81 14.47 -0.53 -34.02
N ASP C 82 15.23 -1.63 -34.03
CA ASP C 82 14.67 -2.96 -34.16
C ASP C 82 15.37 -3.92 -33.20
N SER C 83 16.07 -3.37 -32.24
CA SER C 83 16.91 -4.17 -31.35
C SER C 83 17.17 -3.46 -30.02
N ILE C 84 17.76 -4.19 -29.08
CA ILE C 84 18.34 -3.57 -27.90
C ILE C 84 19.79 -4.01 -27.81
N THR C 85 20.61 -3.20 -27.14
CA THR C 85 22.01 -3.54 -26.93
C THR C 85 22.29 -3.51 -25.44
N VAL C 86 22.66 -4.65 -24.87
CA VAL C 86 23.00 -4.73 -23.46
C VAL C 86 24.47 -5.08 -23.30
N ASP C 87 25.24 -4.19 -22.68
CA ASP C 87 26.69 -4.41 -22.51
C ASP C 87 27.40 -4.79 -23.81
N GLY C 88 27.05 -4.10 -24.90
CA GLY C 88 27.67 -4.33 -26.18
C GLY C 88 27.01 -5.41 -27.02
N LYS C 89 26.29 -6.33 -26.37
CA LYS C 89 25.64 -7.41 -27.10
C LYS C 89 24.28 -7.00 -27.64
N THR C 90 24.10 -7.11 -28.96
CA THR C 90 22.85 -6.69 -29.60
C THR C 90 21.84 -7.84 -29.72
N ILE C 91 20.61 -7.59 -29.29
CA ILE C 91 19.57 -8.60 -29.33
C ILE C 91 18.41 -8.12 -30.15
N LYS C 92 17.98 -8.89 -31.15
CA LYS C 92 16.90 -8.42 -31.99
C LYS C 92 15.54 -8.54 -31.30
N ILE C 93 14.67 -7.60 -31.63
CA ILE C 93 13.36 -7.52 -31.00
C ILE C 93 12.26 -7.68 -32.02
N TYR C 94 11.29 -8.53 -31.69
CA TYR C 94 10.16 -8.79 -32.58
C TYR C 94 8.85 -8.39 -31.91
N LYS C 95 7.85 -8.14 -32.75
CA LYS C 95 6.52 -7.76 -32.27
C LYS C 95 5.48 -8.58 -33.00
N GLU C 96 5.39 -9.87 -32.64
CA GLU C 96 4.50 -10.78 -33.35
C GLU C 96 3.54 -11.45 -32.36
N ALA C 97 2.27 -11.09 -32.40
CA ALA C 97 1.28 -11.66 -31.48
C ALA C 97 1.04 -13.16 -31.71
N ASP C 98 1.27 -13.63 -32.94
CA ASP C 98 1.15 -15.05 -33.28
C ASP C 98 2.51 -15.69 -33.55
N ALA C 99 2.86 -16.71 -32.76
CA ALA C 99 4.19 -17.31 -32.83
C ALA C 99 4.51 -17.91 -34.19
N HIS C 100 3.50 -18.22 -34.98
CA HIS C 100 3.75 -18.84 -36.28
C HIS C 100 4.54 -17.91 -37.17
N ASN C 101 4.38 -16.60 -36.94
CA ASN C 101 5.05 -15.55 -37.71
C ASN C 101 6.48 -15.24 -37.28
N LEU C 102 6.96 -15.91 -36.25
CA LEU C 102 8.30 -15.67 -35.76
C LEU C 102 9.29 -16.50 -36.57
N PRO C 103 10.44 -15.91 -36.88
CA PRO C 103 11.49 -16.54 -37.68
C PRO C 103 12.46 -17.38 -36.85
N TRP C 104 11.96 -18.28 -36.01
CA TRP C 104 12.81 -19.08 -35.14
C TRP C 104 13.76 -19.93 -35.99
N GLY C 105 13.24 -20.43 -37.11
CA GLY C 105 13.98 -21.28 -38.02
C GLY C 105 15.22 -20.65 -38.63
N GLU C 106 15.10 -19.43 -39.16
CA GLU C 106 16.27 -18.76 -39.76
C GLU C 106 17.30 -18.32 -38.71
N LEU C 107 16.84 -18.09 -37.49
CA LEU C 107 17.72 -17.71 -36.38
C LEU C 107 18.35 -18.91 -35.68
N ASN C 108 17.97 -20.10 -36.12
CA ASN C 108 18.46 -21.33 -35.53
C ASN C 108 18.27 -21.36 -34.02
N VAL C 109 17.05 -21.00 -33.59
CA VAL C 109 16.72 -20.98 -32.19
C VAL C 109 16.63 -22.41 -31.66
N ASP C 110 17.32 -22.65 -30.56
CA ASP C 110 17.34 -23.96 -29.91
C ASP C 110 16.20 -24.09 -28.91
N VAL C 111 16.13 -23.16 -27.96
CA VAL C 111 15.08 -23.17 -26.94
C VAL C 111 14.26 -21.88 -26.92
N VAL C 112 12.94 -22.02 -26.86
CA VAL C 112 12.08 -20.87 -26.64
C VAL C 112 11.60 -20.89 -25.19
N LEU C 113 11.87 -19.79 -24.49
CA LEU C 113 11.33 -19.52 -23.17
C LEU C 113 9.99 -18.83 -23.36
N GLU C 114 8.91 -19.57 -23.15
CA GLU C 114 7.59 -19.07 -23.43
C GLU C 114 6.99 -18.48 -22.15
N CYS C 115 7.00 -17.15 -22.05
CA CYS C 115 6.60 -16.48 -20.81
C CYS C 115 5.50 -15.46 -21.06
N THR C 116 4.66 -15.67 -22.07
CA THR C 116 3.60 -14.69 -22.36
C THR C 116 2.34 -14.92 -21.52
N GLY C 117 2.12 -16.18 -21.12
CA GLY C 117 0.88 -16.58 -20.48
C GLY C 117 -0.23 -16.89 -21.49
N PHE C 118 0.12 -16.90 -22.78
CA PHE C 118 -0.86 -17.11 -23.85
C PHE C 118 -0.62 -18.38 -24.67
N TYR C 119 0.39 -19.15 -24.31
CA TYR C 119 0.69 -20.41 -25.00
C TYR C 119 0.76 -21.58 -24.02
N THR C 120 -0.15 -21.60 -23.04
CA THR C 120 -0.06 -22.57 -21.96
C THR C 120 -0.78 -23.88 -22.26
N SER C 121 -0.45 -24.49 -23.39
CA SER C 121 -0.87 -25.85 -23.66
C SER C 121 0.11 -26.38 -24.67
N LYS C 122 0.27 -27.68 -24.70
CA LYS C 122 1.22 -28.31 -25.60
C LYS C 122 0.84 -27.98 -27.04
N ALA C 123 -0.46 -27.86 -27.30
CA ALA C 123 -0.96 -27.54 -28.65
C ALA C 123 -0.64 -26.09 -29.06
N LYS C 124 -0.79 -25.15 -28.13
CA LYS C 124 -0.51 -23.76 -28.44
C LYS C 124 0.99 -23.53 -28.62
N ALA C 125 1.79 -24.14 -27.74
CA ALA C 125 3.24 -23.93 -27.74
C ALA C 125 3.88 -24.55 -28.96
N GLN C 126 3.15 -25.48 -29.57
CA GLN C 126 3.61 -26.17 -30.77
C GLN C 126 3.90 -25.18 -31.91
N ALA C 127 3.27 -24.01 -31.85
CA ALA C 127 3.50 -22.97 -32.84
C ALA C 127 4.98 -22.61 -32.92
N HIS C 128 5.65 -22.59 -31.78
CA HIS C 128 7.07 -22.26 -31.73
C HIS C 128 7.87 -23.32 -32.45
N ILE C 129 7.45 -24.58 -32.27
CA ILE C 129 8.13 -25.67 -32.92
C ILE C 129 7.89 -25.59 -34.44
N ASP C 130 6.65 -25.28 -34.83
CA ASP C 130 6.30 -25.09 -36.24
C ASP C 130 7.11 -23.95 -36.89
N ALA C 131 7.37 -22.90 -36.12
CA ALA C 131 8.10 -21.75 -36.65
C ALA C 131 9.58 -22.07 -36.81
N GLY C 132 10.02 -23.20 -36.25
CA GLY C 132 11.40 -23.63 -36.40
C GLY C 132 12.23 -23.78 -35.13
N ALA C 133 11.60 -23.65 -33.96
CA ALA C 133 12.32 -23.83 -32.70
C ALA C 133 12.49 -25.34 -32.45
N LYS C 134 13.49 -25.71 -31.64
CA LYS C 134 13.73 -27.12 -31.34
C LYS C 134 13.07 -27.57 -30.02
N LYS C 135 13.04 -26.67 -29.05
CA LYS C 135 12.49 -26.96 -27.74
C LYS C 135 11.73 -25.76 -27.17
N VAL C 136 10.73 -26.02 -26.35
CA VAL C 136 9.98 -24.95 -25.71
C VAL C 136 9.82 -25.24 -24.22
N VAL C 137 10.08 -24.23 -23.40
CA VAL C 137 9.86 -24.29 -21.96
C VAL C 137 8.80 -23.26 -21.59
N ILE C 138 7.65 -23.73 -21.12
CA ILE C 138 6.54 -22.83 -20.78
C ILE C 138 6.65 -22.43 -19.30
N SER C 139 6.63 -21.13 -19.03
CA SER C 139 6.84 -20.65 -17.67
C SER C 139 5.56 -20.65 -16.84
N ALA C 140 4.77 -21.73 -16.96
CA ALA C 140 3.52 -21.89 -16.24
C ALA C 140 3.02 -23.32 -16.38
N PRO C 141 2.04 -23.71 -15.54
CA PRO C 141 1.37 -24.98 -15.79
C PRO C 141 0.70 -24.91 -17.17
N ALA C 142 0.73 -26.01 -17.90
CA ALA C 142 0.24 -26.01 -19.28
C ALA C 142 -0.43 -27.34 -19.62
N GLY C 143 -1.17 -27.89 -18.65
CA GLY C 143 -1.95 -29.09 -18.87
C GLY C 143 -1.53 -30.29 -18.03
N LYS C 144 -2.18 -31.43 -18.24
CA LYS C 144 -1.87 -32.62 -17.46
C LYS C 144 -1.04 -33.58 -18.29
N ASP C 145 -0.85 -33.23 -19.56
CA ASP C 145 -0.28 -34.12 -20.59
C ASP C 145 1.15 -33.77 -21.05
N LEU C 146 1.85 -32.93 -20.30
CA LEU C 146 3.25 -32.67 -20.62
C LEU C 146 4.12 -32.74 -19.37
N PRO C 147 5.43 -32.98 -19.55
CA PRO C 147 6.41 -33.01 -18.46
C PRO C 147 6.39 -31.71 -17.67
N THR C 148 6.18 -31.80 -16.36
CA THR C 148 6.13 -30.63 -15.49
C THR C 148 7.27 -30.70 -14.49
N ILE C 149 8.18 -29.73 -14.57
CA ILE C 149 9.46 -29.88 -13.91
C ILE C 149 9.69 -28.89 -12.79
N VAL C 150 10.02 -29.42 -11.62
CA VAL C 150 10.54 -28.62 -10.51
C VAL C 150 11.98 -29.04 -10.29
N TYR C 151 12.91 -28.14 -10.55
CA TYR C 151 14.33 -28.50 -10.45
C TYR C 151 14.67 -29.04 -9.07
N ASN C 152 15.52 -30.07 -9.07
CA ASN C 152 15.90 -30.80 -7.86
C ASN C 152 14.76 -31.54 -7.18
N VAL C 153 13.74 -31.86 -7.96
CA VAL C 153 12.71 -32.78 -7.50
C VAL C 153 12.43 -33.84 -8.56
N ASN C 154 12.25 -33.44 -9.82
CA ASN C 154 12.00 -34.45 -10.85
C ASN C 154 12.56 -34.10 -12.22
N HIS C 155 13.57 -33.24 -12.26
CA HIS C 155 14.06 -32.76 -13.55
C HIS C 155 14.76 -33.88 -14.31
N GLU C 156 15.10 -34.95 -13.62
CA GLU C 156 15.81 -36.04 -14.27
C GLU C 156 14.88 -36.94 -15.10
N ILE C 157 13.57 -36.70 -15.05
CA ILE C 157 12.67 -37.44 -15.94
C ILE C 157 12.74 -36.94 -17.38
N LEU C 158 13.38 -35.79 -17.61
CA LEU C 158 13.47 -35.21 -18.96
C LEU C 158 14.25 -36.13 -19.89
N THR C 159 13.74 -36.31 -21.11
CA THR C 159 14.42 -37.12 -22.13
C THR C 159 14.53 -36.37 -23.45
N LYS C 160 15.28 -36.92 -24.39
CA LYS C 160 15.42 -36.30 -25.70
C LYS C 160 14.07 -36.20 -26.43
N ASP C 161 13.11 -37.06 -26.08
CA ASP C 161 11.81 -37.06 -26.74
C ASP C 161 10.83 -36.01 -26.21
N ASP C 162 11.27 -35.17 -25.28
CA ASP C 162 10.43 -34.09 -24.75
C ASP C 162 10.80 -32.78 -25.42
N ASN C 163 9.90 -32.27 -26.26
CA ASN C 163 10.15 -31.02 -27.01
C ASN C 163 9.51 -29.81 -26.38
N ILE C 164 8.40 -30.03 -25.67
CA ILE C 164 7.66 -28.95 -25.03
C ILE C 164 7.46 -29.34 -23.57
N ILE C 165 7.98 -28.53 -22.67
CA ILE C 165 7.86 -28.85 -21.26
C ILE C 165 7.34 -27.68 -20.45
N SER C 166 6.83 -27.98 -19.26
CA SER C 166 6.37 -26.96 -18.33
C SER C 166 7.32 -26.88 -17.13
N ALA C 167 7.60 -25.67 -16.68
CA ALA C 167 8.43 -25.46 -15.49
C ALA C 167 7.51 -25.24 -14.28
N ALA C 168 6.25 -25.66 -14.42
CA ALA C 168 5.27 -25.60 -13.35
C ALA C 168 4.97 -24.17 -12.95
N SER C 169 4.48 -23.97 -11.73
CA SER C 169 4.13 -22.64 -11.24
C SER C 169 5.01 -22.25 -10.05
N CYS C 170 4.98 -20.97 -9.67
CA CYS C 170 5.75 -20.49 -8.52
C CYS C 170 5.39 -21.27 -7.23
N THR C 171 4.11 -21.46 -6.97
CA THR C 171 3.65 -22.19 -5.79
C THR C 171 4.11 -23.67 -5.76
N THR C 172 4.07 -24.32 -6.92
CA THR C 172 4.52 -25.71 -7.06
C THR C 172 6.01 -25.88 -6.76
N ASN C 173 6.81 -24.88 -7.16
CA ASN C 173 8.25 -24.92 -6.88
C ASN C 173 8.53 -24.66 -5.39
N CYS C 174 7.57 -24.07 -4.70
CA CYS C 174 7.72 -23.86 -3.26
C CYS C 174 7.17 -25.04 -2.46
N LEU C 175 6.00 -25.52 -2.85
CA LEU C 175 5.34 -26.63 -2.16
C LEU C 175 6.06 -27.97 -2.30
N ALA C 176 6.52 -28.27 -3.52
CA ALA C 176 7.04 -29.59 -3.87
C ALA C 176 8.23 -30.07 -3.03
N PRO C 177 9.27 -29.25 -2.90
CA PRO C 177 10.44 -29.66 -2.11
C PRO C 177 10.04 -29.96 -0.67
N MET C 178 9.16 -29.13 -0.14
CA MET C 178 8.72 -29.24 1.24
C MET C 178 7.82 -30.47 1.44
N ALA C 179 6.88 -30.67 0.52
CA ALA C 179 5.97 -31.79 0.62
C ALA C 179 6.72 -33.11 0.47
N LYS C 180 7.73 -33.12 -0.40
CA LYS C 180 8.53 -34.31 -0.61
C LYS C 180 9.30 -34.69 0.66
N ALA C 181 9.94 -33.72 1.28
CA ALA C 181 10.73 -33.99 2.49
C ALA C 181 9.85 -34.46 3.64
N LEU C 182 8.68 -33.86 3.78
CA LEU C 182 7.76 -34.29 4.83
C LEU C 182 7.29 -35.72 4.56
N ASN C 183 6.89 -35.97 3.33
CA ASN C 183 6.35 -37.27 2.98
C ASN C 183 7.38 -38.35 3.18
N ASP C 184 8.63 -38.07 2.81
CA ASP C 184 9.72 -39.02 3.04
C ASP C 184 9.91 -39.28 4.52
N PHE C 185 9.64 -38.29 5.35
CA PHE C 185 9.85 -38.43 6.79
C PHE C 185 8.68 -39.11 7.52
N ALA C 186 7.46 -38.68 7.21
CA ALA C 186 6.25 -39.26 7.80
C ALA C 186 5.15 -39.20 6.77
N PRO C 187 4.80 -40.33 6.19
CA PRO C 187 3.86 -40.41 5.06
C PRO C 187 2.63 -39.52 5.19
N ILE C 188 2.36 -38.73 4.15
CA ILE C 188 1.20 -37.85 4.12
C ILE C 188 -0.07 -38.63 3.76
N GLN C 189 -1.10 -38.50 4.58
CA GLN C 189 -2.41 -39.11 4.32
C GLN C 189 -3.28 -38.22 3.46
N SER C 190 -3.29 -36.94 3.82
CA SER C 190 -3.96 -35.90 3.07
C SER C 190 -3.43 -34.57 3.54
N GLY C 191 -3.63 -33.52 2.74
CA GLY C 191 -3.13 -32.23 3.12
C GLY C 191 -3.93 -31.16 2.42
N ILE C 192 -4.04 -30.01 3.08
CA ILE C 192 -4.64 -28.85 2.48
C ILE C 192 -3.64 -27.69 2.55
N MET C 193 -3.44 -27.05 1.41
CA MET C 193 -2.49 -25.97 1.26
C MET C 193 -3.19 -24.64 1.14
N SER C 194 -2.65 -23.64 1.83
CA SER C 194 -3.07 -22.27 1.66
C SER C 194 -1.82 -21.45 1.36
N THR C 195 -1.84 -20.70 0.27
CA THR C 195 -0.71 -19.84 -0.05
C THR C 195 -1.14 -18.38 0.10
N ILE C 196 -0.37 -17.63 0.89
CA ILE C 196 -0.53 -16.18 1.02
C ILE C 196 0.41 -15.51 0.04
N HIS C 197 -0.16 -14.92 -1.00
CA HIS C 197 0.56 -14.68 -2.22
C HIS C 197 0.57 -13.20 -2.58
N ALA C 198 1.70 -12.68 -3.06
CA ALA C 198 1.77 -11.30 -3.54
C ALA C 198 0.82 -11.11 -4.71
N PHE C 199 0.33 -9.90 -4.92
CA PHE C 199 -0.51 -9.67 -6.09
C PHE C 199 0.36 -9.75 -7.33
N THR C 200 -0.25 -10.08 -8.47
CA THR C 200 0.47 -10.22 -9.74
C THR C 200 -0.27 -9.47 -10.87
N GLY C 201 0.26 -9.58 -12.08
CA GLY C 201 -0.25 -8.84 -13.22
C GLY C 201 -1.64 -9.24 -13.73
N ASP C 202 -2.15 -10.37 -13.27
CA ASP C 202 -3.48 -10.80 -13.70
C ASP C 202 -4.60 -10.31 -12.77
N GLN C 203 -4.26 -9.43 -11.83
CA GLN C 203 -5.28 -8.72 -11.06
C GLN C 203 -5.37 -7.29 -11.57
N MET C 204 -6.46 -6.62 -11.25
CA MET C 204 -6.71 -5.28 -11.72
C MET C 204 -6.11 -4.22 -10.80
N VAL C 205 -5.69 -3.10 -11.37
CA VAL C 205 -5.15 -2.04 -10.53
C VAL C 205 -6.26 -1.42 -9.64
N LEU C 206 -7.47 -1.23 -10.19
CA LEU C 206 -8.65 -0.79 -9.44
C LEU C 206 -9.84 -1.66 -9.91
N ASP C 207 -10.92 -1.72 -9.15
CA ASP C 207 -12.09 -2.53 -9.51
C ASP C 207 -12.48 -2.33 -10.99
N GLY C 208 -12.50 -3.40 -11.76
CA GLY C 208 -12.84 -3.30 -13.18
C GLY C 208 -13.04 -4.64 -13.86
N PRO C 209 -13.60 -4.62 -15.08
CA PRO C 209 -13.97 -5.88 -15.72
C PRO C 209 -12.75 -6.73 -16.02
N HIS C 210 -12.71 -7.94 -15.47
CA HIS C 210 -11.58 -8.83 -15.72
C HIS C 210 -11.80 -9.61 -17.01
N ARG C 211 -10.80 -9.66 -17.89
CA ARG C 211 -10.97 -10.23 -19.24
C ARG C 211 -11.31 -11.72 -19.21
N LYS C 212 -10.93 -12.42 -18.15
CA LYS C 212 -11.23 -13.83 -18.04
C LYS C 212 -12.47 -14.10 -17.20
N GLY C 213 -13.16 -13.06 -16.78
CA GLY C 213 -14.39 -13.24 -16.04
C GLY C 213 -14.27 -13.65 -14.59
N ASP C 214 -13.06 -13.61 -14.03
CA ASP C 214 -12.86 -13.93 -12.63
C ASP C 214 -13.27 -12.75 -11.76
N LEU C 215 -14.36 -12.92 -11.01
CA LEU C 215 -14.99 -11.81 -10.29
C LEU C 215 -14.14 -11.32 -9.11
N ARG C 216 -13.18 -12.11 -8.67
CA ARG C 216 -12.33 -11.71 -7.56
C ARG C 216 -11.02 -11.07 -8.03
N ARG C 217 -10.50 -11.56 -9.15
CA ARG C 217 -9.30 -10.95 -9.75
C ARG C 217 -9.66 -9.61 -10.43
N ALA C 218 -10.96 -9.33 -10.52
CA ALA C 218 -11.45 -8.07 -11.05
C ALA C 218 -11.33 -6.93 -10.02
N ARG C 219 -11.06 -7.27 -8.77
CA ARG C 219 -11.03 -6.28 -7.68
C ARG C 219 -9.64 -5.67 -7.51
N ALA C 220 -9.60 -4.46 -6.93
CA ALA C 220 -8.35 -3.73 -6.78
C ALA C 220 -7.31 -4.56 -6.03
N ALA C 221 -6.13 -4.75 -6.62
CA ALA C 221 -5.14 -5.68 -6.09
C ALA C 221 -4.47 -5.17 -4.82
N ALA C 222 -4.18 -3.88 -4.75
CA ALA C 222 -3.33 -3.35 -3.68
C ALA C 222 -4.04 -2.96 -2.38
N ILE C 223 -5.36 -3.10 -2.31
CA ILE C 223 -6.07 -2.76 -1.06
C ILE C 223 -7.02 -3.85 -0.58
N ASN C 224 -6.80 -5.09 -1.04
CA ASN C 224 -7.70 -6.20 -0.73
C ASN C 224 -6.94 -7.46 -0.44
N ILE C 225 -7.46 -8.23 0.50
CA ILE C 225 -7.18 -9.66 0.56
C ILE C 225 -8.11 -10.37 -0.41
N VAL C 226 -7.56 -11.09 -1.38
CA VAL C 226 -8.36 -11.67 -2.44
C VAL C 226 -8.24 -13.20 -2.52
N PRO C 227 -9.28 -13.93 -2.10
CA PRO C 227 -9.26 -15.38 -2.24
C PRO C 227 -9.13 -15.72 -3.71
N ASN C 228 -8.34 -16.73 -4.01
CA ASN C 228 -8.22 -17.16 -5.39
C ASN C 228 -7.95 -18.66 -5.48
N SER C 229 -8.33 -19.26 -6.59
CA SER C 229 -8.10 -20.69 -6.71
C SER C 229 -6.69 -20.92 -7.23
N THR C 230 -6.13 -22.06 -6.91
CA THR C 230 -4.83 -22.44 -7.46
C THR C 230 -4.79 -23.94 -7.65
N GLY C 231 -4.13 -24.36 -8.71
CA GLY C 231 -4.11 -25.77 -9.06
C GLY C 231 -2.83 -26.44 -8.61
N ALA C 232 -1.98 -25.70 -7.90
CA ALA C 232 -0.69 -26.25 -7.47
C ALA C 232 -0.84 -27.54 -6.67
N ALA C 233 -1.77 -27.62 -5.75
CA ALA C 233 -1.84 -28.82 -4.92
C ALA C 233 -2.43 -30.00 -5.68
N LYS C 234 -3.51 -29.74 -6.40
CA LYS C 234 -4.20 -30.80 -7.13
C LYS C 234 -3.33 -31.43 -8.19
N ALA C 235 -2.37 -30.66 -8.70
CA ALA C 235 -1.54 -31.17 -9.77
C ALA C 235 -0.15 -31.61 -9.26
N ILE C 236 -0.01 -31.82 -7.95
CA ILE C 236 1.29 -32.16 -7.39
C ILE C 236 1.74 -33.53 -7.91
N GLY C 237 0.77 -34.33 -8.36
CA GLY C 237 1.03 -35.66 -8.87
C GLY C 237 1.97 -35.70 -10.07
N LEU C 238 1.98 -34.62 -10.85
CA LEU C 238 2.88 -34.55 -12.01
C LEU C 238 4.36 -34.42 -11.62
N VAL C 239 4.63 -33.88 -10.45
CA VAL C 239 5.99 -33.62 -10.00
C VAL C 239 6.41 -34.66 -8.98
N ILE C 240 5.51 -34.98 -8.05
CA ILE C 240 5.73 -36.01 -7.04
C ILE C 240 4.65 -37.09 -7.12
N PRO C 241 4.84 -38.11 -7.96
CA PRO C 241 3.82 -39.14 -8.17
C PRO C 241 3.30 -39.85 -6.89
N GLU C 242 4.13 -40.04 -5.87
CA GLU C 242 3.63 -40.67 -4.65
C GLU C 242 2.60 -39.79 -3.91
N LEU C 243 2.53 -38.49 -4.21
CA LEU C 243 1.54 -37.60 -3.60
C LEU C 243 0.32 -37.37 -4.48
N ASN C 244 0.30 -38.00 -5.65
CA ASN C 244 -0.80 -37.85 -6.60
C ASN C 244 -2.16 -38.05 -5.93
N GLY C 245 -3.00 -37.04 -6.01
CA GLY C 245 -4.36 -37.12 -5.48
C GLY C 245 -4.49 -36.86 -3.98
N LYS C 246 -3.41 -36.51 -3.30
CA LYS C 246 -3.48 -36.36 -1.85
C LYS C 246 -3.65 -34.93 -1.33
N LEU C 247 -3.35 -33.94 -2.16
CA LEU C 247 -3.40 -32.54 -1.71
C LEU C 247 -4.42 -31.71 -2.46
N ILE C 248 -5.09 -30.83 -1.73
CA ILE C 248 -5.87 -29.79 -2.36
C ILE C 248 -5.42 -28.45 -1.76
N GLY C 249 -5.89 -27.37 -2.34
CA GLY C 249 -5.47 -26.07 -1.85
C GLY C 249 -6.03 -24.87 -2.58
N SER C 250 -5.70 -23.70 -2.06
CA SER C 250 -6.17 -22.43 -2.58
C SER C 250 -5.25 -21.31 -2.13
N ALA C 251 -5.57 -20.08 -2.54
CA ALA C 251 -4.68 -18.94 -2.36
C ALA C 251 -5.39 -17.75 -1.75
N GLN C 252 -4.61 -16.88 -1.12
CA GLN C 252 -5.08 -15.55 -0.74
C GLN C 252 -4.07 -14.56 -1.30
N ARG C 253 -4.49 -13.72 -2.24
CA ARG C 253 -3.63 -12.66 -2.77
C ARG C 253 -3.70 -11.46 -1.84
N VAL C 254 -2.55 -10.94 -1.42
CA VAL C 254 -2.54 -9.79 -0.49
C VAL C 254 -1.70 -8.61 -1.04
N PRO C 255 -1.82 -7.40 -0.43
CA PRO C 255 -1.11 -6.25 -1.01
C PRO C 255 0.42 -6.15 -0.78
N VAL C 256 1.21 -7.13 -1.22
CA VAL C 256 2.65 -6.95 -1.39
C VAL C 256 3.01 -7.20 -2.85
N PRO C 257 3.95 -6.41 -3.41
CA PRO C 257 4.24 -6.54 -4.84
C PRO C 257 4.99 -7.82 -5.22
N THR C 258 5.68 -8.42 -4.26
CA THR C 258 6.38 -9.67 -4.51
C THR C 258 6.77 -10.31 -3.17
N GLY C 259 6.92 -11.64 -3.16
CA GLY C 259 7.22 -12.36 -1.95
C GLY C 259 5.97 -13.06 -1.46
N SER C 260 6.05 -14.38 -1.26
CA SER C 260 4.86 -15.14 -0.92
C SER C 260 5.19 -16.24 0.10
N THR C 261 4.15 -16.82 0.66
CA THR C 261 4.36 -17.91 1.61
C THR C 261 3.36 -19.06 1.45
N THR C 262 3.83 -20.28 1.56
CA THR C 262 2.99 -21.46 1.44
C THR C 262 2.84 -22.19 2.75
N LEU C 263 1.60 -22.42 3.17
CA LEU C 263 1.31 -23.12 4.38
C LEU C 263 0.62 -24.46 4.07
N LEU C 264 1.19 -25.55 4.51
CA LEU C 264 0.62 -26.87 4.28
C LEU C 264 0.12 -27.52 5.55
N PHE C 265 -1.14 -27.86 5.58
CA PHE C 265 -1.74 -28.52 6.72
C PHE C 265 -1.97 -29.99 6.42
N ALA C 266 -1.09 -30.84 6.93
CA ALA C 266 -1.06 -32.23 6.53
C ALA C 266 -1.41 -33.16 7.68
N VAL C 267 -2.12 -34.23 7.34
CA VAL C 267 -2.31 -35.34 8.24
C VAL C 267 -1.24 -36.36 7.87
N VAL C 268 -0.35 -36.68 8.81
CA VAL C 268 0.71 -37.65 8.57
C VAL C 268 0.55 -38.84 9.50
N LYS C 269 0.97 -40.02 9.05
CA LYS C 269 0.83 -41.21 9.87
C LYS C 269 2.22 -41.75 10.10
N SER C 270 2.59 -41.94 11.37
CA SER C 270 3.92 -42.44 11.66
C SER C 270 4.09 -43.05 13.06
N ASP C 271 5.01 -43.99 13.14
CA ASP C 271 5.37 -44.67 14.37
C ASP C 271 6.53 -43.95 15.06
N LYS C 272 7.15 -43.04 14.33
CA LYS C 272 8.26 -42.26 14.85
C LYS C 272 7.74 -41.25 15.86
N GLU C 273 8.66 -40.57 16.54
CA GLU C 273 8.29 -39.43 17.36
C GLU C 273 8.09 -38.24 16.46
N ILE C 274 6.85 -37.82 16.27
CA ILE C 274 6.59 -36.67 15.44
C ILE C 274 6.40 -35.42 16.31
N THR C 275 7.41 -34.57 16.33
CA THR C 275 7.35 -33.33 17.11
C THR C 275 7.83 -32.18 16.24
N VAL C 276 7.66 -30.95 16.73
CA VAL C 276 8.14 -29.77 16.01
C VAL C 276 9.62 -29.89 15.71
N ASP C 277 10.39 -30.39 16.67
CA ASP C 277 11.83 -30.51 16.49
C ASP C 277 12.23 -31.60 15.50
N SER C 278 11.58 -32.77 15.57
CA SER C 278 11.91 -33.84 14.65
C SER C 278 11.47 -33.47 13.23
N ILE C 279 10.34 -32.79 13.12
CA ILE C 279 9.90 -32.23 11.84
C ILE C 279 10.94 -31.27 11.26
N ASN C 280 11.41 -30.33 12.09
CA ASN C 280 12.35 -29.31 11.63
C ASN C 280 13.69 -29.94 11.20
N ALA C 281 14.13 -30.92 11.99
CA ALA C 281 15.40 -31.59 11.74
C ALA C 281 15.39 -32.37 10.42
N ALA C 282 14.28 -33.03 10.11
CA ALA C 282 14.11 -33.67 8.81
C ALA C 282 14.14 -32.64 7.67
N MET C 283 13.47 -31.51 7.84
CA MET C 283 13.48 -30.49 6.79
C MET C 283 14.90 -29.97 6.56
N LYS C 284 15.64 -29.76 7.65
CA LYS C 284 17.03 -29.33 7.56
C LYS C 284 17.93 -30.37 6.85
N ALA C 285 17.72 -31.66 7.14
CA ALA C 285 18.51 -32.71 6.49
C ALA C 285 18.23 -32.76 4.99
N ALA C 286 17.02 -32.37 4.58
CA ALA C 286 16.62 -32.41 3.17
C ALA C 286 16.99 -31.15 2.40
N SER C 287 17.56 -30.17 3.09
CA SER C 287 17.86 -28.92 2.42
C SER C 287 19.08 -29.10 1.51
N ASP C 288 19.24 -28.20 0.56
CA ASP C 288 20.36 -28.24 -0.36
C ASP C 288 20.71 -26.81 -0.71
N PRO C 289 21.92 -26.58 -1.22
CA PRO C 289 22.40 -25.20 -1.42
C PRO C 289 21.68 -24.42 -2.54
N GLU C 290 20.96 -25.09 -3.43
CA GLU C 290 20.35 -24.41 -4.58
C GLU C 290 18.84 -24.18 -4.46
N THR C 291 18.11 -25.25 -4.15
CA THR C 291 16.67 -25.24 -4.29
C THR C 291 15.90 -25.07 -2.98
N PHE C 292 16.28 -25.83 -1.97
CA PHE C 292 15.50 -25.91 -0.73
C PHE C 292 16.34 -25.46 0.47
N GLY C 293 16.08 -24.24 0.94
CA GLY C 293 16.82 -23.71 2.05
C GLY C 293 16.09 -23.85 3.36
N TYR C 294 16.82 -23.68 4.46
CA TYR C 294 16.29 -23.84 5.81
C TYR C 294 16.50 -22.55 6.60
N ASN C 295 15.43 -22.03 7.21
CA ASN C 295 15.51 -20.78 7.98
C ASN C 295 15.02 -20.89 9.43
N GLU C 296 15.73 -20.26 10.35
CA GLU C 296 15.26 -20.20 11.72
C GLU C 296 15.23 -18.76 12.29
N ASP C 297 15.43 -17.76 11.45
CA ASP C 297 15.28 -16.36 11.89
C ASP C 297 13.84 -15.84 11.70
N PRO C 298 13.46 -14.81 12.46
CA PRO C 298 12.11 -14.21 12.32
C PRO C 298 11.99 -13.25 11.11
N ILE C 299 12.12 -13.81 9.91
CA ILE C 299 12.06 -13.00 8.71
C ILE C 299 10.61 -12.67 8.34
N VAL C 300 10.43 -11.71 7.42
CA VAL C 300 9.10 -11.37 6.90
C VAL C 300 9.22 -11.32 5.39
N SER C 301 8.15 -11.01 4.66
CA SER C 301 8.18 -11.23 3.22
C SER C 301 9.25 -10.44 2.47
N SER C 302 9.53 -9.20 2.87
CA SER C 302 10.49 -8.40 2.12
C SER C 302 11.92 -8.97 2.17
N ASP C 303 12.21 -9.80 3.17
CA ASP C 303 13.53 -10.42 3.31
C ASP C 303 13.85 -11.50 2.26
N ILE C 304 12.82 -12.03 1.61
CA ILE C 304 13.08 -13.09 0.66
C ILE C 304 13.00 -12.54 -0.76
N ILE C 305 12.82 -11.22 -0.88
CA ILE C 305 12.78 -10.61 -2.20
C ILE C 305 14.13 -10.77 -2.86
N GLY C 306 14.11 -11.33 -4.07
CA GLY C 306 15.33 -11.51 -4.86
C GLY C 306 16.16 -12.75 -4.55
N MET C 307 15.70 -13.60 -3.64
CA MET C 307 16.48 -14.79 -3.30
C MET C 307 16.44 -15.81 -4.44
N THR C 308 17.34 -16.79 -4.39
CA THR C 308 17.48 -17.72 -5.49
C THR C 308 17.05 -19.13 -5.12
N TYR C 309 16.75 -19.35 -3.84
CA TYR C 309 16.08 -20.57 -3.41
C TYR C 309 14.74 -20.67 -4.10
N GLY C 310 14.31 -21.88 -4.43
CA GLY C 310 12.97 -22.05 -4.95
C GLY C 310 11.98 -22.06 -3.81
N SER C 311 12.48 -22.45 -2.65
CA SER C 311 11.65 -22.67 -1.48
C SER C 311 12.50 -22.53 -0.23
N LEU C 312 12.00 -21.81 0.76
CA LEU C 312 12.74 -21.55 1.99
C LEU C 312 11.87 -21.93 3.18
N PHE C 313 12.16 -23.09 3.76
CA PHE C 313 11.39 -23.58 4.88
C PHE C 313 11.57 -22.71 6.12
N ASP C 314 10.47 -22.36 6.77
CA ASP C 314 10.53 -21.53 7.95
C ASP C 314 10.26 -22.32 9.21
N ALA C 315 11.34 -22.74 9.87
CA ALA C 315 11.28 -23.58 11.06
C ALA C 315 10.57 -22.93 12.24
N THR C 316 10.46 -21.61 12.22
CA THR C 316 9.83 -20.89 13.32
C THR C 316 8.31 -21.06 13.38
N GLN C 317 7.68 -21.57 12.33
CA GLN C 317 6.22 -21.65 12.29
C GLN C 317 5.66 -23.08 12.32
N THR C 318 6.52 -24.08 12.43
CA THR C 318 6.10 -25.49 12.44
C THR C 318 5.19 -25.76 13.61
N MET C 319 4.04 -26.38 13.35
CA MET C 319 3.10 -26.77 14.40
C MET C 319 2.70 -28.23 14.23
N VAL C 320 2.43 -28.89 15.35
CA VAL C 320 2.10 -30.29 15.34
C VAL C 320 1.01 -30.64 16.34
N GLN C 321 0.01 -31.40 15.92
CA GLN C 321 -1.00 -31.87 16.86
C GLN C 321 -1.21 -33.37 16.74
N ASP C 322 -1.04 -34.05 17.86
CA ASP C 322 -1.16 -35.51 17.90
C ASP C 322 -2.62 -35.92 17.97
N LEU C 323 -3.04 -36.74 17.02
CA LEU C 323 -4.40 -37.23 16.94
C LEU C 323 -4.47 -38.64 17.53
N GLY C 324 -3.32 -39.21 17.88
CA GLY C 324 -3.29 -40.55 18.43
C GLY C 324 -3.28 -41.64 17.38
N ASN C 325 -2.72 -42.80 17.72
CA ASN C 325 -2.70 -43.96 16.83
C ASN C 325 -1.79 -43.71 15.64
N GLY C 326 -0.72 -42.96 15.87
CA GLY C 326 0.26 -42.69 14.83
C GLY C 326 -0.15 -41.60 13.86
N LEU C 327 -1.30 -40.98 14.11
CA LEU C 327 -1.79 -39.90 13.26
C LEU C 327 -1.47 -38.52 13.85
N TYR C 328 -1.03 -37.60 13.00
CA TYR C 328 -0.73 -36.23 13.42
C TYR C 328 -1.23 -35.25 12.37
N GLN C 329 -1.72 -34.11 12.84
CA GLN C 329 -1.98 -32.98 11.97
C GLN C 329 -0.84 -32.01 12.12
N VAL C 330 -0.21 -31.66 11.01
CA VAL C 330 1.02 -30.90 11.03
C VAL C 330 0.92 -29.66 10.13
N GLU C 331 1.49 -28.55 10.57
CA GLU C 331 1.59 -27.36 9.72
C GLU C 331 3.05 -27.08 9.43
N VAL C 332 3.40 -27.05 8.15
CA VAL C 332 4.74 -26.64 7.75
C VAL C 332 4.63 -25.47 6.77
N VAL C 333 5.58 -24.55 6.87
CA VAL C 333 5.50 -23.30 6.15
C VAL C 333 6.80 -23.01 5.44
N SER C 334 6.74 -22.55 4.20
CA SER C 334 7.94 -22.06 3.54
C SER C 334 7.67 -20.79 2.74
N TRP C 335 8.73 -20.00 2.57
CA TRP C 335 8.68 -18.74 1.84
C TRP C 335 9.15 -18.86 0.38
N TYR C 336 8.67 -17.98 -0.49
CA TYR C 336 9.21 -17.95 -1.84
C TYR C 336 8.99 -16.61 -2.49
N ASP C 337 10.01 -16.15 -3.20
CA ASP C 337 9.83 -14.98 -4.06
C ASP C 337 9.16 -15.48 -5.33
N ASN C 338 7.86 -15.28 -5.44
CA ASN C 338 7.12 -15.84 -6.57
C ASN C 338 7.71 -15.41 -7.91
N GLU C 339 8.42 -14.28 -7.94
CA GLU C 339 9.09 -13.87 -9.16
C GLU C 339 10.48 -14.51 -9.26
N ASN C 340 11.38 -14.19 -8.33
CA ASN C 340 12.76 -14.61 -8.53
C ASN C 340 13.07 -16.06 -8.12
N SER C 341 12.35 -16.60 -7.15
CA SER C 341 12.49 -18.02 -6.80
C SER C 341 12.11 -18.90 -7.98
N TYR C 342 10.95 -18.62 -8.58
CA TYR C 342 10.49 -19.36 -9.74
C TYR C 342 11.48 -19.24 -10.89
N THR C 343 11.95 -18.03 -11.13
CA THR C 343 12.85 -17.75 -12.24
C THR C 343 14.17 -18.51 -12.09
N SER C 344 14.73 -18.52 -10.89
CA SER C 344 15.98 -19.21 -10.64
C SER C 344 15.81 -20.73 -10.85
N GLN C 345 14.65 -21.24 -10.44
CA GLN C 345 14.33 -22.65 -10.66
C GLN C 345 14.17 -22.93 -12.16
N MET C 346 13.45 -22.05 -12.84
CA MET C 346 13.18 -22.24 -14.26
C MET C 346 14.50 -22.19 -15.02
N VAL C 347 15.41 -21.36 -14.57
CA VAL C 347 16.69 -21.21 -15.23
C VAL C 347 17.58 -22.44 -15.04
N ARG C 348 17.59 -23.00 -13.83
CA ARG C 348 18.33 -24.24 -13.59
C ARG C 348 17.81 -25.36 -14.50
N THR C 349 16.49 -25.44 -14.61
CA THR C 349 15.85 -26.47 -15.44
C THR C 349 16.23 -26.27 -16.91
N ILE C 350 16.22 -25.01 -17.38
CA ILE C 350 16.61 -24.69 -18.74
C ILE C 350 18.08 -25.09 -19.01
N LYS C 351 18.97 -24.78 -18.06
CA LYS C 351 20.38 -25.14 -18.23
C LYS C 351 20.58 -26.65 -18.31
N TYR C 352 19.78 -27.41 -17.57
CA TYR C 352 19.86 -28.87 -17.63
C TYR C 352 19.27 -29.39 -18.94
N PHE C 353 18.14 -28.83 -19.33
CA PHE C 353 17.42 -29.24 -20.55
C PHE C 353 18.27 -29.08 -21.80
N GLU C 354 19.21 -28.13 -21.77
CA GLU C 354 20.03 -27.80 -22.93
C GLU C 354 20.96 -28.94 -23.35
N LYS C 355 21.22 -29.88 -22.44
CA LYS C 355 22.06 -31.02 -22.78
C LYS C 355 21.47 -31.87 -23.91
N PHE C 356 20.14 -31.82 -24.07
CA PHE C 356 19.47 -32.61 -25.09
C PHE C 356 19.49 -31.91 -26.46
N VAL C 357 20.04 -30.70 -26.50
CA VAL C 357 20.23 -29.94 -27.73
C VAL C 357 21.72 -29.91 -28.10
N ALA C 358 22.51 -29.31 -27.20
CA ALA C 358 23.95 -29.17 -27.35
C ALA C 358 24.54 -28.51 -26.10
N MET D 18 -42.43 13.85 -18.96
CA MET D 18 -41.85 12.53 -19.20
C MET D 18 -40.36 12.51 -18.85
N ALA D 19 -39.89 11.42 -18.28
CA ALA D 19 -38.49 11.30 -17.90
C ALA D 19 -37.54 11.16 -19.10
N VAL D 20 -36.35 11.74 -18.97
CA VAL D 20 -35.31 11.69 -19.99
C VAL D 20 -34.64 10.31 -20.01
N LYS D 21 -34.55 9.72 -21.20
CA LYS D 21 -33.96 8.39 -21.35
C LYS D 21 -32.44 8.48 -21.51
N VAL D 22 -31.72 7.82 -20.60
CA VAL D 22 -30.26 7.95 -20.51
C VAL D 22 -29.58 6.58 -20.64
N ALA D 23 -28.52 6.53 -21.43
CA ALA D 23 -27.70 5.32 -21.57
C ALA D 23 -26.28 5.58 -21.08
N ILE D 24 -25.65 4.56 -20.51
CA ILE D 24 -24.25 4.64 -20.09
C ILE D 24 -23.35 3.79 -20.96
N ASN D 25 -22.38 4.42 -21.59
CA ASN D 25 -21.37 3.70 -22.36
C ASN D 25 -20.08 3.68 -21.57
N GLY D 26 -19.69 2.49 -21.13
CA GLY D 26 -18.54 2.32 -20.26
C GLY D 26 -18.98 2.26 -18.82
N PHE D 27 -19.09 1.05 -18.28
CA PHE D 27 -19.55 0.88 -16.89
C PHE D 27 -18.33 0.77 -15.95
N GLY D 28 -17.44 1.75 -16.03
CA GLY D 28 -16.20 1.75 -15.26
C GLY D 28 -16.33 2.50 -13.95
N ARG D 29 -15.21 2.95 -13.39
CA ARG D 29 -15.27 3.73 -12.17
C ARG D 29 -16.27 4.88 -12.32
N ILE D 30 -16.11 5.68 -13.36
CA ILE D 30 -16.99 6.85 -13.54
C ILE D 30 -18.41 6.46 -13.90
N GLY D 31 -18.59 5.55 -14.85
CA GLY D 31 -19.92 5.09 -15.23
C GLY D 31 -20.71 4.50 -14.05
N ARG D 32 -20.06 3.71 -13.22
CA ARG D 32 -20.77 3.12 -12.09
C ARG D 32 -21.10 4.15 -11.02
N LEU D 33 -20.20 5.08 -10.75
CA LEU D 33 -20.50 6.14 -9.78
C LEU D 33 -21.62 7.05 -10.31
N ALA D 34 -21.63 7.28 -11.63
CA ALA D 34 -22.67 8.11 -12.24
C ALA D 34 -24.01 7.41 -12.11
N PHE D 35 -24.01 6.12 -12.36
CA PHE D 35 -25.18 5.29 -12.15
C PHE D 35 -25.74 5.45 -10.73
N ARG D 36 -24.88 5.44 -9.72
CA ARG D 36 -25.39 5.55 -8.34
C ARG D 36 -26.22 6.81 -8.17
N GLN D 37 -25.78 7.89 -8.81
CA GLN D 37 -26.49 9.15 -8.66
C GLN D 37 -27.65 9.31 -9.64
N MET D 38 -27.50 8.84 -10.88
CA MET D 38 -28.59 9.04 -11.84
C MET D 38 -29.77 8.12 -11.50
N PHE D 39 -29.49 6.95 -10.93
CA PHE D 39 -30.54 5.97 -10.67
C PHE D 39 -31.61 6.51 -9.73
N GLY D 40 -31.24 7.45 -8.87
CA GLY D 40 -32.19 8.05 -7.95
C GLY D 40 -32.91 9.28 -8.49
N HIS D 41 -32.48 9.74 -9.66
CA HIS D 41 -33.06 10.95 -10.26
C HIS D 41 -34.44 10.70 -10.88
N GLU D 42 -35.47 11.29 -10.29
CA GLU D 42 -36.84 11.17 -10.75
C GLU D 42 -37.02 11.64 -12.21
N GLY D 43 -36.23 12.63 -12.61
CA GLY D 43 -36.31 13.21 -13.95
C GLY D 43 -35.58 12.44 -15.04
N SER D 44 -35.03 11.29 -14.69
CA SER D 44 -34.27 10.48 -15.64
C SER D 44 -34.62 9.00 -15.55
N GLU D 45 -34.28 8.26 -16.59
CA GLU D 45 -34.48 6.83 -16.61
C GLU D 45 -33.29 6.19 -17.31
N ILE D 46 -32.53 5.38 -16.59
CA ILE D 46 -31.41 4.68 -17.18
C ILE D 46 -31.93 3.45 -17.93
N VAL D 47 -31.86 3.52 -19.25
CA VAL D 47 -32.48 2.50 -20.08
C VAL D 47 -31.51 1.39 -20.46
N ALA D 48 -30.25 1.75 -20.67
CA ALA D 48 -29.27 0.78 -21.15
C ALA D 48 -27.87 1.05 -20.61
N ILE D 49 -27.09 -0.02 -20.57
CA ILE D 49 -25.68 0.01 -20.23
C ILE D 49 -24.91 -0.79 -21.27
N ASN D 50 -23.79 -0.24 -21.74
CA ASN D 50 -22.93 -0.94 -22.66
C ASN D 50 -21.51 -1.04 -22.11
N ASP D 51 -20.90 -2.22 -22.22
CA ASP D 51 -19.49 -2.38 -21.84
C ASP D 51 -18.86 -3.50 -22.65
N LEU D 52 -17.79 -4.13 -22.15
CA LEU D 52 -17.13 -5.19 -22.90
C LEU D 52 -17.21 -6.53 -22.18
N THR D 53 -18.16 -6.68 -21.28
CA THR D 53 -18.23 -7.88 -20.47
C THR D 53 -19.68 -8.34 -20.24
N ASP D 54 -19.85 -9.45 -19.53
CA ASP D 54 -21.20 -9.98 -19.31
C ASP D 54 -21.91 -9.36 -18.11
N PRO D 55 -23.23 -9.55 -18.03
CA PRO D 55 -24.10 -9.05 -16.96
C PRO D 55 -23.65 -9.47 -15.57
N LYS D 56 -23.14 -10.69 -15.39
CA LYS D 56 -22.74 -11.10 -14.05
C LYS D 56 -21.52 -10.27 -13.58
N MET D 57 -20.59 -9.98 -14.49
CA MET D 57 -19.44 -9.16 -14.14
C MET D 57 -19.90 -7.76 -13.74
N LEU D 58 -20.80 -7.19 -14.53
CA LEU D 58 -21.25 -5.84 -14.27
C LEU D 58 -22.02 -5.75 -12.97
N ALA D 59 -22.89 -6.72 -12.71
CA ALA D 59 -23.67 -6.71 -11.47
C ALA D 59 -22.76 -6.80 -10.26
N ASN D 60 -21.72 -7.63 -10.33
CA ASN D 60 -20.80 -7.74 -9.20
C ASN D 60 -20.00 -6.47 -8.95
N LEU D 61 -19.56 -5.81 -10.01
CA LEU D 61 -18.81 -4.55 -9.88
C LEU D 61 -19.70 -3.46 -9.29
N LEU D 62 -20.98 -3.47 -9.65
CA LEU D 62 -21.91 -2.49 -9.09
C LEU D 62 -22.21 -2.77 -7.63
N LYS D 63 -22.33 -4.04 -7.26
CA LYS D 63 -22.64 -4.37 -5.88
C LYS D 63 -21.52 -4.00 -4.89
N TYR D 64 -20.28 -4.31 -5.25
CA TYR D 64 -19.16 -4.18 -4.32
C TYR D 64 -18.09 -3.24 -4.87
N ASP D 65 -17.68 -2.28 -4.05
CA ASP D 65 -16.66 -1.32 -4.48
C ASP D 65 -15.55 -1.19 -3.44
N SER D 66 -14.31 -1.40 -3.87
CA SER D 66 -13.19 -1.36 -2.93
C SER D 66 -12.93 -0.02 -2.21
N SER D 67 -13.32 1.10 -2.82
N SER D 67 -13.33 1.10 -2.82
CA SER D 67 -13.05 2.41 -2.21
CA SER D 67 -13.06 2.40 -2.22
C SER D 67 -14.30 3.26 -1.95
C SER D 67 -14.30 3.27 -1.95
N GLN D 68 -15.39 3.03 -2.65
CA GLN D 68 -16.56 3.91 -2.54
C GLN D 68 -17.73 3.30 -1.78
N GLY D 69 -17.52 2.16 -1.14
CA GLY D 69 -18.54 1.58 -0.29
C GLY D 69 -19.29 0.40 -0.89
N ASN D 70 -19.92 -0.36 -0.01
CA ASN D 70 -20.64 -1.59 -0.37
C ASN D 70 -22.05 -1.25 -0.80
N TYR D 71 -22.30 -1.25 -2.10
CA TYR D 71 -23.57 -0.81 -2.64
C TYR D 71 -24.66 -1.85 -2.37
N ALA D 72 -24.29 -3.12 -2.37
CA ALA D 72 -25.23 -4.21 -2.09
C ALA D 72 -25.88 -4.11 -0.70
N ARG D 73 -25.34 -3.26 0.18
CA ARG D 73 -25.93 -3.16 1.54
C ARG D 73 -27.27 -2.43 1.57
N ASN D 74 -27.52 -1.61 0.57
CA ASN D 74 -28.74 -0.82 0.53
C ASN D 74 -29.55 -1.05 -0.74
N HIS D 75 -29.05 -1.87 -1.64
CA HIS D 75 -29.73 -2.11 -2.90
C HIS D 75 -29.72 -3.58 -3.30
N SER D 76 -30.71 -3.96 -4.10
CA SER D 76 -30.77 -5.31 -4.66
C SER D 76 -30.30 -5.27 -6.10
N VAL D 77 -29.23 -6.00 -6.38
CA VAL D 77 -28.70 -6.08 -7.72
C VAL D 77 -28.67 -7.53 -8.16
N VAL D 78 -29.31 -7.79 -9.29
CA VAL D 78 -29.44 -9.16 -9.82
C VAL D 78 -29.15 -9.18 -11.30
N ALA D 79 -28.31 -10.12 -11.71
CA ALA D 79 -27.93 -10.26 -13.10
C ALA D 79 -28.83 -11.24 -13.85
N GLY D 80 -29.24 -10.85 -15.06
CA GLY D 80 -29.98 -11.74 -15.92
C GLY D 80 -29.15 -12.15 -17.13
N GLU D 81 -29.82 -12.67 -18.15
CA GLU D 81 -29.12 -13.13 -19.34
C GLU D 81 -28.62 -11.97 -20.21
N ASP D 82 -29.40 -10.90 -20.23
CA ASP D 82 -29.12 -9.78 -21.10
C ASP D 82 -29.36 -8.46 -20.38
N SER D 83 -29.45 -8.51 -19.06
CA SER D 83 -29.82 -7.33 -18.28
C SER D 83 -29.38 -7.42 -16.85
N ILE D 84 -29.54 -6.32 -16.11
CA ILE D 84 -29.46 -6.38 -14.67
C ILE D 84 -30.75 -5.80 -14.11
N THR D 85 -31.11 -6.21 -12.91
CA THR D 85 -32.27 -5.65 -12.26
C THR D 85 -31.77 -5.04 -10.97
N VAL D 86 -31.95 -3.73 -10.86
CA VAL D 86 -31.54 -2.99 -9.68
C VAL D 86 -32.77 -2.42 -8.99
N ASP D 87 -33.01 -2.86 -7.76
CA ASP D 87 -34.18 -2.43 -7.00
C ASP D 87 -35.49 -2.60 -7.78
N GLY D 88 -35.66 -3.73 -8.47
CA GLY D 88 -36.89 -3.98 -9.20
C GLY D 88 -36.92 -3.48 -10.63
N LYS D 89 -36.12 -2.45 -10.92
CA LYS D 89 -36.03 -1.86 -12.26
C LYS D 89 -35.05 -2.62 -13.16
N THR D 90 -35.52 -3.06 -14.34
CA THR D 90 -34.66 -3.82 -15.26
C THR D 90 -33.94 -2.98 -16.31
N ILE D 91 -32.64 -3.18 -16.41
CA ILE D 91 -31.80 -2.40 -17.31
C ILE D 91 -31.10 -3.30 -18.32
N LYS D 92 -31.23 -2.95 -19.59
CA LYS D 92 -30.69 -3.77 -20.68
C LYS D 92 -29.18 -3.63 -20.76
N ILE D 93 -28.48 -4.72 -21.07
CA ILE D 93 -27.03 -4.65 -21.14
C ILE D 93 -26.52 -5.09 -22.51
N TYR D 94 -25.66 -4.28 -23.12
CA TYR D 94 -25.12 -4.57 -24.44
C TYR D 94 -23.62 -4.75 -24.37
N LYS D 95 -23.06 -5.42 -25.37
CA LYS D 95 -21.63 -5.65 -25.40
C LYS D 95 -21.08 -5.30 -26.79
N GLU D 96 -20.99 -4.01 -27.08
N GLU D 96 -20.95 -4.01 -27.06
CA GLU D 96 -20.54 -3.54 -28.40
CA GLU D 96 -20.58 -3.53 -28.39
C GLU D 96 -19.37 -2.58 -28.31
C GLU D 96 -19.38 -2.59 -28.33
N ALA D 97 -18.21 -3.05 -28.77
CA ALA D 97 -17.01 -2.23 -28.76
C ALA D 97 -17.12 -1.01 -29.69
N ASP D 98 -17.94 -1.14 -30.73
CA ASP D 98 -18.20 -0.04 -31.69
C ASP D 98 -19.61 0.54 -31.50
N ALA D 99 -19.68 1.83 -31.18
CA ALA D 99 -20.94 2.48 -30.82
C ALA D 99 -21.96 2.48 -31.96
N HIS D 100 -21.51 2.32 -33.20
CA HIS D 100 -22.41 2.31 -34.33
C HIS D 100 -23.39 1.13 -34.27
N ASN D 101 -22.99 0.06 -33.60
CA ASN D 101 -23.83 -1.12 -33.46
C ASN D 101 -24.86 -1.06 -32.33
N LEU D 102 -24.87 0.04 -31.59
CA LEU D 102 -25.79 0.16 -30.48
C LEU D 102 -27.16 0.64 -30.95
N PRO D 103 -28.22 0.06 -30.38
CA PRO D 103 -29.59 0.38 -30.80
C PRO D 103 -30.16 1.60 -30.10
N TRP D 104 -29.41 2.71 -30.08
CA TRP D 104 -29.84 3.90 -29.37
C TRP D 104 -31.14 4.43 -29.95
N GLY D 105 -31.24 4.39 -31.28
CA GLY D 105 -32.42 4.90 -31.95
C GLY D 105 -33.70 4.18 -31.55
N GLU D 106 -33.69 2.85 -31.57
CA GLU D 106 -34.89 2.10 -31.19
C GLU D 106 -35.18 2.14 -29.67
N LEU D 107 -34.17 2.40 -28.84
CA LEU D 107 -34.43 2.58 -27.40
C LEU D 107 -34.84 4.02 -27.06
N ASN D 108 -34.86 4.88 -28.08
CA ASN D 108 -35.22 6.29 -27.92
C ASN D 108 -34.41 6.97 -26.84
N VAL D 109 -33.10 6.75 -26.88
CA VAL D 109 -32.19 7.34 -25.94
C VAL D 109 -31.98 8.82 -26.21
N ASP D 110 -32.11 9.63 -25.16
CA ASP D 110 -31.91 11.07 -25.29
C ASP D 110 -30.44 11.44 -25.08
N VAL D 111 -29.89 11.07 -23.93
CA VAL D 111 -28.50 11.41 -23.59
C VAL D 111 -27.64 10.18 -23.38
N VAL D 112 -26.46 10.17 -24.01
CA VAL D 112 -25.48 9.12 -23.77
C VAL D 112 -24.37 9.66 -22.87
N LEU D 113 -24.13 8.99 -21.74
CA LEU D 113 -22.98 9.26 -20.87
C LEU D 113 -21.80 8.45 -21.39
N GLU D 114 -20.86 9.12 -22.02
CA GLU D 114 -19.75 8.40 -22.65
C GLU D 114 -18.56 8.31 -21.69
N CYS D 115 -18.38 7.14 -21.07
CA CYS D 115 -17.38 7.00 -19.98
C CYS D 115 -16.38 5.89 -20.23
N THR D 116 -16.09 5.59 -21.49
CA THR D 116 -15.17 4.51 -21.85
C THR D 116 -13.71 4.95 -21.90
N GLY D 117 -13.46 6.22 -22.19
CA GLY D 117 -12.10 6.67 -22.46
C GLY D 117 -11.65 6.40 -23.90
N PHE D 118 -12.55 5.91 -24.76
CA PHE D 118 -12.19 5.57 -26.14
C PHE D 118 -12.91 6.41 -27.22
N TYR D 119 -13.73 7.36 -26.78
CA TYR D 119 -14.47 8.23 -27.68
C TYR D 119 -14.23 9.68 -27.36
N THR D 120 -12.98 10.01 -27.01
CA THR D 120 -12.66 11.33 -26.49
C THR D 120 -12.34 12.34 -27.57
N SER D 121 -13.21 12.43 -28.56
CA SER D 121 -13.16 13.52 -29.52
C SER D 121 -14.55 13.62 -30.11
N LYS D 122 -14.87 14.78 -30.65
CA LYS D 122 -16.19 15.02 -31.20
C LYS D 122 -16.49 14.08 -32.37
N ALA D 123 -15.47 13.82 -33.18
CA ALA D 123 -15.65 12.95 -34.35
C ALA D 123 -15.92 11.50 -33.90
N LYS D 124 -15.22 11.04 -32.86
CA LYS D 124 -15.43 9.69 -32.35
C LYS D 124 -16.80 9.59 -31.66
N ALA D 125 -17.17 10.62 -30.89
CA ALA D 125 -18.41 10.60 -30.14
C ALA D 125 -19.64 10.70 -31.03
N GLN D 126 -19.45 11.18 -32.26
CA GLN D 126 -20.54 11.32 -33.22
C GLN D 126 -21.23 9.97 -33.52
N ALA D 127 -20.51 8.87 -33.30
CA ALA D 127 -21.06 7.54 -33.51
C ALA D 127 -22.33 7.31 -32.71
N HIS D 128 -22.38 7.83 -31.48
CA HIS D 128 -23.55 7.66 -30.64
C HIS D 128 -24.76 8.36 -31.25
N ILE D 129 -24.54 9.54 -31.81
CA ILE D 129 -25.62 10.29 -32.43
C ILE D 129 -26.08 9.60 -33.71
N ASP D 130 -25.14 9.10 -34.51
CA ASP D 130 -25.46 8.32 -35.71
C ASP D 130 -26.32 7.10 -35.37
N ALA D 131 -26.04 6.48 -34.22
CA ALA D 131 -26.79 5.28 -33.80
C ALA D 131 -28.19 5.65 -33.31
N GLY D 132 -28.42 6.96 -33.15
CA GLY D 132 -29.75 7.45 -32.85
C GLY D 132 -29.98 8.22 -31.57
N ALA D 133 -28.92 8.49 -30.82
CA ALA D 133 -29.04 9.28 -29.59
C ALA D 133 -29.14 10.77 -29.92
N LYS D 134 -29.70 11.56 -29.02
CA LYS D 134 -29.85 13.00 -29.30
C LYS D 134 -28.67 13.84 -28.78
N LYS D 135 -28.09 13.41 -27.66
CA LYS D 135 -27.00 14.17 -27.02
C LYS D 135 -25.96 13.24 -26.39
N VAL D 136 -24.72 13.72 -26.31
CA VAL D 136 -23.63 12.97 -25.70
C VAL D 136 -22.81 13.82 -24.72
N VAL D 137 -22.55 13.28 -23.54
CA VAL D 137 -21.70 13.93 -22.55
C VAL D 137 -20.47 13.07 -22.29
N ILE D 138 -19.31 13.56 -22.67
CA ILE D 138 -18.08 12.79 -22.52
C ILE D 138 -17.44 13.06 -21.15
N SER D 139 -17.13 11.99 -20.43
CA SER D 139 -16.58 12.10 -19.08
C SER D 139 -15.06 12.30 -19.10
N ALA D 140 -14.57 13.17 -19.98
CA ALA D 140 -13.15 13.46 -20.11
C ALA D 140 -12.94 14.67 -21.02
N PRO D 141 -11.72 15.21 -21.02
CA PRO D 141 -11.34 16.21 -22.03
C PRO D 141 -11.47 15.57 -23.40
N ALA D 142 -11.89 16.31 -24.40
CA ALA D 142 -12.16 15.72 -25.70
C ALA D 142 -11.87 16.65 -26.86
N GLY D 143 -10.85 17.48 -26.72
CA GLY D 143 -10.40 18.36 -27.79
C GLY D 143 -10.58 19.81 -27.41
N LYS D 144 -10.24 20.72 -28.33
CA LYS D 144 -10.40 22.15 -28.06
C LYS D 144 -11.62 22.76 -28.74
N ASP D 145 -12.32 21.94 -29.51
CA ASP D 145 -13.40 22.40 -30.41
C ASP D 145 -14.84 22.10 -29.93
N LEU D 146 -15.01 21.65 -28.70
CA LEU D 146 -16.36 21.41 -28.17
C LEU D 146 -16.54 22.03 -26.81
N PRO D 147 -17.79 22.32 -26.44
CA PRO D 147 -18.08 22.88 -25.11
C PRO D 147 -17.52 21.99 -24.00
N THR D 148 -16.68 22.57 -23.13
CA THR D 148 -16.05 21.88 -22.03
C THR D 148 -16.55 22.50 -20.74
N ILE D 149 -17.26 21.71 -19.95
CA ILE D 149 -18.10 22.26 -18.89
C ILE D 149 -17.70 21.88 -17.46
N VAL D 150 -17.49 22.88 -16.62
CA VAL D 150 -17.35 22.69 -15.18
C VAL D 150 -18.57 23.30 -14.51
N TYR D 151 -19.41 22.48 -13.88
CA TYR D 151 -20.65 23.00 -13.30
C TYR D 151 -20.37 24.11 -12.28
N ASN D 152 -21.21 25.14 -12.32
CA ASN D 152 -21.04 26.36 -11.51
C ASN D 152 -19.78 27.16 -11.79
N VAL D 153 -19.24 27.00 -12.99
CA VAL D 153 -18.18 27.87 -13.45
C VAL D 153 -18.55 28.35 -14.85
N ASN D 154 -18.98 27.43 -15.71
CA ASN D 154 -19.41 27.87 -17.04
C ASN D 154 -20.53 27.07 -17.67
N HIS D 155 -21.33 26.36 -16.88
CA HIS D 155 -22.31 25.47 -17.48
C HIS D 155 -23.39 26.25 -18.22
N GLU D 156 -23.48 27.54 -17.95
CA GLU D 156 -24.52 28.35 -18.60
C GLU D 156 -24.21 28.76 -20.05
N ILE D 157 -23.02 28.44 -20.55
CA ILE D 157 -22.73 28.69 -21.97
C ILE D 157 -23.44 27.68 -22.85
N LEU D 158 -23.98 26.64 -22.22
CA LEU D 158 -24.66 25.58 -22.97
C LEU D 158 -25.89 26.12 -23.71
N THR D 159 -26.06 25.70 -24.96
CA THR D 159 -27.21 26.08 -25.78
C THR D 159 -27.85 24.83 -26.43
N LYS D 160 -29.01 24.99 -27.04
CA LYS D 160 -29.69 23.87 -27.72
C LYS D 160 -28.88 23.28 -28.87
N ASP D 161 -27.99 24.08 -29.45
CA ASP D 161 -27.18 23.62 -30.58
C ASP D 161 -25.96 22.81 -30.16
N ASP D 162 -25.82 22.50 -28.87
CA ASP D 162 -24.70 21.68 -28.42
C ASP D 162 -25.11 20.21 -28.26
N ASN D 163 -24.61 19.35 -29.13
CA ASN D 163 -25.01 17.95 -29.12
C ASN D 163 -23.99 17.06 -28.44
N ILE D 164 -22.73 17.49 -28.48
CA ILE D 164 -21.65 16.73 -27.88
C ILE D 164 -20.83 17.67 -27.01
N ILE D 165 -20.76 17.38 -25.72
CA ILE D 165 -20.00 18.23 -24.81
C ILE D 165 -19.10 17.41 -23.93
N SER D 166 -18.13 18.09 -23.36
CA SER D 166 -17.22 17.44 -22.43
C SER D 166 -17.47 17.92 -20.98
N ALA D 167 -17.38 17.03 -20.01
CA ALA D 167 -17.51 17.45 -18.62
C ALA D 167 -16.11 17.68 -18.03
N ALA D 168 -15.14 17.85 -18.92
CA ALA D 168 -13.76 18.16 -18.54
C ALA D 168 -13.12 17.02 -17.76
N SER D 169 -12.09 17.33 -16.97
CA SER D 169 -11.38 16.31 -16.21
C SER D 169 -11.55 16.53 -14.71
N CYS D 170 -11.15 15.54 -13.91
CA CYS D 170 -11.25 15.66 -12.45
C CYS D 170 -10.46 16.86 -11.95
N THR D 171 -9.24 17.01 -12.45
CA THR D 171 -8.35 18.08 -12.02
C THR D 171 -8.89 19.47 -12.39
N THR D 172 -9.47 19.58 -13.58
CA THR D 172 -10.08 20.83 -14.04
C THR D 172 -11.26 21.25 -13.20
N ASN D 173 -12.03 20.27 -12.75
CA ASN D 173 -13.18 20.53 -11.90
C ASN D 173 -12.76 20.95 -10.51
N CYS D 174 -11.50 20.66 -10.16
CA CYS D 174 -10.95 21.11 -8.87
C CYS D 174 -10.26 22.47 -8.99
N LEU D 175 -9.47 22.64 -10.05
CA LEU D 175 -8.71 23.85 -10.29
C LEU D 175 -9.57 25.07 -10.62
N ALA D 176 -10.55 24.90 -11.50
CA ALA D 176 -11.31 26.01 -12.06
C ALA D 176 -12.00 26.90 -11.01
N PRO D 177 -12.77 26.29 -10.09
CA PRO D 177 -13.45 27.11 -9.07
C PRO D 177 -12.47 27.93 -8.26
N MET D 178 -11.33 27.31 -7.96
CA MET D 178 -10.31 27.93 -7.13
CA MET D 178 -10.32 27.93 -7.11
C MET D 178 -9.57 29.02 -7.88
N ALA D 179 -9.15 28.71 -9.11
CA ALA D 179 -8.43 29.66 -9.95
C ALA D 179 -9.32 30.85 -10.28
N LYS D 180 -10.60 30.58 -10.53
CA LYS D 180 -11.55 31.64 -10.84
C LYS D 180 -11.71 32.61 -9.67
N ALA D 181 -11.87 32.06 -8.47
CA ALA D 181 -12.06 32.87 -7.27
C ALA D 181 -10.79 33.68 -6.97
N LEU D 182 -9.63 33.07 -7.15
CA LEU D 182 -8.39 33.78 -6.95
C LEU D 182 -8.25 34.90 -7.97
N ASN D 183 -8.52 34.58 -9.23
CA ASN D 183 -8.38 35.55 -10.30
C ASN D 183 -9.35 36.71 -10.13
N ASP D 184 -10.58 36.41 -9.73
CA ASP D 184 -11.54 37.49 -9.47
C ASP D 184 -11.06 38.39 -8.33
N PHE D 185 -10.32 37.83 -7.39
CA PHE D 185 -9.84 38.61 -6.25
C PHE D 185 -8.55 39.37 -6.55
N ALA D 186 -7.59 38.68 -7.15
CA ALA D 186 -6.30 39.25 -7.50
C ALA D 186 -5.81 38.65 -8.81
N PRO D 187 -5.89 39.42 -9.90
CA PRO D 187 -5.58 38.93 -11.24
C PRO D 187 -4.28 38.13 -11.32
N ILE D 188 -4.38 36.94 -11.91
CA ILE D 188 -3.25 36.06 -12.11
C ILE D 188 -2.41 36.48 -13.31
N GLN D 189 -1.11 36.63 -13.10
CA GLN D 189 -0.18 36.92 -14.19
C GLN D 189 0.23 35.62 -14.87
N SER D 190 0.55 34.64 -14.05
CA SER D 190 0.84 33.30 -14.53
C SER D 190 0.77 32.33 -13.34
N GLY D 191 0.70 31.04 -13.62
CA GLY D 191 0.61 30.07 -12.56
C GLY D 191 1.13 28.72 -12.98
N ILE D 192 1.63 27.97 -12.01
CA ILE D 192 2.02 26.59 -12.24
C ILE D 192 1.31 25.67 -11.25
N MET D 193 0.67 24.66 -11.81
CA MET D 193 -0.13 23.72 -11.05
C MET D 193 0.63 22.42 -10.89
N SER D 194 0.57 21.85 -9.70
CA SER D 194 1.06 20.50 -9.47
C SER D 194 -0.04 19.74 -8.78
N THR D 195 -0.44 18.59 -9.31
CA THR D 195 -1.47 17.80 -8.66
C THR D 195 -0.89 16.48 -8.15
N ILE D 196 -1.09 16.23 -6.86
CA ILE D 196 -0.74 14.95 -6.23
C ILE D 196 -1.98 14.07 -6.32
N HIS D 197 -1.90 13.02 -7.13
CA HIS D 197 -3.10 12.40 -7.67
C HIS D 197 -3.16 10.92 -7.31
N ALA D 198 -4.34 10.43 -6.96
CA ALA D 198 -4.49 9.00 -6.70
C ALA D 198 -4.14 8.20 -7.93
N PHE D 199 -3.65 6.96 -7.79
CA PHE D 199 -3.40 6.18 -9.01
C PHE D 199 -4.73 5.79 -9.66
N THR D 200 -4.71 5.54 -10.98
CA THR D 200 -5.93 5.16 -11.68
C THR D 200 -5.74 3.98 -12.63
N GLY D 201 -6.80 3.62 -13.31
CA GLY D 201 -6.83 2.40 -14.11
C GLY D 201 -5.91 2.44 -15.30
N ASP D 202 -5.36 3.60 -15.61
CA ASP D 202 -4.47 3.67 -16.76
C ASP D 202 -3.00 3.46 -16.37
N GLN D 203 -2.74 3.08 -15.12
CA GLN D 203 -1.41 2.66 -14.73
C GLN D 203 -1.40 1.15 -14.55
N MET D 204 -0.21 0.57 -14.59
CA MET D 204 -0.06 -0.88 -14.50
C MET D 204 -0.03 -1.36 -13.05
N VAL D 205 -0.53 -2.56 -12.80
CA VAL D 205 -0.49 -3.10 -11.44
C VAL D 205 0.96 -3.41 -11.04
N LEU D 206 1.76 -3.95 -11.96
CA LEU D 206 3.20 -4.17 -11.75
C LEU D 206 3.92 -3.70 -13.01
N ASP D 207 5.23 -3.46 -12.93
CA ASP D 207 6.01 -3.00 -14.10
C ASP D 207 5.70 -3.86 -15.34
N GLY D 208 5.22 -3.24 -16.41
CA GLY D 208 4.88 -3.96 -17.62
C GLY D 208 4.63 -3.05 -18.83
N PRO D 209 4.55 -3.63 -20.03
CA PRO D 209 4.43 -2.79 -21.23
C PRO D 209 3.11 -2.02 -21.25
N HIS D 210 3.21 -0.71 -21.33
CA HIS D 210 2.01 0.13 -21.35
C HIS D 210 1.52 0.26 -22.80
N ARG D 211 0.22 0.06 -23.01
CA ARG D 211 -0.33 0.03 -24.37
C ARG D 211 -0.22 1.36 -25.13
N LYS D 212 -0.17 2.49 -24.43
CA LYS D 212 -0.01 3.77 -25.12
C LYS D 212 1.44 4.25 -25.17
N GLY D 213 2.38 3.42 -24.74
CA GLY D 213 3.79 3.77 -24.84
C GLY D 213 4.33 4.77 -23.82
N ASP D 214 3.53 5.07 -22.80
CA ASP D 214 3.98 5.96 -21.72
C ASP D 214 4.88 5.19 -20.75
N LEU D 215 6.15 5.52 -20.71
CA LEU D 215 7.07 4.81 -19.88
C LEU D 215 6.89 4.92 -18.38
N ARG D 216 6.27 5.97 -17.90
CA ARG D 216 6.07 6.12 -16.49
C ARG D 216 4.81 5.43 -16.05
N ARG D 217 3.80 5.43 -16.89
CA ARG D 217 2.57 4.76 -16.57
C ARG D 217 2.73 3.24 -16.63
N ALA D 218 3.84 2.80 -17.16
CA ALA D 218 4.15 1.41 -17.24
C ALA D 218 4.62 0.89 -15.90
N ARG D 219 4.93 1.76 -14.98
CA ARG D 219 5.43 1.37 -13.67
C ARG D 219 4.37 0.96 -12.64
N ALA D 220 4.77 0.13 -11.70
CA ALA D 220 3.84 -0.34 -10.68
C ALA D 220 3.17 0.84 -9.97
N ALA D 221 1.84 0.85 -9.94
CA ALA D 221 1.10 2.01 -9.49
C ALA D 221 1.16 2.22 -8.00
N ALA D 222 1.09 1.11 -7.26
CA ALA D 222 0.90 1.18 -5.80
C ALA D 222 2.18 1.29 -4.98
N ILE D 223 3.36 1.27 -5.60
CA ILE D 223 4.59 1.38 -4.80
C ILE D 223 5.52 2.47 -5.32
N ASN D 224 4.98 3.41 -6.09
CA ASN D 224 5.77 4.46 -6.72
C ASN D 224 5.09 5.81 -6.69
N ILE D 225 5.93 6.84 -6.52
CA ILE D 225 5.60 8.19 -6.93
C ILE D 225 5.91 8.29 -8.41
N VAL D 226 4.91 8.61 -9.22
CA VAL D 226 5.04 8.60 -10.68
C VAL D 226 4.72 9.95 -11.31
N PRO D 227 5.75 10.69 -11.80
CA PRO D 227 5.45 11.94 -12.50
C PRO D 227 4.63 11.65 -13.73
N ASN D 228 3.66 12.49 -14.04
CA ASN D 228 2.92 12.29 -15.26
C ASN D 228 2.40 13.60 -15.80
N SER D 229 2.13 13.65 -17.09
CA SER D 229 1.69 14.90 -17.69
C SER D 229 0.21 15.09 -17.46
N THR D 230 -0.23 16.34 -17.48
CA THR D 230 -1.67 16.64 -17.39
C THR D 230 -1.95 17.89 -18.20
N GLY D 231 -3.10 17.90 -18.88
CA GLY D 231 -3.43 19.02 -19.73
C GLY D 231 -4.43 19.97 -19.08
N ALA D 232 -4.78 19.70 -17.83
CA ALA D 232 -5.81 20.49 -17.14
C ALA D 232 -5.49 22.00 -17.07
N ALA D 233 -4.27 22.35 -16.73
CA ALA D 233 -3.94 23.77 -16.55
C ALA D 233 -3.82 24.46 -17.92
N LYS D 234 -3.13 23.84 -18.87
CA LYS D 234 -2.97 24.39 -20.22
C LYS D 234 -4.28 24.61 -20.96
N ALA D 235 -5.31 23.82 -20.68
CA ALA D 235 -6.58 23.97 -21.40
C ALA D 235 -7.66 24.65 -20.55
N ILE D 236 -7.24 25.37 -19.51
CA ILE D 236 -8.18 26.03 -18.60
C ILE D 236 -8.96 27.13 -19.32
N GLY D 237 -8.41 27.61 -20.43
CA GLY D 237 -9.05 28.65 -21.22
C GLY D 237 -10.42 28.25 -21.75
N LEU D 238 -10.64 26.95 -21.94
CA LEU D 238 -11.93 26.49 -22.42
C LEU D 238 -13.03 26.74 -21.39
N VAL D 239 -12.65 26.78 -20.12
CA VAL D 239 -13.62 26.89 -19.04
C VAL D 239 -13.64 28.32 -18.47
N ILE D 240 -12.46 28.90 -18.30
CA ILE D 240 -12.34 30.27 -17.83
C ILE D 240 -11.60 31.11 -18.88
N PRO D 241 -12.33 31.67 -19.86
CA PRO D 241 -11.67 32.37 -20.96
C PRO D 241 -10.69 33.47 -20.50
N GLU D 242 -10.94 34.16 -19.40
CA GLU D 242 -9.98 35.18 -18.95
C GLU D 242 -8.63 34.59 -18.48
N LEU D 243 -8.55 33.28 -18.20
CA LEU D 243 -7.27 32.66 -17.81
C LEU D 243 -6.55 31.93 -18.95
N ASN D 244 -7.14 31.97 -20.14
CA ASN D 244 -6.58 31.31 -21.31
C ASN D 244 -5.10 31.65 -21.52
N GLY D 245 -4.27 30.61 -21.53
CA GLY D 245 -2.86 30.75 -21.81
C GLY D 245 -2.00 31.12 -20.61
N LYS D 246 -2.58 31.19 -19.42
CA LYS D 246 -1.82 31.66 -18.26
C LYS D 246 -1.27 30.58 -17.33
N LEU D 247 -1.79 29.36 -17.45
CA LEU D 247 -1.39 28.26 -16.55
C LEU D 247 -0.73 27.09 -17.25
N ILE D 248 0.28 26.54 -16.60
CA ILE D 248 0.83 25.24 -16.99
C ILE D 248 0.88 24.35 -15.78
N GLY D 249 1.17 23.07 -15.98
CA GLY D 249 1.19 22.17 -14.85
C GLY D 249 1.45 20.73 -15.18
N SER D 250 1.57 19.93 -14.13
CA SER D 250 1.87 18.51 -14.26
C SER D 250 1.38 17.79 -13.02
N ALA D 251 1.62 16.50 -12.97
CA ALA D 251 1.05 15.67 -11.91
C ALA D 251 2.10 14.77 -11.25
N GLN D 252 1.82 14.34 -10.04
CA GLN D 252 2.54 13.23 -9.42
C GLN D 252 1.52 12.19 -8.99
N ARG D 253 1.54 11.00 -9.58
CA ARG D 253 0.65 9.93 -9.12
C ARG D 253 1.27 9.19 -7.96
N VAL D 254 0.49 9.03 -6.89
CA VAL D 254 1.01 8.40 -5.66
C VAL D 254 0.10 7.23 -5.24
N PRO D 255 0.57 6.36 -4.33
CA PRO D 255 -0.18 5.13 -3.98
C PRO D 255 -1.39 5.26 -3.03
N VAL D 256 -2.41 6.04 -3.38
CA VAL D 256 -3.72 5.97 -2.72
C VAL D 256 -4.74 5.63 -3.82
N PRO D 257 -5.74 4.79 -3.51
CA PRO D 257 -6.68 4.33 -4.56
C PRO D 257 -7.62 5.41 -5.06
N THR D 258 -7.81 6.45 -4.26
CA THR D 258 -8.66 7.53 -4.68
C THR D 258 -8.45 8.72 -3.74
N GLY D 259 -8.70 9.94 -4.24
CA GLY D 259 -8.46 11.13 -3.43
C GLY D 259 -7.22 11.84 -3.89
N SER D 260 -7.35 13.12 -4.25
CA SER D 260 -6.24 13.84 -4.83
C SER D 260 -6.18 15.29 -4.31
N THR D 261 -5.07 15.97 -4.56
CA THR D 261 -4.95 17.35 -4.12
C THR D 261 -4.30 18.19 -5.22
N THR D 262 -4.80 19.41 -5.41
CA THR D 262 -4.27 20.31 -6.44
C THR D 262 -3.57 21.51 -5.84
N LEU D 263 -2.29 21.70 -6.16
CA LEU D 263 -1.55 22.85 -5.65
C LEU D 263 -1.29 23.87 -6.76
N LEU D 264 -1.74 25.11 -6.57
CA LEU D 264 -1.50 26.17 -7.57
C LEU D 264 -0.52 27.21 -7.07
N PHE D 265 0.59 27.36 -7.79
CA PHE D 265 1.59 28.36 -7.48
C PHE D 265 1.47 29.52 -8.46
N ALA D 266 0.83 30.60 -8.00
CA ALA D 266 0.50 31.69 -8.88
C ALA D 266 1.22 32.98 -8.51
N VAL D 267 1.63 33.74 -9.52
CA VAL D 267 2.09 35.10 -9.32
C VAL D 267 0.89 36.00 -9.61
N VAL D 268 0.48 36.78 -8.62
CA VAL D 268 -0.67 37.67 -8.77
C VAL D 268 -0.24 39.12 -8.61
N LYS D 269 -0.96 40.02 -9.25
CA LYS D 269 -0.65 41.44 -9.18
C LYS D 269 -1.85 42.16 -8.57
N SER D 270 -1.63 42.94 -7.52
CA SER D 270 -2.73 43.65 -6.89
C SER D 270 -2.25 44.80 -6.00
N ASP D 271 -3.11 45.81 -5.87
CA ASP D 271 -2.87 46.96 -5.01
C ASP D 271 -3.45 46.69 -3.63
N LYS D 272 -4.28 45.65 -3.56
CA LYS D 272 -4.94 45.29 -2.31
C LYS D 272 -3.94 44.69 -1.32
N GLU D 273 -4.41 44.47 -0.10
CA GLU D 273 -3.65 43.72 0.88
C GLU D 273 -3.77 42.24 0.60
N ILE D 274 -2.70 41.65 0.07
CA ILE D 274 -2.67 40.23 -0.22
C ILE D 274 -1.91 39.49 0.88
N THR D 275 -2.67 38.77 1.71
CA THR D 275 -2.13 37.98 2.82
C THR D 275 -2.80 36.61 2.83
N VAL D 276 -2.28 35.70 3.63
CA VAL D 276 -2.88 34.37 3.81
C VAL D 276 -4.34 34.54 4.23
N ASP D 277 -4.59 35.51 5.11
CA ASP D 277 -5.94 35.77 5.58
C ASP D 277 -6.85 36.40 4.52
N SER D 278 -6.36 37.40 3.78
CA SER D 278 -7.25 38.02 2.79
C SER D 278 -7.52 37.03 1.65
N ILE D 279 -6.51 36.25 1.27
CA ILE D 279 -6.72 35.18 0.30
C ILE D 279 -7.76 34.18 0.79
N ASN D 280 -7.62 33.72 2.03
CA ASN D 280 -8.53 32.71 2.55
C ASN D 280 -9.95 33.28 2.67
N ALA D 281 -10.06 34.54 3.07
CA ALA D 281 -11.37 35.14 3.22
C ALA D 281 -12.09 35.26 1.87
N ALA D 282 -11.35 35.60 0.82
CA ALA D 282 -11.91 35.59 -0.54
C ALA D 282 -12.37 34.20 -0.98
N MET D 283 -11.57 33.17 -0.67
CA MET D 283 -11.97 31.82 -1.07
C MET D 283 -13.27 31.46 -0.39
N LYS D 284 -13.39 31.80 0.88
CA LYS D 284 -14.63 31.52 1.62
C LYS D 284 -15.83 32.27 1.03
N ALA D 285 -15.60 33.52 0.63
CA ALA D 285 -16.68 34.32 0.03
C ALA D 285 -17.15 33.69 -1.27
N ALA D 286 -16.26 32.97 -1.94
CA ALA D 286 -16.59 32.33 -3.22
C ALA D 286 -17.19 30.93 -3.06
N SER D 287 -17.29 30.41 -1.85
CA SER D 287 -17.77 29.06 -1.70
C SER D 287 -19.29 28.98 -1.89
N ASP D 288 -19.77 27.79 -2.20
CA ASP D 288 -21.20 27.56 -2.38
C ASP D 288 -21.50 26.12 -1.94
N PRO D 289 -22.78 25.84 -1.64
CA PRO D 289 -23.12 24.54 -1.03
C PRO D 289 -22.95 23.31 -1.92
N GLU D 290 -22.84 23.47 -3.23
CA GLU D 290 -22.75 22.28 -4.09
C GLU D 290 -21.35 21.99 -4.68
N THR D 291 -20.69 23.00 -5.26
CA THR D 291 -19.48 22.75 -6.06
C THR D 291 -18.14 23.05 -5.38
N PHE D 292 -18.05 24.23 -4.79
CA PHE D 292 -16.79 24.75 -4.25
C PHE D 292 -16.89 24.98 -2.75
N GLY D 293 -16.30 24.07 -1.97
CA GLY D 293 -16.36 24.16 -0.52
C GLY D 293 -15.12 24.75 0.12
N TYR D 294 -15.25 25.09 1.39
CA TYR D 294 -14.19 25.74 2.15
C TYR D 294 -13.86 24.92 3.41
N ASN D 295 -12.60 24.56 3.59
CA ASN D 295 -12.17 23.78 4.74
C ASN D 295 -11.11 24.45 5.60
N GLU D 296 -11.24 24.33 6.92
CA GLU D 296 -10.21 24.80 7.85
C GLU D 296 -9.75 23.73 8.85
N ASP D 297 -10.17 22.48 8.66
CA ASP D 297 -9.70 21.40 9.51
C ASP D 297 -8.44 20.73 8.96
N PRO D 298 -7.68 20.05 9.83
CA PRO D 298 -6.50 19.32 9.36
C PRO D 298 -6.86 17.96 8.72
N ILE D 299 -7.58 17.99 7.60
CA ILE D 299 -7.99 16.75 6.94
C ILE D 299 -6.85 16.16 6.15
N VAL D 300 -7.00 14.90 5.75
CA VAL D 300 -6.04 14.19 4.92
C VAL D 300 -6.87 13.53 3.82
N SER D 301 -6.25 12.85 2.86
CA SER D 301 -7.01 12.46 1.65
C SER D 301 -8.18 11.51 1.89
N SER D 302 -8.05 10.58 2.83
CA SER D 302 -9.14 9.60 2.99
C SER D 302 -10.41 10.30 3.51
N ASP D 303 -10.28 11.48 4.11
CA ASP D 303 -11.42 12.26 4.59
C ASP D 303 -12.34 12.83 3.47
N ILE D 304 -11.84 12.91 2.25
CA ILE D 304 -12.65 13.49 1.19
C ILE D 304 -13.19 12.40 0.24
N ILE D 305 -12.94 11.14 0.55
CA ILE D 305 -13.45 10.06 -0.28
C ILE D 305 -14.98 10.09 -0.26
N GLY D 306 -15.59 10.10 -1.43
CA GLY D 306 -17.05 10.09 -1.49
C GLY D 306 -17.71 11.44 -1.31
N MET D 307 -16.94 12.51 -1.16
CA MET D 307 -17.57 13.83 -0.99
C MET D 307 -18.16 14.30 -2.33
N THR D 308 -19.06 15.28 -2.28
CA THR D 308 -19.78 15.69 -3.47
C THR D 308 -19.39 17.08 -3.99
N TYR D 309 -18.57 17.81 -3.22
CA TYR D 309 -17.97 19.03 -3.76
C TYR D 309 -17.13 18.68 -4.97
N GLY D 310 -17.08 19.54 -5.97
CA GLY D 310 -16.16 19.27 -7.05
C GLY D 310 -14.75 19.67 -6.59
N SER D 311 -14.69 20.56 -5.61
CA SER D 311 -13.45 21.14 -5.15
C SER D 311 -13.59 21.63 -3.71
N LEU D 312 -12.60 21.34 -2.88
CA LEU D 312 -12.64 21.68 -1.47
C LEU D 312 -11.38 22.44 -1.11
N PHE D 313 -11.51 23.76 -0.98
CA PHE D 313 -10.37 24.61 -0.70
C PHE D 313 -9.85 24.37 0.72
N ASP D 314 -8.55 24.22 0.85
CA ASP D 314 -7.91 23.95 2.14
C ASP D 314 -7.19 25.18 2.65
N ALA D 315 -7.87 25.93 3.52
CA ALA D 315 -7.35 27.18 4.07
C ALA D 315 -6.08 27.01 4.92
N THR D 316 -5.85 25.78 5.40
CA THR D 316 -4.68 25.49 6.24
C THR D 316 -3.37 25.49 5.48
N GLN D 317 -3.40 25.44 4.15
CA GLN D 317 -2.15 25.35 3.38
C GLN D 317 -1.80 26.59 2.55
N THR D 318 -2.62 27.64 2.63
CA THR D 318 -2.39 28.86 1.83
C THR D 318 -1.05 29.52 2.16
N MET D 319 -0.28 29.85 1.13
CA MET D 319 0.97 30.58 1.36
C MET D 319 1.12 31.78 0.43
N VAL D 320 1.75 32.82 0.94
CA VAL D 320 1.91 34.09 0.24
C VAL D 320 3.29 34.67 0.49
N GLN D 321 3.92 35.13 -0.59
CA GLN D 321 5.21 35.80 -0.56
C GLN D 321 5.14 37.10 -1.33
N ASP D 322 5.54 38.20 -0.70
CA ASP D 322 5.52 39.50 -1.32
C ASP D 322 6.74 39.71 -2.21
N LEU D 323 6.50 40.03 -3.47
CA LEU D 323 7.59 40.28 -4.42
C LEU D 323 7.85 41.77 -4.58
N GLY D 324 7.01 42.60 -3.96
CA GLY D 324 7.16 44.04 -4.03
C GLY D 324 6.50 44.60 -5.28
N ASN D 325 6.01 45.84 -5.18
CA ASN D 325 5.43 46.52 -6.33
C ASN D 325 4.12 45.87 -6.79
N GLY D 326 3.36 45.35 -5.82
CA GLY D 326 2.07 44.77 -6.09
C GLY D 326 2.08 43.35 -6.61
N LEU D 327 3.27 42.76 -6.71
CA LEU D 327 3.38 41.38 -7.17
C LEU D 327 3.53 40.42 -5.98
N TYR D 328 2.82 39.30 -6.03
CA TYR D 328 2.91 38.29 -4.97
C TYR D 328 2.95 36.91 -5.60
N GLN D 329 3.72 36.00 -5.00
CA GLN D 329 3.65 34.59 -5.37
C GLN D 329 2.82 33.85 -4.32
N VAL D 330 1.81 33.12 -4.78
CA VAL D 330 0.82 32.56 -3.89
C VAL D 330 0.65 31.05 -4.15
N GLU D 331 0.50 30.28 -3.08
CA GLU D 331 0.15 28.87 -3.19
C GLU D 331 -1.22 28.65 -2.57
N VAL D 332 -2.15 28.13 -3.36
CA VAL D 332 -3.45 27.77 -2.85
C VAL D 332 -3.72 26.32 -3.18
N VAL D 333 -4.39 25.64 -2.27
CA VAL D 333 -4.52 24.20 -2.35
C VAL D 333 -5.98 23.81 -2.17
N SER D 334 -6.45 22.86 -2.99
CA SER D 334 -7.76 22.27 -2.74
C SER D 334 -7.77 20.76 -2.99
N TRP D 335 -8.65 20.08 -2.27
CA TRP D 335 -8.81 18.63 -2.34
C TRP D 335 -9.92 18.25 -3.32
N TYR D 336 -9.84 17.03 -3.86
CA TYR D 336 -10.93 16.48 -4.66
C TYR D 336 -10.86 14.96 -4.73
N ASP D 337 -12.02 14.33 -4.60
CA ASP D 337 -12.11 12.90 -4.89
C ASP D 337 -12.21 12.75 -6.40
N ASN D 338 -11.10 12.40 -7.04
CA ASN D 338 -11.07 12.35 -8.50
C ASN D 338 -12.18 11.47 -9.06
N GLU D 339 -12.66 10.51 -8.29
CA GLU D 339 -13.79 9.67 -8.75
C GLU D 339 -15.14 10.34 -8.45
N ASN D 340 -15.48 10.51 -7.19
CA ASN D 340 -16.83 10.98 -6.85
C ASN D 340 -17.02 12.50 -6.94
N SER D 341 -15.95 13.29 -6.74
CA SER D 341 -16.07 14.74 -6.95
C SER D 341 -16.38 15.04 -8.40
N TYR D 342 -15.61 14.42 -9.27
CA TYR D 342 -15.81 14.59 -10.69
C TYR D 342 -17.21 14.14 -11.09
N THR D 343 -17.65 13.01 -10.57
CA THR D 343 -18.94 12.45 -10.94
C THR D 343 -20.10 13.33 -10.52
N SER D 344 -20.01 13.88 -9.32
CA SER D 344 -21.07 14.73 -8.81
C SER D 344 -21.22 15.97 -9.69
N GLN D 345 -20.09 16.48 -10.16
CA GLN D 345 -20.08 17.62 -11.08
C GLN D 345 -20.66 17.23 -12.42
N MET D 346 -20.23 16.09 -12.95
CA MET D 346 -20.72 15.63 -14.25
CA MET D 346 -20.72 15.61 -14.24
C MET D 346 -22.23 15.40 -14.21
N VAL D 347 -22.71 14.86 -13.11
CA VAL D 347 -24.13 14.62 -12.97
C VAL D 347 -24.92 15.93 -12.85
N ARG D 348 -24.40 16.92 -12.14
CA ARG D 348 -25.03 18.25 -12.10
C ARG D 348 -25.16 18.85 -13.51
N THR D 349 -24.10 18.68 -14.29
CA THR D 349 -24.06 19.20 -15.65
C THR D 349 -25.09 18.50 -16.54
N ILE D 350 -25.17 17.18 -16.41
CA ILE D 350 -26.15 16.36 -17.15
C ILE D 350 -27.60 16.76 -16.83
N LYS D 351 -27.88 16.98 -15.57
CA LYS D 351 -29.22 17.38 -15.14
C LYS D 351 -29.58 18.74 -15.72
N TYR D 352 -28.59 19.62 -15.83
CA TYR D 352 -28.83 20.93 -16.42
C TYR D 352 -29.00 20.78 -17.93
N PHE D 353 -28.16 19.93 -18.53
CA PHE D 353 -28.16 19.70 -19.98
C PHE D 353 -29.52 19.15 -20.46
N GLU D 354 -30.20 18.46 -19.56
CA GLU D 354 -31.46 17.80 -19.90
C GLU D 354 -32.56 18.78 -20.25
N LYS D 355 -32.41 20.03 -19.83
CA LYS D 355 -33.41 21.05 -20.15
C LYS D 355 -33.55 21.25 -21.66
N PHE D 356 -32.49 20.96 -22.40
CA PHE D 356 -32.47 21.15 -23.87
C PHE D 356 -33.00 19.94 -24.64
N VAL D 357 -33.42 18.92 -23.90
CA VAL D 357 -33.97 17.71 -24.51
C VAL D 357 -35.49 17.67 -24.40
PA NAD E . -5.14 1.84 20.05
O1A NAD E . -3.69 2.17 20.23
O2A NAD E . -5.72 2.46 18.79
O5B NAD E . -5.94 2.44 21.30
C5B NAD E . -5.29 2.58 22.56
C4B NAD E . -5.77 3.88 23.18
O4B NAD E . -5.61 3.81 24.60
C3B NAD E . -4.94 5.08 22.73
O3B NAD E . -5.85 6.14 22.44
C2B NAD E . -4.09 5.45 23.93
O2B NAD E . -3.87 6.86 23.99
C1B NAD E . -4.96 4.99 25.08
N9A NAD E . -4.18 4.60 26.27
C8A NAD E . -3.05 3.87 26.28
N7A NAD E . -2.60 3.68 27.55
C5A NAD E . -3.48 4.30 28.37
C6A NAD E . -3.61 4.47 29.83
N6A NAD E . -2.69 3.95 30.69
N1A NAD E . -4.67 5.19 30.29
C2A NAD E . -5.59 5.71 29.45
N3A NAD E . -5.53 5.58 28.11
C4A NAD E . -4.51 4.90 27.53
O3 NAD E . -5.32 0.26 20.01
PN NAD E . -6.76 -0.42 19.80
O1N NAD E . -6.81 -0.99 18.40
O2N NAD E . -7.90 0.54 20.01
O5D NAD E . -6.91 -1.60 20.87
C5D NAD E . -7.23 -1.36 22.23
C4D NAD E . -7.53 -2.69 22.89
O4D NAD E . -8.53 -3.39 22.12
C3D NAD E . -6.32 -3.60 22.92
O3D NAD E . -6.40 -4.42 24.09
C2D NAD E . -6.49 -4.45 21.67
O2D NAD E . -5.79 -5.70 21.75
C1D NAD E . -8.00 -4.65 21.66
N1N NAD E . -8.51 -5.02 20.34
C2N NAD E . -8.11 -4.38 19.23
C3N NAD E . -8.60 -4.73 17.98
C7N NAD E . -8.17 -4.03 16.73
O7N NAD E . -8.29 -4.59 15.66
N7N NAD E . -7.66 -2.80 16.81
C4N NAD E . -9.52 -5.76 17.86
C5N NAD E . -9.96 -6.46 18.98
C6N NAD E . -9.48 -6.13 20.31
C1 GOL F . -14.25 16.71 3.83
O1 GOL F . -14.09 16.48 5.21
C2 GOL F . -15.65 16.32 3.41
O2 GOL F . -16.46 16.22 4.55
C3 GOL F . -16.24 17.39 2.48
O3 GOL F . -17.66 17.35 2.50
C1 GOL G . -20.34 5.20 8.55
O1 GOL G . -21.16 4.64 7.55
C2 GOL G . -20.47 6.73 8.54
O2 GOL G . -21.75 7.11 8.06
C3 GOL G . -20.26 7.29 9.94
O3 GOL G . -20.64 8.65 9.97
C1 GOL H . -4.80 -12.56 21.27
O1 GOL H . -4.81 -11.31 20.60
C2 GOL H . -6.19 -13.18 21.06
O2 GOL H . -6.32 -13.57 19.71
C3 GOL H . -6.49 -14.33 22.03
O3 GOL H . -5.32 -14.94 22.51
C1 GOL I . 0.03 -0.91 1.05
O1 GOL I . -0.74 -0.45 2.13
C2 GOL I . 0.05 0.18 -0.03
O2 GOL I . -0.71 -0.25 -1.13
C3 GOL I . 1.49 0.43 -0.46
O3 GOL I . 2.27 0.81 0.65
PA NAD J . 14.09 6.12 14.15
O1A NAD J . 12.88 6.06 15.04
O2A NAD J . 14.03 5.09 13.05
O5B NAD J . 15.41 5.85 15.02
C5B NAD J . 15.73 6.61 16.18
C4B NAD J . 16.51 5.68 17.09
O4B NAD J . 16.97 6.36 18.25
C3B NAD J . 15.64 4.51 17.55
O3B NAD J . 16.34 3.29 17.32
C2B NAD J . 15.46 4.76 19.03
O2B NAD J . 15.42 3.53 19.76
C1B NAD J . 16.70 5.55 19.39
N9A NAD J . 16.46 6.41 20.56
C8A NAD J . 15.35 7.11 20.82
N7A NAD J . 15.47 7.81 21.98
C5A NAD J . 16.69 7.54 22.47
C6A NAD J . 17.47 7.95 23.67
N6A NAD J . 16.94 8.78 24.59
N1A NAD J . 18.72 7.44 23.81
C2A NAD J . 19.25 6.61 22.90
N3A NAD J . 18.60 6.19 21.80
C4A NAD J . 17.35 6.63 21.54
O3 NAD J . 14.18 7.58 13.47
PN NAD J . 15.15 7.88 12.23
O1N NAD J . 14.38 7.79 10.93
O2N NAD J . 16.37 6.98 12.19
O5D NAD J . 15.71 9.37 12.40
C5D NAD J . 16.72 9.68 13.36
C4D NAD J . 17.08 11.15 13.18
O4D NAD J . 17.53 11.36 11.84
C3D NAD J . 15.86 12.03 13.38
O3D NAD J . 16.27 13.25 13.99
C2D NAD J . 15.38 12.30 11.96
O2D NAD J . 14.67 13.53 11.85
C1D NAD J . 16.69 12.33 11.20
N1N NAD J . 16.51 12.06 9.77
C2N NAD J . 15.64 11.13 9.36
C3N NAD J . 15.44 10.85 8.00
C7N NAD J . 14.46 9.81 7.57
O7N NAD J . 13.91 9.92 6.48
N7N NAD J . 14.21 8.77 8.37
C4N NAD J . 16.16 11.56 7.05
C5N NAD J . 17.08 12.53 7.42
C6N NAD J . 17.31 12.86 8.82
C1 GOL K . 18.50 6.37 -10.32
O1 GOL K . 18.45 5.84 -11.63
C2 GOL K . 19.78 5.92 -9.65
O2 GOL K . 20.55 5.23 -10.60
C3 GOL K . 20.55 7.15 -9.15
O3 GOL K . 21.67 6.74 -8.39
C1 GOL L . 5.90 13.27 -16.81
O1 GOL L . 6.76 12.35 -17.46
C2 GOL L . 6.65 14.51 -16.34
O2 GOL L . 7.69 14.84 -17.25
C3 GOL L . 5.67 15.66 -16.19
O3 GOL L . 6.30 16.91 -16.39
C1 GOL M . 33.26 22.48 -2.66
O1 GOL M . 33.03 21.27 -3.34
C2 GOL M . 31.95 23.14 -2.23
O2 GOL M . 31.34 23.79 -3.34
C3 GOL M . 32.20 24.15 -1.12
O3 GOL M . 32.49 23.49 0.10
C1 GOL N . 18.11 -14.59 4.30
O1 GOL N . 17.13 -14.22 5.25
C2 GOL N . 17.39 -15.27 3.14
O2 GOL N . 16.09 -14.73 3.08
C3 GOL N . 18.14 -15.04 1.83
O3 GOL N . 18.19 -16.27 1.13
C1 GOL O . 0.96 22.13 6.42
O1 GOL O . 0.79 23.23 5.53
C2 GOL O . 0.01 22.32 7.62
O2 GOL O . -1.00 23.25 7.32
C3 GOL O . -0.62 21.00 8.05
O3 GOL O . 0.19 20.38 9.02
PA NAD P . 3.49 -10.29 -17.52
O1A NAD P . 2.22 -9.55 -17.87
O2A NAD P . 4.40 -9.45 -16.65
O5B NAD P . 4.27 -10.65 -18.87
C5B NAD P . 3.58 -11.02 -20.07
C4B NAD P . 4.38 -10.45 -21.22
O4B NAD P . 4.09 -11.17 -22.41
C3B NAD P . 4.00 -9.00 -21.47
O3B NAD P . 5.20 -8.27 -21.77
C2B NAD P . 3.15 -9.03 -22.72
O2B NAD P . 3.34 -7.85 -23.50
C1B NAD P . 3.71 -10.26 -23.44
N9A NAD P . 2.70 -10.93 -24.27
C8A NAD P . 1.41 -11.17 -23.93
N7A NAD P . 0.76 -11.84 -24.92
C5A NAD P . 1.65 -12.05 -25.92
C6A NAD P . 1.63 -12.68 -27.25
N6A NAD P . 0.52 -13.26 -27.73
N1A NAD P . 2.78 -12.68 -27.97
C2A NAD P . 3.91 -12.11 -27.50
N3A NAD P . 3.99 -11.50 -26.30
C4A NAD P . 2.92 -11.45 -25.48
O3 NAD P . 3.10 -11.62 -16.72
PN NAD P . 4.19 -12.43 -15.85
O1N NAD P . 3.98 -12.08 -14.40
O2N NAD P . 5.59 -12.14 -16.32
O5D NAD P . 3.92 -13.99 -16.07
C5D NAD P . 4.01 -14.57 -17.38
C4D NAD P . 3.75 -16.05 -17.30
O4D NAD P . 4.51 -16.61 -16.22
C3D NAD P . 2.29 -16.35 -16.96
O3D NAD P . 1.92 -17.60 -17.58
C2D NAD P . 2.30 -16.48 -15.45
O2D NAD P . 1.19 -17.27 -15.01
C1D NAD P . 3.63 -17.17 -15.23
N1N NAD P . 4.19 -17.00 -13.90
C2N NAD P . 4.14 -15.80 -13.28
C3N NAD P . 4.68 -15.62 -12.01
C7N NAD P . 4.64 -14.29 -11.32
O7N NAD P . 4.63 -14.28 -10.09
N7N NAD P . 4.64 -13.17 -12.04
C4N NAD P . 5.29 -16.68 -11.36
C5N NAD P . 5.38 -17.93 -11.96
C6N NAD P . 4.83 -18.17 -13.28
C1 GOL Q . -11.76 -18.28 -5.57
O1 GOL Q . -12.76 -17.34 -5.25
C2 GOL Q . -12.00 -19.56 -4.75
O2 GOL Q . -13.30 -19.58 -4.21
C3 GOL Q . -10.95 -19.69 -3.65
O3 GOL Q . -11.12 -20.95 -3.04
C1 GOL R . 7.75 -23.19 16.89
O1 GOL R . 6.92 -23.58 15.80
C2 GOL R . 9.11 -23.87 16.75
O2 GOL R . 9.59 -23.76 15.43
C3 GOL R . 10.11 -23.29 17.74
O3 GOL R . 10.98 -24.34 18.13
PA NAD S . -12.26 2.39 -16.29
O1A NAD S . -11.18 1.49 -16.85
O2A NAD S . -12.55 2.07 -14.84
O5B NAD S . -13.63 2.15 -17.09
C5B NAD S . -13.71 2.13 -18.51
C4B NAD S . -14.85 1.20 -18.87
O4B NAD S . -15.19 1.32 -20.25
C3B NAD S . -14.47 -0.26 -18.64
O3B NAD S . -15.57 -0.92 -17.99
C2B NAD S . -14.32 -0.86 -20.02
O2B NAD S . -14.82 -2.20 -19.99
C1B NAD S . -15.24 0.02 -20.85
N9A NAD S . -14.80 0.14 -22.27
C8A NAD S . -13.54 0.31 -22.73
N7A NAD S . -13.52 0.39 -24.08
C5A NAD S . -14.80 0.28 -24.51
C6A NAD S . -15.50 0.27 -25.81
N6A NAD S . -14.82 0.42 -26.98
N1A NAD S . -16.85 0.13 -25.80
C2A NAD S . -17.54 -0.02 -24.66
N3A NAD S . -16.97 -0.02 -23.45
C4A NAD S . -15.63 0.11 -23.30
O3 NAD S . -11.76 3.90 -16.42
PN NAD S . -12.44 5.11 -15.63
O1N NAD S . -11.58 5.46 -14.43
O2N NAD S . -13.86 4.84 -15.20
O5D NAD S . -12.48 6.37 -16.63
C5D NAD S . -13.38 6.43 -17.74
C4D NAD S . -13.22 7.80 -18.40
O4D NAD S . -13.46 8.80 -17.40
C3D NAD S . -11.80 8.02 -18.88
O3D NAD S . -11.84 8.82 -20.08
C2D NAD S . -11.14 8.77 -17.73
O2D NAD S . -10.07 9.61 -18.16
C1D NAD S . -12.29 9.61 -17.22
N1N NAD S . -12.11 10.06 -15.83
C2N NAD S . -11.63 9.22 -14.88
C3N NAD S . -11.46 9.65 -13.57
C7N NAD S . -10.94 8.73 -12.49
O7N NAD S . -10.35 9.20 -11.54
N7N NAD S . -11.16 7.42 -12.61
C4N NAD S . -11.78 10.95 -13.22
C5N NAD S . -12.27 11.85 -14.15
C6N NAD S . -12.48 11.45 -15.54
C1 GOL T . -22.99 -6.70 4.50
O1 GOL T . -22.95 -7.32 5.78
C2 GOL T . -21.66 -6.91 3.82
O2 GOL T . -20.77 -7.51 4.73
C3 GOL T . -21.83 -7.85 2.64
O3 GOL T . -20.55 -8.23 2.20
#